data_6CL5
#
_entry.id   6CL5
#
_cell.length_a   144.504
_cell.length_b   155.031
_cell.length_c   200.481
_cell.angle_alpha   90.00
_cell.angle_beta   90.00
_cell.angle_gamma   90.00
#
_symmetry.space_group_name_H-M   'P 21 21 21'
#
loop_
_entity.id
_entity.type
_entity.pdbx_description
1 polymer 'Tail fiber protein'
2 non-polymer 'FE (III) ION'
3 non-polymer 'MAGNESIUM ION'
4 non-polymer 'SODIUM ION'
5 water water
#
_entity_poly.entity_id   1
_entity_poly.type   'polypeptide(L)'
_entity_poly.pdbx_seq_one_letter_code
;SGSEFVTAGMALAATDIPGLDASKLVSGVLAEQRLPVFARGLATAVSNSSDPNTATVPLMLTNHANGPVAGRYFYIQSMF
YPDQNGNASQIATSYNATSEMYVRVSYAANPSIREWLPWQRCDIGGSFTKTTDGSIGNGVNINSFVNSGWWLQSTSEWAA
GGANYPVGLAGLLIVYRAHADHIYQTYVTLNGSTYSRCCYAGSWRPWRQNWDDGNFDPASYLPKAGFTWAALPGKPATFP
PSGHNHDTSQITSGILPLARGGLGANTAAGARNNIGAGVPATASRALNGWWKDNDTGLIVQWMQVNVGDHPGGIIDRTLT
FPIAFPSACLHVVPTVKEVGRPATSASTVTVADVSVSNTGCVIVSSEYYGLAQNYGIRVMAIGY
;
_entity_poly.pdbx_strand_id   A,B,C,D,E,F
#
loop_
_chem_comp.id
_chem_comp.type
_chem_comp.name
_chem_comp.formula
FE non-polymer 'FE (III) ION' 'Fe 3'
MG non-polymer 'MAGNESIUM ION' 'Mg 2'
NA non-polymer 'SODIUM ION' 'Na 1'
#
# COMPACT_ATOMS: atom_id res chain seq x y z
N ALA A 11 97.31 -40.46 58.13
CA ALA A 11 96.34 -39.55 57.55
C ALA A 11 95.83 -40.09 56.22
N LEU A 12 94.50 -40.16 56.09
CA LEU A 12 93.92 -40.69 54.87
C LEU A 12 94.09 -39.72 53.71
N ALA A 13 94.49 -40.25 52.57
CA ALA A 13 94.54 -39.49 51.33
C ALA A 13 93.22 -39.62 50.59
N ALA A 14 92.89 -38.58 49.81
CA ALA A 14 91.70 -38.64 48.98
C ALA A 14 91.73 -39.86 48.06
N THR A 15 92.91 -40.20 47.54
CA THR A 15 93.05 -41.34 46.65
C THR A 15 92.75 -42.65 47.36
N ASP A 16 92.74 -42.66 48.69
CA ASP A 16 92.37 -43.84 49.47
C ASP A 16 90.87 -43.94 49.69
N ILE A 17 90.10 -42.90 49.35
CA ILE A 17 88.66 -42.90 49.56
C ILE A 17 87.99 -43.53 48.35
N PRO A 18 87.10 -44.51 48.52
CA PRO A 18 86.44 -45.12 47.38
C PRO A 18 85.37 -44.21 46.80
N GLY A 19 85.01 -44.51 45.56
CA GLY A 19 83.89 -43.82 44.92
C GLY A 19 82.68 -43.84 45.81
N LEU A 20 82.04 -42.69 46.00
CA LEU A 20 80.95 -42.54 46.93
C LEU A 20 79.63 -42.31 46.19
N ASP A 21 78.56 -42.76 46.80
CA ASP A 21 77.22 -42.45 46.31
C ASP A 21 76.78 -41.09 46.84
N ALA A 22 75.93 -40.42 46.05
CA ALA A 22 75.47 -39.09 46.43
C ALA A 22 74.82 -39.08 47.81
N SER A 23 74.28 -40.22 48.25
CA SER A 23 73.65 -40.31 49.56
C SER A 23 74.64 -40.09 50.70
N LYS A 24 75.95 -40.15 50.44
CA LYS A 24 76.92 -39.88 51.49
C LYS A 24 76.88 -38.43 51.96
N LEU A 25 76.41 -37.50 51.13
CA LEU A 25 76.30 -36.11 51.54
C LEU A 25 75.01 -35.93 52.33
N VAL A 26 75.13 -36.00 53.66
CA VAL A 26 73.96 -36.03 54.53
C VAL A 26 73.58 -34.65 55.08
N SER A 27 74.38 -33.62 54.85
CA SER A 27 74.10 -32.32 55.42
C SER A 27 74.81 -31.25 54.61
N GLY A 28 74.48 -30.01 54.92
CA GLY A 28 75.16 -28.87 54.33
C GLY A 28 74.59 -28.50 52.97
N VAL A 29 74.98 -27.31 52.51
CA VAL A 29 74.59 -26.78 51.21
C VAL A 29 75.86 -26.64 50.37
N LEU A 30 75.85 -27.25 49.20
CA LEU A 30 77.01 -27.15 48.31
C LEU A 30 77.31 -25.71 47.94
N ALA A 31 78.59 -25.37 47.94
CA ALA A 31 79.04 -24.15 47.31
C ALA A 31 78.68 -24.21 45.83
N GLU A 32 78.13 -23.11 45.31
CA GLU A 32 77.58 -23.17 43.96
C GLU A 32 78.63 -23.43 42.91
N GLN A 33 79.91 -23.19 43.21
CA GLN A 33 80.96 -23.53 42.27
C GLN A 33 81.03 -25.03 42.01
N ARG A 34 80.47 -25.85 42.90
CA ARG A 34 80.41 -27.29 42.66
C ARG A 34 79.36 -27.66 41.62
N LEU A 35 78.41 -26.72 41.29
CA LEU A 35 77.32 -27.05 40.38
C LEU A 35 77.71 -26.83 38.92
N PRO A 36 77.18 -27.64 38.00
CA PRO A 36 77.26 -27.28 36.58
C PRO A 36 76.77 -25.86 36.38
N VAL A 37 77.38 -25.17 35.40
CA VAL A 37 77.20 -23.73 35.30
C VAL A 37 75.75 -23.37 35.05
N PHE A 38 75.03 -24.18 34.26
CA PHE A 38 73.66 -23.81 33.92
C PHE A 38 72.76 -23.77 35.14
N ALA A 39 73.08 -24.56 36.17
CA ALA A 39 72.31 -24.50 37.41
C ALA A 39 72.64 -23.28 38.24
N ARG A 40 73.63 -22.50 37.85
CA ARG A 40 73.97 -21.25 38.51
C ARG A 40 73.42 -20.05 37.76
N GLY A 41 72.60 -20.26 36.74
CA GLY A 41 72.15 -19.18 35.89
C GLY A 41 73.16 -18.73 34.86
N LEU A 42 74.30 -19.41 34.75
CA LEU A 42 75.34 -19.04 33.80
C LEU A 42 75.09 -19.72 32.45
N ALA A 43 75.02 -18.91 31.40
CA ALA A 43 74.77 -19.40 30.05
C ALA A 43 76.08 -19.69 29.32
N THR A 44 76.96 -20.45 29.99
CA THR A 44 78.32 -20.69 29.51
C THR A 44 78.63 -22.17 29.30
N ALA A 45 77.63 -23.04 29.34
CA ALA A 45 77.91 -24.47 29.25
C ALA A 45 78.34 -24.87 27.84
N VAL A 46 77.90 -24.15 26.82
CA VAL A 46 78.20 -24.51 25.44
C VAL A 46 78.64 -23.26 24.69
N SER A 47 79.25 -23.47 23.52
CA SER A 47 79.68 -22.36 22.70
C SER A 47 78.50 -21.49 22.33
N ASN A 48 78.76 -20.21 22.12
CA ASN A 48 77.69 -19.25 21.91
C ASN A 48 77.19 -19.21 20.48
N SER A 49 77.54 -20.21 19.66
CA SER A 49 76.90 -20.42 18.38
C SER A 49 76.24 -21.79 18.30
N SER A 50 76.07 -22.47 19.43
CA SER A 50 75.52 -23.83 19.44
C SER A 50 74.11 -23.85 18.89
N ASP A 51 73.77 -24.94 18.21
CA ASP A 51 72.45 -25.12 17.62
C ASP A 51 71.44 -25.45 18.70
N PRO A 52 70.42 -24.60 18.93
CA PRO A 52 69.41 -24.93 19.95
C PRO A 52 68.54 -26.11 19.56
N ASN A 53 68.49 -26.49 18.28
CA ASN A 53 67.72 -27.67 17.89
C ASN A 53 68.28 -28.92 18.54
N THR A 54 69.58 -28.95 18.81
CA THR A 54 70.24 -30.09 19.42
C THR A 54 70.53 -29.86 20.90
N ALA A 55 69.83 -28.90 21.52
CA ALA A 55 70.11 -28.58 22.92
C ALA A 55 69.97 -29.81 23.79
N THR A 56 70.98 -30.05 24.65
CA THR A 56 70.88 -31.02 25.72
C THR A 56 71.11 -30.40 27.10
N VAL A 57 71.35 -29.10 27.18
CA VAL A 57 71.53 -28.40 28.45
C VAL A 57 70.35 -27.46 28.65
N PRO A 58 69.95 -27.20 29.90
CA PRO A 58 68.76 -26.35 30.13
C PRO A 58 69.00 -24.86 29.89
N LEU A 59 70.23 -24.42 29.67
CA LEU A 59 70.50 -23.01 29.46
C LEU A 59 71.68 -22.82 28.53
N MET A 60 71.52 -21.96 27.54
CA MET A 60 72.59 -21.59 26.64
C MET A 60 72.36 -20.16 26.17
N LEU A 61 73.39 -19.60 25.54
CA LEU A 61 73.33 -18.30 24.88
C LEU A 61 73.83 -18.50 23.46
N THR A 62 73.01 -18.20 22.46
CA THR A 62 73.41 -18.48 21.08
C THR A 62 72.76 -17.52 20.11
N ASN A 63 73.47 -17.25 19.02
CA ASN A 63 72.95 -16.55 17.86
C ASN A 63 72.80 -17.47 16.65
N HIS A 64 72.67 -18.77 16.90
CA HIS A 64 72.51 -19.72 15.81
C HIS A 64 71.23 -19.42 15.04
N ALA A 65 71.25 -19.74 13.74
CA ALA A 65 70.12 -19.43 12.86
C ALA A 65 68.82 -20.03 13.37
N ASN A 66 68.88 -21.14 14.10
CA ASN A 66 67.66 -21.80 14.58
C ASN A 66 67.04 -21.12 15.78
N GLY A 67 67.65 -20.03 16.28
CA GLY A 67 67.01 -19.19 17.25
C GLY A 67 65.88 -18.40 16.63
N PRO A 68 65.25 -17.55 17.44
CA PRO A 68 64.02 -16.87 16.98
C PRO A 68 64.22 -15.70 16.04
N VAL A 69 65.36 -15.00 16.09
CA VAL A 69 65.55 -13.79 15.28
C VAL A 69 66.95 -13.80 14.67
N ALA A 70 67.01 -13.90 13.34
CA ALA A 70 68.29 -14.08 12.66
C ALA A 70 69.27 -12.99 13.04
N GLY A 71 70.52 -13.40 13.31
CA GLY A 71 71.59 -12.50 13.62
C GLY A 71 71.66 -12.05 15.06
N ARG A 72 70.67 -12.39 15.88
CA ARG A 72 70.60 -11.91 17.24
C ARG A 72 70.92 -13.05 18.21
N TYR A 73 71.56 -12.69 19.32
CA TYR A 73 71.78 -13.63 20.40
C TYR A 73 70.53 -13.73 21.27
N PHE A 74 70.26 -14.92 21.78
CA PHE A 74 69.18 -15.15 22.72
C PHE A 74 69.64 -16.14 23.78
N TYR A 75 69.27 -15.86 25.03
CA TYR A 75 69.30 -16.90 26.06
C TYR A 75 68.18 -17.89 25.77
N ILE A 76 68.52 -19.18 25.74
CA ILE A 76 67.55 -20.22 25.44
C ILE A 76 67.52 -21.20 26.59
N GLN A 77 66.39 -21.22 27.30
CA GLN A 77 66.11 -22.24 28.31
C GLN A 77 65.47 -23.45 27.65
N SER A 78 65.83 -24.65 28.12
CA SER A 78 65.25 -25.89 27.62
C SER A 78 64.73 -26.71 28.78
N MET A 79 63.56 -27.31 28.58
CA MET A 79 62.97 -28.28 29.49
C MET A 79 62.72 -29.54 28.69
N PHE A 80 63.08 -30.69 29.26
CA PHE A 80 63.20 -31.92 28.50
C PHE A 80 62.28 -33.01 29.05
N TYR A 81 61.91 -33.92 28.16
CA TYR A 81 61.22 -35.14 28.56
C TYR A 81 61.30 -36.14 27.40
N PRO A 82 61.63 -37.43 27.67
CA PRO A 82 61.93 -38.06 28.97
C PRO A 82 63.40 -37.94 29.40
N ASP A 83 64.27 -37.53 28.49
CA ASP A 83 65.66 -37.27 28.80
C ASP A 83 66.12 -36.07 27.98
N GLN A 84 67.39 -35.68 28.16
CA GLN A 84 67.89 -34.46 27.57
C GLN A 84 68.06 -34.54 26.06
N ASN A 85 67.87 -35.72 25.47
CA ASN A 85 67.87 -35.87 24.02
C ASN A 85 66.46 -35.86 23.42
N GLY A 86 65.43 -35.82 24.24
CA GLY A 86 64.08 -36.09 23.79
C GLY A 86 63.28 -34.84 23.48
N ASN A 87 61.97 -34.92 23.74
CA ASN A 87 61.11 -33.77 23.54
C ASN A 87 61.56 -32.61 24.41
N ALA A 88 61.19 -31.39 24.00
CA ALA A 88 61.66 -30.22 24.72
C ALA A 88 60.77 -29.01 24.47
N SER A 89 60.66 -28.18 25.50
CA SER A 89 60.11 -26.83 25.40
C SER A 89 61.24 -25.83 25.58
N GLN A 90 61.22 -24.75 24.80
CA GLN A 90 62.28 -23.76 24.87
C GLN A 90 61.71 -22.35 25.00
N ILE A 91 62.32 -21.57 25.87
CA ILE A 91 61.99 -20.16 26.07
C ILE A 91 63.22 -19.36 25.70
N ALA A 92 63.08 -18.47 24.73
CA ALA A 92 64.18 -17.63 24.27
C ALA A 92 63.94 -16.20 24.73
N THR A 93 64.96 -15.58 25.32
CA THR A 93 64.89 -14.18 25.70
C THR A 93 66.11 -13.45 25.14
N SER A 94 65.88 -12.19 24.80
CA SER A 94 66.86 -11.42 24.04
C SER A 94 68.10 -11.10 24.88
N TYR A 95 69.22 -10.96 24.18
CA TYR A 95 70.52 -10.67 24.76
C TYR A 95 70.89 -9.19 24.75
N ASN A 96 70.30 -8.40 23.85
CA ASN A 96 70.67 -7.00 23.68
C ASN A 96 69.63 -6.31 22.81
N ALA A 97 69.72 -4.97 22.77
CA ALA A 97 68.97 -4.12 21.84
C ALA A 97 67.50 -3.95 22.22
N THR A 98 66.79 -5.05 22.42
CA THR A 98 65.40 -5.03 22.80
C THR A 98 65.14 -6.10 23.87
N SER A 99 63.99 -5.98 24.51
CA SER A 99 63.52 -6.99 25.47
C SER A 99 62.42 -7.81 24.78
N GLU A 100 62.74 -9.05 24.42
CA GLU A 100 61.82 -9.90 23.69
C GLU A 100 61.84 -11.30 24.25
N MET A 101 60.74 -12.02 24.06
CA MET A 101 60.58 -13.39 24.54
C MET A 101 59.91 -14.23 23.47
N TYR A 102 60.34 -15.49 23.34
CA TYR A 102 59.76 -16.42 22.38
C TYR A 102 59.70 -17.81 23.01
N VAL A 103 58.82 -18.66 22.45
CA VAL A 103 58.66 -20.02 22.92
C VAL A 103 58.46 -20.95 21.73
N ARG A 104 58.95 -22.18 21.85
CA ARG A 104 58.74 -23.21 20.85
C ARG A 104 58.79 -24.57 21.54
N VAL A 105 58.69 -25.63 20.75
CA VAL A 105 58.55 -26.99 21.30
C VAL A 105 58.98 -28.00 20.25
N SER A 106 59.49 -29.13 20.73
CA SER A 106 59.76 -30.29 19.88
C SER A 106 59.02 -31.48 20.46
N TYR A 107 58.30 -32.20 19.59
CA TYR A 107 57.60 -33.40 19.98
C TYR A 107 57.58 -34.37 18.81
N ALA A 108 57.80 -35.66 19.11
CA ALA A 108 57.72 -36.72 18.13
C ALA A 108 57.55 -38.04 18.87
N ALA A 109 56.96 -39.02 18.18
CA ALA A 109 56.77 -40.34 18.78
C ALA A 109 58.09 -40.89 19.30
N ASN A 110 59.13 -40.82 18.48
CA ASN A 110 60.49 -41.05 18.94
C ASN A 110 61.06 -39.69 19.37
N PRO A 111 61.05 -39.38 20.66
CA PRO A 111 61.43 -38.02 21.08
C PRO A 111 62.82 -37.60 20.68
N SER A 112 63.74 -38.54 20.46
CA SER A 112 65.11 -38.21 20.11
C SER A 112 65.27 -37.79 18.65
N ILE A 113 64.27 -38.00 17.81
CA ILE A 113 64.28 -37.51 16.43
C ILE A 113 63.34 -36.30 16.45
N ARG A 114 63.90 -35.14 16.74
CA ARG A 114 63.09 -33.99 17.10
C ARG A 114 62.37 -33.42 15.89
N GLU A 115 61.21 -32.82 16.17
CA GLU A 115 60.41 -32.11 15.17
C GLU A 115 60.01 -30.78 15.82
N TRP A 116 60.75 -29.73 15.50
CA TRP A 116 60.54 -28.44 16.16
C TRP A 116 59.40 -27.68 15.50
N LEU A 117 58.56 -27.09 16.32
CA LEU A 117 57.56 -26.15 15.82
C LEU A 117 58.16 -24.75 15.76
N PRO A 118 57.55 -23.85 14.98
CA PRO A 118 58.08 -22.50 14.84
C PRO A 118 58.07 -21.74 16.16
N TRP A 119 59.03 -20.83 16.31
CA TRP A 119 59.04 -19.94 17.45
C TRP A 119 57.78 -19.07 17.46
N GLN A 120 57.15 -18.97 18.62
CA GLN A 120 56.03 -18.07 18.85
C GLN A 120 56.46 -16.95 19.80
N ARG A 121 56.05 -15.73 19.49
CA ARG A 121 56.45 -14.58 20.31
C ARG A 121 55.54 -14.45 21.53
N CYS A 122 56.11 -13.91 22.61
CA CYS A 122 55.41 -13.76 23.87
C CYS A 122 55.34 -12.33 24.38
N ASP A 123 56.30 -11.47 24.06
CA ASP A 123 56.19 -10.09 24.50
C ASP A 123 55.21 -9.33 23.62
N ILE A 124 54.56 -8.33 24.21
CA ILE A 124 53.45 -7.65 23.56
C ILE A 124 53.94 -6.75 22.43
N GLY A 125 55.26 -6.69 22.26
CA GLY A 125 55.83 -6.01 21.11
C GLY A 125 55.29 -6.54 19.80
N GLY A 126 54.80 -7.77 19.79
CA GLY A 126 54.24 -8.35 18.60
C GLY A 126 52.75 -8.18 18.45
N SER A 127 52.12 -7.37 19.31
CA SER A 127 50.67 -7.29 19.39
C SER A 127 50.21 -5.85 19.31
N PHE A 128 48.94 -5.67 18.96
CA PHE A 128 48.25 -4.41 19.23
C PHE A 128 48.06 -4.30 20.73
N THR A 129 48.62 -3.27 21.33
CA THR A 129 48.62 -3.14 22.78
C THR A 129 47.58 -2.13 23.22
N LYS A 130 47.24 -2.20 24.51
CA LYS A 130 46.27 -1.28 25.06
C LYS A 130 46.86 0.10 25.33
N THR A 131 48.17 0.24 25.25
CA THR A 131 48.82 1.54 25.24
C THR A 131 49.18 1.88 23.80
N THR A 132 49.08 3.16 23.47
CA THR A 132 49.40 3.58 22.12
C THR A 132 50.87 3.34 21.81
N ASP A 133 51.16 3.19 20.51
CA ASP A 133 52.53 3.05 20.06
C ASP A 133 53.30 4.37 20.10
N GLY A 134 52.62 5.51 20.18
CA GLY A 134 53.32 6.77 20.34
C GLY A 134 52.47 7.96 19.96
N SER A 135 52.95 9.14 20.36
CA SER A 135 52.36 10.42 20.00
C SER A 135 53.21 11.06 18.91
N ILE A 136 52.54 11.52 17.85
CA ILE A 136 53.22 12.09 16.69
C ILE A 136 53.37 13.59 16.86
N GLY A 137 54.56 14.10 16.58
CA GLY A 137 54.83 15.53 16.60
C GLY A 137 54.48 16.20 15.30
N ASN A 138 55.02 17.40 15.14
CA ASN A 138 54.79 18.18 13.92
C ASN A 138 55.77 17.75 12.83
N GLY A 139 55.45 18.13 11.59
CA GLY A 139 56.34 17.90 10.48
C GLY A 139 56.52 16.45 10.07
N VAL A 140 55.60 15.56 10.45
CA VAL A 140 55.75 14.13 10.20
C VAL A 140 54.95 13.73 8.98
N ASN A 141 55.56 12.92 8.12
CA ASN A 141 54.91 12.37 6.94
C ASN A 141 54.33 10.99 7.27
N ILE A 142 53.01 10.88 7.18
CA ILE A 142 52.32 9.64 7.56
C ILE A 142 52.59 8.50 6.58
N ASN A 143 53.19 8.78 5.42
CA ASN A 143 53.61 7.71 4.53
C ASN A 143 54.68 6.83 5.16
N SER A 144 55.39 7.33 6.16
CA SER A 144 56.40 6.52 6.81
C SER A 144 55.82 5.55 7.82
N PHE A 145 54.50 5.59 8.07
CA PHE A 145 53.88 4.70 9.06
C PHE A 145 53.41 3.44 8.34
N VAL A 146 54.38 2.53 8.13
CA VAL A 146 54.18 1.32 7.35
C VAL A 146 54.15 0.07 8.24
N ASN A 147 54.13 0.25 9.56
CA ASN A 147 54.11 -0.88 10.48
C ASN A 147 52.81 -0.85 11.28
N SER A 148 52.33 -2.05 11.62
CA SER A 148 51.05 -2.16 12.31
C SER A 148 51.13 -1.50 13.68
N GLY A 149 50.04 -0.88 14.08
CA GLY A 149 49.97 -0.21 15.37
C GLY A 149 48.95 0.90 15.33
N TRP A 150 48.91 1.67 16.41
CA TRP A 150 48.06 2.84 16.47
C TRP A 150 48.77 3.97 17.18
N TRP A 151 48.66 5.18 16.62
CA TRP A 151 49.39 6.35 17.07
C TRP A 151 48.43 7.51 17.29
N LEU A 152 48.87 8.47 18.10
CA LEU A 152 48.08 9.63 18.47
C LEU A 152 48.63 10.88 17.81
N GLN A 153 47.76 11.63 17.14
CA GLN A 153 48.06 13.00 16.75
C GLN A 153 47.21 13.89 17.65
N SER A 154 47.85 14.50 18.64
CA SER A 154 47.15 15.26 19.67
C SER A 154 46.73 16.65 19.20
N THR A 155 47.32 17.16 18.12
CA THR A 155 47.30 18.59 17.81
C THR A 155 46.95 18.78 16.36
N SER A 156 45.85 19.50 16.10
CA SER A 156 45.41 19.74 14.73
C SER A 156 46.48 20.48 13.93
N GLU A 157 47.15 21.45 14.57
CA GLU A 157 48.22 22.19 13.91
C GLU A 157 49.32 21.26 13.44
N TRP A 158 49.60 20.20 14.19
CA TRP A 158 50.68 19.29 13.81
C TRP A 158 50.28 18.38 12.66
N ALA A 159 48.99 18.09 12.51
CA ALA A 159 48.52 17.38 11.33
C ALA A 159 48.65 18.26 10.09
N ALA A 160 48.21 19.52 10.20
CA ALA A 160 48.38 20.46 9.11
C ALA A 160 49.85 20.66 8.77
N GLY A 161 50.70 20.72 9.78
CA GLY A 161 52.13 20.90 9.59
C GLY A 161 52.88 19.67 9.16
N GLY A 162 52.23 18.52 9.08
CA GLY A 162 52.86 17.30 8.62
C GLY A 162 52.68 17.11 7.13
N ALA A 163 52.63 15.84 6.73
CA ALA A 163 52.39 15.49 5.34
C ALA A 163 51.57 14.20 5.29
N ASN A 164 50.67 14.14 4.29
CA ASN A 164 49.84 12.97 3.99
C ASN A 164 48.84 12.62 5.08
N TYR A 165 48.53 13.57 5.98
CA TYR A 165 47.32 13.45 6.76
C TYR A 165 46.10 13.66 5.87
N PRO A 166 44.97 13.00 6.17
CA PRO A 166 43.76 13.25 5.37
C PRO A 166 43.17 14.62 5.61
N VAL A 167 43.41 15.21 6.78
CA VAL A 167 42.82 16.51 7.13
C VAL A 167 43.66 17.09 8.25
N GLY A 168 43.68 18.42 8.34
CA GLY A 168 44.49 19.10 9.33
C GLY A 168 43.86 19.13 10.71
N LEU A 169 43.56 17.95 11.25
CA LEU A 169 42.90 17.84 12.55
C LEU A 169 43.59 16.78 13.41
N ALA A 170 43.57 17.01 14.71
CA ALA A 170 43.99 15.98 15.65
C ALA A 170 43.16 14.72 15.41
N GLY A 171 43.76 13.58 15.71
CA GLY A 171 43.06 12.33 15.46
C GLY A 171 43.89 11.12 15.86
N LEU A 172 43.36 9.96 15.51
CA LEU A 172 43.94 8.67 15.83
C LEU A 172 44.29 7.95 14.54
N LEU A 173 45.53 7.47 14.46
CA LEU A 173 46.02 6.77 13.28
C LEU A 173 46.17 5.29 13.60
N ILE A 174 45.51 4.44 12.81
CA ILE A 174 45.58 2.99 12.99
C ILE A 174 46.13 2.38 11.71
N VAL A 175 47.12 1.51 11.84
CA VAL A 175 47.83 0.95 10.69
C VAL A 175 47.78 -0.56 10.75
N TYR A 176 47.49 -1.18 9.60
CA TYR A 176 47.54 -2.63 9.44
C TYR A 176 48.53 -2.94 8.34
N ARG A 177 49.71 -3.44 8.71
CA ARG A 177 50.69 -3.91 7.74
C ARG A 177 50.46 -5.39 7.50
N ALA A 178 49.56 -5.69 6.57
CA ALA A 178 49.32 -7.09 6.21
C ALA A 178 50.49 -7.69 5.46
N HIS A 179 51.22 -6.86 4.73
CA HIS A 179 52.30 -7.29 3.84
C HIS A 179 52.91 -6.03 3.26
N ALA A 180 54.16 -6.14 2.80
CA ALA A 180 54.82 -4.97 2.22
C ALA A 180 53.99 -4.35 1.10
N ASP A 181 53.18 -5.16 0.42
CA ASP A 181 52.35 -4.69 -0.68
C ASP A 181 50.93 -4.38 -0.25
N HIS A 182 50.62 -4.50 1.04
CA HIS A 182 49.25 -4.33 1.52
C HIS A 182 49.31 -3.69 2.90
N ILE A 183 49.23 -2.36 2.94
CA ILE A 183 49.29 -1.59 4.17
C ILE A 183 48.05 -0.71 4.23
N TYR A 184 47.27 -0.86 5.30
CA TYR A 184 46.02 -0.14 5.47
C TYR A 184 46.14 0.85 6.61
N GLN A 185 45.65 2.07 6.39
CA GLN A 185 45.66 3.12 7.40
C GLN A 185 44.25 3.65 7.59
N THR A 186 43.91 3.93 8.85
CA THR A 186 42.64 4.55 9.21
C THR A 186 42.94 5.75 10.09
N TYR A 187 42.24 6.86 9.83
CA TYR A 187 42.40 8.07 10.62
C TYR A 187 41.04 8.51 11.13
N VAL A 188 40.94 8.68 12.45
CA VAL A 188 39.71 9.09 13.10
C VAL A 188 39.99 10.42 13.79
N THR A 189 39.34 11.48 13.34
CA THR A 189 39.59 12.80 13.89
C THR A 189 38.96 12.93 15.27
N LEU A 190 39.41 13.94 16.02
CA LEU A 190 38.85 14.21 17.33
C LEU A 190 37.36 14.52 17.27
N ASN A 191 36.80 14.82 16.10
CA ASN A 191 35.38 15.07 15.94
C ASN A 191 34.60 13.84 15.47
N GLY A 192 35.26 12.70 15.28
CA GLY A 192 34.59 11.47 14.96
C GLY A 192 34.48 11.14 13.49
N SER A 193 35.23 11.82 12.63
CA SER A 193 35.20 11.54 11.20
C SER A 193 36.30 10.57 10.83
N THR A 194 35.97 9.64 9.94
CA THR A 194 36.86 8.55 9.58
C THR A 194 37.33 8.69 8.14
N TYR A 195 38.64 8.52 7.94
CA TYR A 195 39.26 8.43 6.62
C TYR A 195 40.05 7.13 6.55
N SER A 196 40.14 6.55 5.34
CA SER A 196 40.84 5.30 5.15
C SER A 196 41.62 5.34 3.84
N ARG A 197 42.79 4.72 3.84
CA ARG A 197 43.59 4.59 2.63
C ARG A 197 44.44 3.33 2.71
N CYS A 198 45.01 2.97 1.57
CA CYS A 198 45.80 1.76 1.44
C CYS A 198 47.02 2.02 0.57
N CYS A 199 48.17 1.49 1.00
CA CYS A 199 49.34 1.41 0.16
C CYS A 199 49.31 0.05 -0.51
N TYR A 200 49.09 0.04 -1.83
CA TYR A 200 48.87 -1.18 -2.58
C TYR A 200 50.05 -1.38 -3.53
N ALA A 201 50.82 -2.44 -3.30
CA ALA A 201 51.98 -2.75 -4.12
C ALA A 201 52.98 -1.59 -4.15
N GLY A 202 53.17 -0.97 -2.99
CA GLY A 202 54.16 0.08 -2.84
C GLY A 202 53.69 1.48 -3.18
N SER A 203 52.47 1.65 -3.67
CA SER A 203 51.96 2.95 -4.07
C SER A 203 50.76 3.32 -3.20
N TRP A 204 50.86 4.45 -2.51
CA TRP A 204 49.76 4.93 -1.70
C TRP A 204 48.61 5.37 -2.59
N ARG A 205 47.41 5.05 -2.15
CA ARG A 205 46.19 5.45 -2.83
C ARG A 205 45.49 6.55 -2.04
N PRO A 206 44.63 7.33 -2.69
CA PRO A 206 44.09 8.52 -2.03
C PRO A 206 43.30 8.18 -0.79
N TRP A 207 43.35 9.08 0.19
CA TRP A 207 42.50 8.96 1.37
C TRP A 207 41.03 8.99 0.95
N ARG A 208 40.25 8.09 1.53
CA ARG A 208 38.82 8.01 1.29
C ARG A 208 38.10 8.66 2.47
N GLN A 209 37.20 9.59 2.17
CA GLN A 209 36.50 10.36 3.18
C GLN A 209 35.08 9.85 3.32
N ASN A 210 34.72 9.39 4.52
CA ASN A 210 33.36 8.98 4.80
C ASN A 210 32.48 10.22 5.01
N TRP A 211 31.25 10.14 4.50
CA TRP A 211 30.28 11.17 4.78
C TRP A 211 29.63 10.90 6.12
N ASP A 212 29.50 11.94 6.93
CA ASP A 212 28.86 11.84 8.23
C ASP A 212 28.07 13.12 8.48
N ASP A 213 27.36 13.16 9.60
CA ASP A 213 26.51 14.30 9.93
C ASP A 213 27.31 15.55 10.24
N GLY A 214 28.64 15.48 10.22
CA GLY A 214 29.46 16.64 10.44
C GLY A 214 29.94 17.29 9.16
N ASN A 215 29.83 16.57 8.04
CA ASN A 215 30.24 17.10 6.74
C ASN A 215 29.15 17.01 5.68
N PHE A 216 27.94 16.58 6.04
CA PHE A 216 26.86 16.49 5.07
C PHE A 216 25.52 16.49 5.80
N ASP A 217 24.62 17.37 5.37
CA ASP A 217 23.28 17.45 5.93
C ASP A 217 22.26 17.32 4.81
N PRO A 218 21.58 16.18 4.66
CA PRO A 218 20.60 16.05 3.57
C PRO A 218 19.48 17.07 3.64
N ALA A 219 19.18 17.60 4.83
CA ALA A 219 18.12 18.59 4.96
C ALA A 219 18.39 19.84 4.14
N SER A 220 19.64 20.08 3.76
CA SER A 220 19.98 21.23 2.93
C SER A 220 19.70 20.99 1.45
N TYR A 221 19.44 19.75 1.06
CA TYR A 221 19.28 19.36 -0.34
C TYR A 221 17.82 19.04 -0.64
N LEU A 222 17.45 19.25 -1.91
CA LEU A 222 16.04 19.21 -2.31
C LEU A 222 15.61 17.78 -2.63
N PRO A 223 14.61 17.24 -1.94
CA PRO A 223 14.09 15.93 -2.34
C PRO A 223 13.44 15.98 -3.71
N LYS A 224 13.52 14.86 -4.43
CA LYS A 224 12.81 14.77 -5.70
C LYS A 224 11.35 15.17 -5.53
N ALA A 225 10.75 14.79 -4.40
CA ALA A 225 9.35 15.09 -4.15
C ALA A 225 9.07 16.59 -4.11
N GLY A 226 10.09 17.42 -3.86
CA GLY A 226 9.94 18.85 -3.80
C GLY A 226 10.20 19.59 -5.09
N PHE A 227 10.53 18.87 -6.16
CA PHE A 227 10.82 19.49 -7.46
C PHE A 227 9.53 19.58 -8.24
N THR A 228 8.76 20.64 -8.01
CA THR A 228 7.48 20.82 -8.68
C THR A 228 7.27 22.29 -9.01
N TRP A 229 6.50 22.54 -10.07
CA TRP A 229 6.12 23.89 -10.45
C TRP A 229 5.51 24.65 -9.28
N ALA A 230 4.61 23.99 -8.53
CA ALA A 230 3.93 24.66 -7.43
C ALA A 230 4.92 25.09 -6.36
N ALA A 231 5.96 24.29 -6.12
CA ALA A 231 6.92 24.58 -5.07
C ALA A 231 8.05 25.52 -5.50
N LEU A 232 8.29 25.65 -6.80
CA LEU A 232 9.37 26.50 -7.31
C LEU A 232 9.15 27.95 -6.93
N PRO A 233 10.02 28.56 -6.13
CA PRO A 233 9.83 29.96 -5.76
C PRO A 233 10.36 30.93 -6.82
N GLY A 234 9.81 32.15 -6.77
CA GLY A 234 10.24 33.21 -7.65
C GLY A 234 9.57 33.23 -9.01
N LYS A 235 8.49 32.49 -9.20
CA LYS A 235 7.81 32.49 -10.48
C LYS A 235 7.13 33.83 -10.71
N PRO A 236 7.25 34.40 -11.90
CA PRO A 236 6.62 35.71 -12.15
C PRO A 236 5.11 35.58 -12.28
N ALA A 237 4.43 36.70 -12.04
CA ALA A 237 2.98 36.73 -12.15
C ALA A 237 2.55 36.60 -13.61
N THR A 238 3.29 37.21 -14.52
CA THR A 238 2.99 37.17 -15.95
C THR A 238 4.25 36.78 -16.71
N PHE A 239 4.05 36.35 -17.95
CA PHE A 239 5.12 35.77 -18.75
C PHE A 239 5.17 36.41 -20.13
N PRO A 240 6.36 36.59 -20.70
CA PRO A 240 6.45 37.13 -22.06
C PRO A 240 5.72 36.24 -23.05
N PRO A 241 4.71 36.75 -23.75
CA PRO A 241 3.93 35.88 -24.64
C PRO A 241 4.61 35.66 -25.98
N SER A 242 4.39 34.46 -26.52
CA SER A 242 4.78 34.15 -27.88
C SER A 242 3.70 34.62 -28.85
N GLY A 243 4.01 34.52 -30.14
CA GLY A 243 3.07 35.01 -31.15
C GLY A 243 1.73 34.32 -31.04
N HIS A 244 0.66 35.11 -31.21
CA HIS A 244 -0.70 34.60 -31.17
C HIS A 244 -1.62 35.57 -31.89
N ASN A 245 -2.86 35.13 -32.10
CA ASN A 245 -3.87 35.93 -32.78
C ASN A 245 -5.04 36.18 -31.83
N HIS A 246 -5.91 37.11 -32.24
CA HIS A 246 -7.00 37.56 -31.39
C HIS A 246 -8.29 37.69 -32.20
N ASP A 247 -9.40 37.67 -31.48
CA ASP A 247 -10.71 38.02 -32.02
C ASP A 247 -11.07 39.42 -31.54
N THR A 248 -11.89 40.13 -32.33
CA THR A 248 -12.26 41.49 -31.97
C THR A 248 -12.88 41.56 -30.58
N SER A 249 -13.61 40.52 -30.17
CA SER A 249 -14.23 40.53 -28.86
C SER A 249 -13.21 40.61 -27.73
N GLN A 250 -11.96 40.20 -27.97
CA GLN A 250 -10.91 40.35 -26.97
C GLN A 250 -10.38 41.78 -26.88
N ILE A 251 -10.71 42.64 -27.85
CA ILE A 251 -10.43 44.07 -27.76
C ILE A 251 -11.59 44.68 -26.97
N THR A 252 -11.38 44.94 -25.68
CA THR A 252 -12.48 45.26 -24.76
C THR A 252 -12.46 46.70 -24.27
N SER A 253 -11.44 47.50 -24.63
CA SER A 253 -11.38 48.88 -24.19
C SER A 253 -10.61 49.70 -25.21
N GLY A 254 -10.79 51.01 -25.14
CA GLY A 254 -10.12 51.94 -26.01
C GLY A 254 -10.91 52.24 -27.29
N ILE A 255 -10.36 53.17 -28.07
CA ILE A 255 -10.95 53.59 -29.34
C ILE A 255 -9.85 53.56 -30.39
N LEU A 256 -10.02 52.71 -31.40
CA LEU A 256 -8.98 52.57 -32.42
C LEU A 256 -8.84 53.88 -33.20
N PRO A 257 -7.63 54.42 -33.33
CA PRO A 257 -7.47 55.70 -34.04
C PRO A 257 -7.43 55.51 -35.55
N LEU A 258 -7.41 56.64 -36.25
CA LEU A 258 -7.38 56.61 -37.72
C LEU A 258 -6.05 56.08 -38.24
N ALA A 259 -4.95 56.35 -37.54
CA ALA A 259 -3.65 55.86 -37.98
C ALA A 259 -3.62 54.34 -38.12
N ARG A 260 -4.46 53.64 -37.34
CA ARG A 260 -4.52 52.18 -37.39
C ARG A 260 -5.74 51.67 -38.14
N GLY A 261 -6.43 52.53 -38.88
CA GLY A 261 -7.63 52.13 -39.60
C GLY A 261 -8.91 52.23 -38.80
N GLY A 262 -8.91 52.96 -37.69
CA GLY A 262 -10.09 53.12 -36.87
C GLY A 262 -10.77 54.46 -37.12
N LEU A 263 -11.88 54.65 -36.40
CA LEU A 263 -12.68 55.87 -36.55
C LEU A 263 -12.23 57.01 -35.64
N GLY A 264 -11.37 56.73 -34.66
CA GLY A 264 -10.93 57.76 -33.74
C GLY A 264 -12.05 58.29 -32.86
N ALA A 265 -13.21 57.64 -32.89
CA ALA A 265 -14.35 58.08 -32.12
C ALA A 265 -15.29 56.90 -31.93
N ASN A 266 -16.11 56.97 -30.87
CA ASN A 266 -17.06 55.92 -30.54
C ASN A 266 -18.50 56.36 -30.73
N THR A 267 -18.73 57.43 -31.49
CA THR A 267 -20.08 57.89 -31.82
C THR A 267 -20.19 58.05 -33.33
N ALA A 268 -21.41 57.93 -33.83
CA ALA A 268 -21.63 58.11 -35.26
C ALA A 268 -21.16 59.48 -35.71
N ALA A 269 -21.60 60.53 -35.01
CA ALA A 269 -21.23 61.89 -35.38
C ALA A 269 -19.72 62.07 -35.35
N GLY A 270 -19.08 61.73 -34.23
CA GLY A 270 -17.63 61.83 -34.15
C GLY A 270 -16.95 61.10 -35.30
N ALA A 271 -17.40 59.90 -35.61
CA ALA A 271 -16.80 59.13 -36.69
C ALA A 271 -16.88 59.91 -38.01
N ARG A 272 -18.08 60.37 -38.36
CA ARG A 272 -18.25 61.14 -39.59
C ARG A 272 -17.27 62.30 -39.63
N ASN A 273 -17.13 63.03 -38.52
CA ASN A 273 -16.25 64.20 -38.52
C ASN A 273 -14.81 63.79 -38.80
N ASN A 274 -14.36 62.68 -38.21
CA ASN A 274 -12.96 62.29 -38.36
C ASN A 274 -12.64 61.78 -39.75
N ILE A 275 -13.64 61.30 -40.50
CA ILE A 275 -13.43 60.91 -41.88
C ILE A 275 -13.95 61.95 -42.87
N GLY A 276 -14.52 63.05 -42.38
CA GLY A 276 -14.99 64.11 -43.26
C GLY A 276 -16.21 63.75 -44.08
N ALA A 277 -17.08 62.90 -43.56
CA ALA A 277 -18.25 62.41 -44.29
C ALA A 277 -19.49 63.22 -43.93
N GLY A 278 -20.48 63.14 -44.82
CA GLY A 278 -21.74 63.82 -44.62
C GLY A 278 -22.87 62.83 -44.32
N VAL A 279 -23.98 63.37 -43.84
CA VAL A 279 -25.12 62.56 -43.42
C VAL A 279 -26.06 62.38 -44.60
N PRO A 280 -26.94 61.37 -44.57
CA PRO A 280 -27.86 61.16 -45.69
C PRO A 280 -28.94 62.22 -45.74
N ALA A 281 -29.48 62.41 -46.94
CA ALA A 281 -30.60 63.31 -47.15
C ALA A 281 -31.92 62.56 -46.98
N THR A 282 -32.98 63.33 -46.75
CA THR A 282 -34.33 62.79 -46.63
C THR A 282 -35.22 63.48 -47.66
N ALA A 283 -36.37 62.88 -47.90
CA ALA A 283 -37.27 63.40 -48.92
C ALA A 283 -38.63 62.75 -48.78
N SER A 284 -39.63 63.45 -49.31
CA SER A 284 -40.98 62.93 -49.54
C SER A 284 -41.21 63.02 -51.05
N ARG A 285 -41.15 61.88 -51.74
CA ARG A 285 -41.16 61.88 -53.20
C ARG A 285 -42.59 61.82 -53.71
N ALA A 286 -43.32 62.90 -53.46
CA ALA A 286 -44.70 63.05 -53.88
C ALA A 286 -44.82 64.24 -54.81
N LEU A 287 -46.02 64.41 -55.38
CA LEU A 287 -46.27 65.58 -56.22
C LEU A 287 -46.14 66.86 -55.41
N ASN A 288 -46.73 66.88 -54.21
CA ASN A 288 -46.48 67.93 -53.24
C ASN A 288 -45.48 67.35 -52.24
N GLY A 289 -44.20 67.37 -52.64
CA GLY A 289 -43.14 66.74 -51.89
C GLY A 289 -42.06 67.73 -51.50
N TRP A 290 -41.00 67.19 -50.89
CA TRP A 290 -39.89 68.00 -50.40
C TRP A 290 -38.62 67.16 -50.38
N TRP A 291 -37.49 67.85 -50.30
CA TRP A 291 -36.17 67.24 -50.21
C TRP A 291 -35.34 68.06 -49.24
N LYS A 292 -34.60 67.36 -48.38
CA LYS A 292 -33.84 68.02 -47.30
C LYS A 292 -32.39 67.55 -47.33
N ASP A 293 -31.47 68.51 -47.40
CA ASP A 293 -30.05 68.22 -47.23
C ASP A 293 -29.72 68.39 -45.75
N ASN A 294 -29.62 67.26 -45.05
CA ASN A 294 -29.38 67.33 -43.61
C ASN A 294 -27.97 67.78 -43.27
N ASP A 295 -27.04 67.80 -44.24
CA ASP A 295 -25.73 68.40 -43.99
C ASP A 295 -25.88 69.87 -43.62
N THR A 296 -26.59 70.63 -44.46
CA THR A 296 -26.79 72.06 -44.25
C THR A 296 -28.18 72.41 -43.71
N GLY A 297 -29.10 71.46 -43.67
CA GLY A 297 -30.46 71.73 -43.25
C GLY A 297 -31.33 72.33 -44.31
N LEU A 298 -30.79 72.63 -45.49
CA LEU A 298 -31.59 73.24 -46.54
C LEU A 298 -32.70 72.31 -46.99
N ILE A 299 -33.87 72.89 -47.24
CA ILE A 299 -35.05 72.15 -47.66
C ILE A 299 -35.53 72.72 -48.98
N VAL A 300 -35.86 71.84 -49.92
CA VAL A 300 -36.43 72.23 -51.21
C VAL A 300 -37.78 71.56 -51.32
N GLN A 301 -38.80 72.34 -51.67
CA GLN A 301 -40.16 71.84 -51.77
C GLN A 301 -40.75 72.18 -53.13
N TRP A 302 -41.69 71.35 -53.55
CA TRP A 302 -42.42 71.56 -54.80
C TRP A 302 -43.87 71.18 -54.56
N MET A 303 -44.77 71.87 -55.27
CA MET A 303 -46.19 71.71 -55.03
C MET A 303 -46.97 72.28 -56.21
N GLN A 304 -48.26 71.95 -56.24
CA GLN A 304 -49.14 72.38 -57.31
C GLN A 304 -50.57 72.39 -56.79
N VAL A 305 -51.35 73.36 -57.27
CA VAL A 305 -52.76 73.47 -56.94
C VAL A 305 -53.52 73.77 -58.23
N ASN A 306 -54.58 72.99 -58.50
CA ASN A 306 -55.43 73.24 -59.65
C ASN A 306 -56.46 74.30 -59.30
N VAL A 307 -56.61 75.30 -60.17
CA VAL A 307 -57.48 76.43 -59.92
C VAL A 307 -58.71 76.40 -60.81
N GLY A 308 -58.52 76.27 -62.12
CA GLY A 308 -59.61 76.34 -63.07
C GLY A 308 -59.52 77.55 -63.98
N ASP A 309 -60.60 78.30 -64.07
CA ASP A 309 -60.66 79.48 -64.92
C ASP A 309 -60.16 80.70 -64.15
N HIS A 310 -59.64 81.68 -64.91
CA HIS A 310 -59.35 82.98 -64.34
C HIS A 310 -60.51 83.92 -64.64
N PRO A 311 -61.15 84.52 -63.62
CA PRO A 311 -62.32 85.35 -63.87
C PRO A 311 -62.00 86.78 -64.28
N GLY A 312 -60.75 87.08 -64.60
CA GLY A 312 -60.33 88.44 -64.85
C GLY A 312 -60.00 89.16 -63.55
N GLY A 313 -59.41 90.34 -63.70
CA GLY A 313 -58.99 91.12 -62.55
C GLY A 313 -57.71 90.59 -61.94
N ILE A 314 -57.63 90.66 -60.62
CA ILE A 314 -56.45 90.25 -59.87
C ILE A 314 -56.89 89.21 -58.84
N ILE A 315 -56.28 88.03 -58.88
CA ILE A 315 -56.66 86.92 -58.02
C ILE A 315 -55.45 86.55 -57.17
N ASP A 316 -55.61 86.62 -55.85
CA ASP A 316 -54.61 86.14 -54.92
C ASP A 316 -54.99 84.75 -54.43
N ARG A 317 -53.98 83.93 -54.16
CA ARG A 317 -54.23 82.56 -53.71
C ARG A 317 -53.12 82.13 -52.77
N THR A 318 -53.50 81.55 -51.63
CA THR A 318 -52.56 81.04 -50.66
C THR A 318 -52.26 79.58 -50.96
N LEU A 319 -50.98 79.23 -50.98
CA LEU A 319 -50.52 77.85 -51.10
C LEU A 319 -49.79 77.45 -49.82
N THR A 320 -50.07 76.25 -49.34
CA THR A 320 -49.46 75.74 -48.11
C THR A 320 -48.36 74.73 -48.46
N PHE A 321 -47.16 74.97 -47.95
CA PHE A 321 -46.04 74.10 -48.27
C PHE A 321 -46.28 72.69 -47.78
N PRO A 322 -45.84 71.67 -48.52
CA PRO A 322 -45.95 70.29 -48.00
C PRO A 322 -45.52 70.15 -46.55
N ILE A 323 -44.42 70.79 -46.16
CA ILE A 323 -44.01 70.87 -44.77
C ILE A 323 -43.61 72.31 -44.48
N ALA A 324 -43.70 72.67 -43.21
CA ALA A 324 -43.29 74.00 -42.77
C ALA A 324 -41.77 74.07 -42.71
N PHE A 325 -41.22 75.17 -43.22
CA PHE A 325 -39.79 75.43 -43.05
C PHE A 325 -39.53 75.70 -41.57
N PRO A 326 -38.63 74.96 -40.92
CA PRO A 326 -38.42 75.18 -39.49
C PRO A 326 -38.02 76.60 -39.14
N SER A 327 -37.31 77.29 -40.04
CA SER A 327 -36.79 78.62 -39.74
C SER A 327 -37.29 79.68 -40.69
N ALA A 328 -37.14 79.49 -42.00
CA ALA A 328 -37.55 80.54 -42.93
C ALA A 328 -37.58 80.00 -44.34
N CYS A 329 -38.43 80.61 -45.16
CA CYS A 329 -38.46 80.36 -46.60
C CYS A 329 -37.61 81.43 -47.27
N LEU A 330 -36.61 81.00 -48.04
CA LEU A 330 -35.68 81.92 -48.66
C LEU A 330 -36.05 82.28 -50.09
N HIS A 331 -36.81 81.45 -50.77
CA HIS A 331 -37.06 81.66 -52.20
C HIS A 331 -38.29 80.86 -52.61
N VAL A 332 -39.07 81.42 -53.53
CA VAL A 332 -40.18 80.74 -54.15
C VAL A 332 -40.08 80.92 -55.66
N VAL A 333 -40.57 79.93 -56.39
CA VAL A 333 -40.52 79.95 -57.85
C VAL A 333 -41.90 79.56 -58.39
N PRO A 334 -42.77 80.52 -58.66
CA PRO A 334 -44.10 80.19 -59.17
C PRO A 334 -44.15 80.12 -60.69
N THR A 335 -44.87 79.12 -61.20
CA THR A 335 -45.14 78.98 -62.62
C THR A 335 -46.57 78.49 -62.81
N VAL A 336 -47.02 78.48 -64.05
CA VAL A 336 -48.41 78.19 -64.39
C VAL A 336 -48.48 76.81 -65.01
N LYS A 337 -49.45 76.03 -64.57
CA LYS A 337 -49.74 74.71 -65.09
C LYS A 337 -51.05 74.75 -65.86
N GLU A 338 -51.13 73.96 -66.94
CA GLU A 338 -52.39 73.82 -67.67
C GLU A 338 -53.06 72.53 -67.24
N VAL A 339 -54.21 72.66 -66.56
CA VAL A 339 -55.00 71.50 -66.21
C VAL A 339 -55.79 71.01 -67.41
N GLY A 340 -56.29 71.94 -68.23
CA GLY A 340 -57.02 71.60 -69.43
C GLY A 340 -57.05 72.79 -70.35
N ARG A 341 -57.66 72.59 -71.53
CA ARG A 341 -57.74 73.61 -72.56
C ARG A 341 -59.19 73.71 -73.04
N PRO A 342 -60.06 74.35 -72.25
CA PRO A 342 -61.47 74.46 -72.66
C PRO A 342 -61.66 75.46 -73.79
N ALA A 343 -61.13 76.67 -73.62
CA ALA A 343 -61.18 77.70 -74.64
C ALA A 343 -59.78 78.09 -75.11
N THR A 344 -58.93 78.58 -74.21
CA THR A 344 -57.57 78.98 -74.54
C THR A 344 -56.60 78.30 -73.58
N SER A 345 -55.31 78.50 -73.83
CA SER A 345 -54.29 77.82 -73.04
C SER A 345 -54.08 78.52 -71.70
N ALA A 346 -53.53 77.77 -70.75
CA ALA A 346 -53.18 78.31 -69.45
C ALA A 346 -51.97 79.24 -69.51
N SER A 347 -51.21 79.23 -70.61
CA SER A 347 -50.12 80.17 -70.78
C SER A 347 -50.61 81.61 -70.90
N THR A 348 -51.90 81.83 -71.13
CA THR A 348 -52.45 83.17 -71.10
C THR A 348 -52.65 83.70 -69.67
N VAL A 349 -52.28 82.91 -68.66
CA VAL A 349 -52.29 83.33 -67.27
C VAL A 349 -50.86 83.42 -66.79
N THR A 350 -50.54 84.49 -66.04
CA THR A 350 -49.22 84.68 -65.47
C THR A 350 -49.39 84.92 -63.97
N VAL A 351 -48.29 84.70 -63.23
CA VAL A 351 -48.32 84.71 -61.77
C VAL A 351 -47.12 85.49 -61.24
N ALA A 352 -47.17 85.77 -59.95
CA ALA A 352 -46.10 86.42 -59.21
C ALA A 352 -46.35 86.19 -57.73
N ASP A 353 -45.28 86.13 -56.94
CA ASP A 353 -45.42 85.86 -55.52
C ASP A 353 -45.62 87.16 -54.77
N VAL A 354 -46.60 87.17 -53.86
CA VAL A 354 -46.97 88.36 -53.09
C VAL A 354 -46.29 88.40 -51.74
N SER A 355 -46.42 87.30 -50.97
CA SER A 355 -45.83 87.20 -49.66
C SER A 355 -45.37 85.78 -49.42
N VAL A 356 -44.55 85.60 -48.40
CA VAL A 356 -43.96 84.30 -48.08
C VAL A 356 -43.91 84.15 -46.56
N SER A 357 -44.12 82.91 -46.10
CA SER A 357 -44.01 82.58 -44.69
C SER A 357 -43.32 81.23 -44.58
N ASN A 358 -43.15 80.76 -43.33
CA ASN A 358 -42.59 79.44 -43.11
C ASN A 358 -43.53 78.32 -43.53
N THR A 359 -44.83 78.61 -43.65
CA THR A 359 -45.81 77.57 -43.93
C THR A 359 -46.39 77.64 -45.33
N GLY A 360 -46.24 78.76 -46.02
CA GLY A 360 -46.82 78.87 -47.35
C GLY A 360 -46.52 80.20 -47.99
N CYS A 361 -47.30 80.53 -49.01
CA CYS A 361 -47.08 81.77 -49.75
C CYS A 361 -48.38 82.18 -50.41
N VAL A 362 -48.41 83.41 -50.89
CA VAL A 362 -49.54 83.96 -51.63
C VAL A 362 -49.07 84.29 -53.03
N ILE A 363 -49.77 83.75 -54.02
CA ILE A 363 -49.46 83.97 -55.42
C ILE A 363 -50.60 84.78 -56.04
N VAL A 364 -50.24 85.83 -56.77
CA VAL A 364 -51.21 86.65 -57.50
C VAL A 364 -51.16 86.24 -58.96
N SER A 365 -52.33 86.22 -59.61
CA SER A 365 -52.43 85.82 -61.01
C SER A 365 -53.29 86.80 -61.79
N SER A 366 -53.03 86.87 -63.09
CA SER A 366 -53.82 87.68 -64.01
C SER A 366 -53.78 87.01 -65.38
N GLU A 367 -54.58 87.52 -66.29
CA GLU A 367 -54.69 86.99 -67.64
C GLU A 367 -54.57 88.13 -68.65
N TYR A 368 -53.99 87.82 -69.81
CA TYR A 368 -54.00 88.78 -70.91
C TYR A 368 -54.97 88.38 -72.02
N TYR A 369 -55.50 87.17 -72.01
CA TYR A 369 -56.73 86.85 -72.72
C TYR A 369 -57.93 87.08 -71.80
N GLY A 370 -59.11 87.12 -72.39
CA GLY A 370 -60.33 87.24 -71.62
C GLY A 370 -61.22 86.04 -71.81
N LEU A 371 -60.61 84.87 -71.96
CA LEU A 371 -61.32 83.64 -72.29
C LEU A 371 -61.19 82.64 -71.15
N ALA A 372 -61.90 81.53 -71.30
CA ALA A 372 -61.89 80.48 -70.29
C ALA A 372 -60.58 79.69 -70.35
N GLN A 373 -59.94 79.54 -69.22
CA GLN A 373 -58.77 78.67 -69.10
C GLN A 373 -59.05 77.63 -68.02
N ASN A 374 -58.14 76.65 -67.93
CA ASN A 374 -58.15 75.66 -66.85
C ASN A 374 -56.69 75.52 -66.41
N TYR A 375 -56.28 76.44 -65.55
CA TYR A 375 -54.88 76.55 -65.17
C TYR A 375 -54.68 76.15 -63.71
N GLY A 376 -53.42 75.86 -63.38
CA GLY A 376 -53.02 75.66 -62.00
C GLY A 376 -51.74 76.43 -61.72
N ILE A 377 -51.38 76.46 -60.45
CA ILE A 377 -50.18 77.16 -59.99
C ILE A 377 -49.20 76.13 -59.47
N ARG A 378 -47.99 76.13 -60.02
CA ARG A 378 -46.86 75.38 -59.47
C ARG A 378 -45.99 76.33 -58.65
N VAL A 379 -45.45 75.82 -57.54
CA VAL A 379 -44.52 76.60 -56.72
C VAL A 379 -43.40 75.68 -56.28
N MET A 380 -42.17 76.15 -56.44
CA MET A 380 -41.00 75.51 -55.86
C MET A 380 -40.40 76.48 -54.85
N ALA A 381 -40.02 75.95 -53.69
CA ALA A 381 -39.59 76.80 -52.58
C ALA A 381 -38.28 76.29 -51.99
N ILE A 382 -37.51 77.22 -51.45
CA ILE A 382 -36.23 76.96 -50.81
C ILE A 382 -36.24 77.58 -49.43
N GLY A 383 -35.66 76.89 -48.46
CA GLY A 383 -35.60 77.41 -47.11
C GLY A 383 -34.86 76.46 -46.19
N TYR A 384 -35.05 76.66 -44.89
CA TYR A 384 -34.39 75.83 -43.88
C TYR A 384 -35.13 75.96 -42.55
N ALA B 11 86.72 -46.98 63.39
CA ALA B 11 85.50 -46.23 63.07
C ALA B 11 85.84 -44.81 62.61
N LEU B 12 85.84 -44.60 61.30
CA LEU B 12 86.20 -43.30 60.75
C LEU B 12 85.15 -42.25 61.06
N ALA B 13 85.61 -41.07 61.45
CA ALA B 13 84.77 -39.89 61.59
C ALA B 13 84.97 -38.96 60.41
N ALA B 14 83.99 -38.06 60.20
CA ALA B 14 84.09 -37.12 59.10
C ALA B 14 85.40 -36.34 59.18
N THR B 15 85.80 -35.96 60.38
CA THR B 15 87.05 -35.22 60.55
C THR B 15 88.25 -36.04 60.08
N ASP B 16 88.12 -37.36 59.96
CA ASP B 16 89.20 -38.18 59.44
C ASP B 16 89.23 -38.22 57.92
N ILE B 17 88.26 -37.64 57.24
CA ILE B 17 88.14 -37.71 55.79
C ILE B 17 88.73 -36.44 55.19
N PRO B 18 89.62 -36.53 54.21
CA PRO B 18 90.23 -35.33 53.63
C PRO B 18 89.29 -34.66 52.64
N GLY B 19 89.70 -33.47 52.20
CA GLY B 19 88.95 -32.74 51.20
C GLY B 19 88.90 -33.49 49.89
N LEU B 20 87.71 -33.58 49.30
CA LEU B 20 87.45 -34.40 48.14
C LEU B 20 87.05 -33.55 46.95
N ASP B 21 87.42 -34.00 45.75
CA ASP B 21 86.91 -33.40 44.54
C ASP B 21 85.51 -33.93 44.25
N ALA B 22 84.74 -33.15 43.50
CA ALA B 22 83.37 -33.53 43.15
C ALA B 22 83.34 -34.85 42.39
N SER B 23 84.44 -35.18 41.69
CA SER B 23 84.52 -36.44 40.96
C SER B 23 84.46 -37.66 41.87
N LYS B 24 84.52 -37.49 43.19
CA LYS B 24 84.45 -38.62 44.10
C LYS B 24 83.03 -39.15 44.25
N LEU B 25 82.01 -38.33 43.98
CA LEU B 25 80.64 -38.80 43.94
C LEU B 25 80.42 -39.45 42.59
N VAL B 26 80.43 -40.79 42.56
CA VAL B 26 80.39 -41.53 41.30
C VAL B 26 79.01 -42.04 40.95
N SER B 27 78.03 -41.87 41.82
CA SER B 27 76.70 -42.43 41.60
C SER B 27 75.71 -41.74 42.53
N GLY B 28 74.44 -41.97 42.26
CA GLY B 28 73.37 -41.48 43.10
C GLY B 28 72.94 -40.07 42.71
N VAL B 29 71.83 -39.65 43.33
CA VAL B 29 71.25 -38.34 43.11
C VAL B 29 71.26 -37.62 44.45
N LEU B 30 71.86 -36.43 44.49
CA LEU B 30 71.89 -35.64 45.71
C LEU B 30 70.48 -35.36 46.20
N ALA B 31 70.29 -35.47 47.52
CA ALA B 31 69.10 -34.90 48.14
C ALA B 31 69.05 -33.41 47.81
N GLU B 32 67.87 -32.93 47.41
CA GLU B 32 67.76 -31.56 46.94
C GLU B 32 68.16 -30.55 48.01
N GLN B 33 68.12 -30.93 49.29
CA GLN B 33 68.55 -30.03 50.36
C GLN B 33 70.03 -29.67 50.26
N ARG B 34 70.81 -30.44 49.50
CA ARG B 34 72.22 -30.12 49.32
C ARG B 34 72.45 -28.98 48.34
N LEU B 35 71.38 -28.57 47.56
CA LEU B 35 71.51 -27.54 46.54
C LEU B 35 71.27 -26.16 47.12
N PRO B 36 71.95 -25.14 46.59
CA PRO B 36 71.56 -23.76 46.91
C PRO B 36 70.08 -23.58 46.62
N VAL B 37 69.43 -22.74 47.42
CA VAL B 37 67.97 -22.66 47.39
C VAL B 37 67.48 -22.28 46.00
N PHE B 38 68.20 -21.41 45.29
CA PHE B 38 67.70 -20.96 44.00
C PHE B 38 67.63 -22.09 42.98
N ALA B 39 68.37 -23.17 43.18
CA ALA B 39 68.27 -24.33 42.31
C ALA B 39 67.12 -25.25 42.70
N ARG B 40 66.46 -24.98 43.82
CA ARG B 40 65.30 -25.73 44.25
C ARG B 40 64.00 -25.02 43.96
N GLY B 41 64.04 -23.92 43.19
CA GLY B 41 62.86 -23.12 42.97
C GLY B 41 62.45 -22.25 44.14
N LEU B 42 63.27 -22.19 45.18
CA LEU B 42 62.99 -21.35 46.34
C LEU B 42 63.53 -19.95 46.09
N ALA B 43 62.66 -18.95 46.21
CA ALA B 43 63.07 -17.55 46.04
C ALA B 43 63.55 -16.95 47.36
N THR B 44 64.51 -17.62 47.99
CA THR B 44 64.91 -17.27 49.35
C THR B 44 66.41 -16.99 49.49
N ALA B 45 67.15 -16.98 48.38
CA ALA B 45 68.60 -16.81 48.47
C ALA B 45 68.99 -15.43 48.98
N VAL B 46 68.22 -14.40 48.64
CA VAL B 46 68.55 -13.03 49.03
C VAL B 46 67.34 -12.38 49.67
N SER B 47 67.57 -11.22 50.29
CA SER B 47 66.53 -10.46 50.94
C SER B 47 65.43 -10.10 49.94
N ASN B 48 64.21 -9.98 50.43
CA ASN B 48 63.06 -9.78 49.56
C ASN B 48 62.88 -8.32 49.14
N SER B 49 63.91 -7.49 49.28
CA SER B 49 63.92 -6.16 48.69
C SER B 49 65.21 -5.91 47.92
N SER B 50 65.87 -6.97 47.46
CA SER B 50 67.15 -6.85 46.78
C SER B 50 66.98 -6.16 45.44
N ASP B 51 68.02 -5.45 45.02
CA ASP B 51 68.01 -4.69 43.77
C ASP B 51 68.20 -5.66 42.62
N PRO B 52 67.20 -5.86 41.75
CA PRO B 52 67.38 -6.77 40.62
C PRO B 52 68.42 -6.29 39.62
N ASN B 53 68.76 -4.99 39.63
CA ASN B 53 69.80 -4.48 38.74
C ASN B 53 71.16 -5.05 39.07
N THR B 54 71.42 -5.34 40.34
CA THR B 54 72.69 -5.90 40.79
C THR B 54 72.58 -7.39 41.08
N ALA B 55 71.68 -8.08 40.38
CA ALA B 55 71.44 -9.48 40.67
C ALA B 55 72.67 -10.33 40.37
N THR B 56 72.97 -11.27 41.27
CA THR B 56 73.93 -12.33 41.03
C THR B 56 73.35 -13.73 41.19
N VAL B 57 72.13 -13.86 41.70
CA VAL B 57 71.49 -15.17 41.87
C VAL B 57 70.46 -15.38 40.77
N PRO B 58 70.26 -16.62 40.31
CA PRO B 58 69.31 -16.85 39.21
C PRO B 58 67.84 -16.73 39.60
N LEU B 59 67.50 -16.62 40.89
CA LEU B 59 66.11 -16.47 41.30
C LEU B 59 66.03 -15.67 42.59
N MET B 60 65.15 -14.66 42.59
CA MET B 60 64.88 -13.85 43.77
C MET B 60 63.41 -13.48 43.80
N LEU B 61 62.96 -12.99 44.95
CA LEU B 61 61.64 -12.42 45.13
C LEU B 61 61.81 -11.04 45.74
N THR B 62 61.35 -10.01 45.05
CA THR B 62 61.63 -8.65 45.49
C THR B 62 60.58 -7.66 45.02
N ASN B 63 60.28 -6.68 45.87
CA ASN B 63 59.46 -5.53 45.52
C ASN B 63 60.31 -4.29 45.25
N HIS B 64 61.62 -4.46 45.03
CA HIS B 64 62.49 -3.32 44.78
C HIS B 64 61.99 -2.53 43.58
N ALA B 65 62.16 -1.21 43.64
CA ALA B 65 61.62 -0.33 42.62
C ALA B 65 62.27 -0.53 41.25
N ASN B 66 63.39 -1.24 41.17
CA ASN B 66 63.91 -1.57 39.85
C ASN B 66 63.15 -2.72 39.19
N GLY B 67 62.17 -3.30 39.89
CA GLY B 67 61.28 -4.26 39.28
C GLY B 67 60.28 -3.60 38.34
N PRO B 68 59.36 -4.42 37.79
CA PRO B 68 58.53 -3.94 36.69
C PRO B 68 57.34 -3.09 37.10
N VAL B 69 56.83 -3.28 38.32
CA VAL B 69 55.61 -2.60 38.75
C VAL B 69 55.84 -2.03 40.15
N ALA B 70 55.76 -0.71 40.27
CA ALA B 70 56.05 -0.04 41.53
C ALA B 70 55.19 -0.58 42.66
N GLY B 71 55.83 -0.93 43.77
CA GLY B 71 55.14 -1.34 44.96
C GLY B 71 54.71 -2.79 45.01
N ARG B 72 55.02 -3.57 43.98
CA ARG B 72 54.59 -4.97 43.92
C ARG B 72 55.80 -5.90 43.93
N TYR B 73 55.61 -7.07 44.56
CA TYR B 73 56.60 -8.12 44.55
C TYR B 73 56.55 -8.89 43.25
N PHE B 74 57.72 -9.32 42.78
CA PHE B 74 57.84 -10.17 41.61
C PHE B 74 58.94 -11.20 41.84
N TYR B 75 58.67 -12.44 41.44
CA TYR B 75 59.74 -13.40 41.26
C TYR B 75 60.54 -12.99 40.04
N ILE B 76 61.86 -12.93 40.17
CA ILE B 76 62.73 -12.51 39.08
C ILE B 76 63.75 -13.61 38.84
N GLN B 77 63.68 -14.22 37.66
CA GLN B 77 64.70 -15.14 37.19
C GLN B 77 65.77 -14.36 36.44
N SER B 78 67.03 -14.76 36.64
CA SER B 78 68.15 -14.11 35.98
C SER B 78 69.00 -15.14 35.25
N MET B 79 69.45 -14.78 34.05
CA MET B 79 70.37 -15.58 33.25
C MET B 79 71.56 -14.69 32.90
N PHE B 80 72.77 -15.19 33.10
CA PHE B 80 73.96 -14.34 33.08
C PHE B 80 74.96 -14.79 32.02
N TYR B 81 75.71 -13.81 31.50
CA TYR B 81 76.86 -14.07 30.64
C TYR B 81 77.74 -12.84 30.64
N PRO B 82 79.08 -12.98 30.76
CA PRO B 82 79.90 -14.19 30.92
C PRO B 82 80.04 -14.67 32.36
N ASP B 83 79.57 -13.87 33.31
CA ASP B 83 79.56 -14.26 34.71
C ASP B 83 78.36 -13.59 35.38
N GLN B 84 78.19 -13.88 36.66
CA GLN B 84 77.01 -13.43 37.38
C GLN B 84 77.02 -11.93 37.66
N ASN B 85 78.08 -11.22 37.28
CA ASN B 85 78.13 -9.76 37.32
C ASN B 85 77.96 -9.12 35.96
N GLY B 86 77.78 -9.90 34.91
CA GLY B 86 77.83 -9.40 33.55
C GLY B 86 76.46 -9.14 32.96
N ASN B 87 76.39 -9.28 31.64
CA ASN B 87 75.12 -9.13 30.93
C ASN B 87 74.09 -10.12 31.45
N ALA B 88 72.82 -9.77 31.30
CA ALA B 88 71.79 -10.60 31.92
C ALA B 88 70.46 -10.42 31.23
N SER B 89 69.68 -11.48 31.26
CA SER B 89 68.26 -11.46 30.89
C SER B 89 67.45 -11.80 32.13
N GLN B 90 66.34 -11.09 32.31
CA GLN B 90 65.50 -11.31 33.48
C GLN B 90 64.04 -11.48 33.09
N ILE B 91 63.38 -12.44 33.73
CA ILE B 91 61.96 -12.69 33.58
C ILE B 91 61.32 -12.45 34.94
N ALA B 92 60.33 -11.57 34.98
CA ALA B 92 59.61 -11.27 36.21
C ALA B 92 58.19 -11.79 36.12
N THR B 93 57.76 -12.51 37.15
CA THR B 93 56.40 -13.02 37.25
C THR B 93 55.80 -12.58 38.58
N SER B 94 54.51 -12.30 38.56
CA SER B 94 53.84 -11.65 39.67
C SER B 94 53.80 -12.57 40.89
N TYR B 95 53.69 -11.94 42.06
CA TYR B 95 53.66 -12.62 43.34
C TYR B 95 52.26 -12.77 43.92
N ASN B 96 51.32 -11.94 43.47
CA ASN B 96 49.98 -11.88 44.05
C ASN B 96 49.13 -10.96 43.17
N ALA B 97 47.83 -10.94 43.46
CA ALA B 97 46.89 -9.98 42.90
C ALA B 97 46.50 -10.29 41.46
N THR B 98 47.49 -10.47 40.58
CA THR B 98 47.23 -10.74 39.17
C THR B 98 48.30 -11.69 38.64
N SER B 99 48.06 -12.18 37.43
CA SER B 99 48.99 -13.07 36.73
C SER B 99 49.63 -12.29 35.60
N GLU B 100 50.87 -11.86 35.81
CA GLU B 100 51.57 -11.01 34.86
C GLU B 100 53.01 -11.49 34.70
N MET B 101 53.56 -11.23 33.52
CA MET B 101 54.93 -11.60 33.21
C MET B 101 55.61 -10.45 32.48
N TYR B 102 56.88 -10.22 32.80
CA TYR B 102 57.68 -9.19 32.13
C TYR B 102 59.06 -9.73 31.83
N VAL B 103 59.75 -9.06 30.90
CA VAL B 103 61.11 -9.43 30.51
C VAL B 103 61.92 -8.16 30.31
N ARG B 104 63.22 -8.25 30.61
CA ARG B 104 64.14 -7.16 30.31
C ARG B 104 65.53 -7.75 30.11
N VAL B 105 66.49 -6.86 29.85
CA VAL B 105 67.85 -7.28 29.52
C VAL B 105 68.82 -6.18 29.89
N SER B 106 70.04 -6.59 30.22
CA SER B 106 71.17 -5.69 30.37
C SER B 106 72.29 -6.16 29.46
N TYR B 107 72.79 -5.25 28.62
CA TYR B 107 73.94 -5.51 27.77
C TYR B 107 74.83 -4.27 27.73
N ALA B 108 76.14 -4.50 27.79
CA ALA B 108 77.11 -3.43 27.70
C ALA B 108 78.42 -3.99 27.18
N ALA B 109 79.17 -3.14 26.48
CA ALA B 109 80.49 -3.54 25.99
C ALA B 109 81.36 -4.02 27.12
N ASN B 110 81.34 -3.31 28.25
CA ASN B 110 81.88 -3.79 29.52
C ASN B 110 80.72 -4.38 30.29
N PRO B 111 80.51 -5.69 30.27
CA PRO B 111 79.27 -6.25 30.82
C PRO B 111 79.04 -5.92 32.28
N SER B 112 80.09 -5.59 33.04
CA SER B 112 79.91 -5.25 34.45
C SER B 112 79.26 -3.88 34.63
N ILE B 113 79.36 -3.01 33.63
CA ILE B 113 78.74 -1.69 33.71
C ILE B 113 77.35 -1.84 33.09
N ARG B 114 76.45 -2.43 33.87
CA ARG B 114 75.16 -2.85 33.34
C ARG B 114 74.33 -1.67 32.85
N GLU B 115 73.62 -1.89 31.74
CA GLU B 115 72.71 -0.92 31.16
C GLU B 115 71.38 -1.64 30.89
N TRP B 116 70.45 -1.52 31.84
CA TRP B 116 69.18 -2.23 31.77
C TRP B 116 68.20 -1.54 30.83
N LEU B 117 67.60 -2.31 29.93
CA LEU B 117 66.49 -1.81 29.13
C LEU B 117 65.20 -1.90 29.94
N PRO B 118 64.18 -1.13 29.56
CA PRO B 118 62.91 -1.16 30.30
C PRO B 118 62.27 -2.54 30.25
N TRP B 119 61.56 -2.87 31.33
CA TRP B 119 60.76 -4.07 31.38
C TRP B 119 59.70 -4.07 30.28
N GLN B 120 59.54 -5.22 29.62
CA GLN B 120 58.54 -5.40 28.56
C GLN B 120 57.51 -6.43 29.02
N ARG B 121 56.24 -6.07 28.89
CA ARG B 121 55.14 -6.95 29.28
C ARG B 121 55.13 -8.18 28.40
N CYS B 122 54.87 -9.34 29.02
CA CYS B 122 54.93 -10.62 28.33
C CYS B 122 53.65 -11.44 28.43
N ASP B 123 52.57 -10.86 28.95
CA ASP B 123 51.27 -11.52 28.97
C ASP B 123 50.26 -10.62 28.26
N ILE B 124 49.21 -11.25 27.74
CA ILE B 124 48.29 -10.56 26.84
C ILE B 124 47.39 -9.60 27.60
N GLY B 125 47.53 -9.57 28.93
CA GLY B 125 46.78 -8.62 29.73
C GLY B 125 47.05 -7.17 29.36
N GLY B 126 48.14 -6.91 28.64
CA GLY B 126 48.40 -5.58 28.15
C GLY B 126 48.10 -5.41 26.67
N SER B 127 47.40 -6.35 26.06
CA SER B 127 47.14 -6.32 24.64
C SER B 127 45.64 -6.31 24.36
N PHE B 128 45.31 -5.94 23.13
CA PHE B 128 43.98 -6.22 22.61
C PHE B 128 43.87 -7.71 22.37
N THR B 129 42.98 -8.37 23.09
CA THR B 129 42.85 -9.82 23.07
C THR B 129 41.77 -10.26 22.09
N LYS B 130 41.91 -11.49 21.60
CA LYS B 130 40.92 -12.05 20.69
C LYS B 130 39.63 -12.41 21.40
N THR B 131 39.65 -12.51 22.73
CA THR B 131 38.44 -12.55 23.53
C THR B 131 38.03 -11.14 23.93
N THR B 132 36.73 -10.92 24.00
CA THR B 132 36.21 -9.60 24.36
C THR B 132 36.52 -9.28 25.81
N ASP B 133 36.67 -7.98 26.11
CA ASP B 133 36.90 -7.55 27.47
C ASP B 133 35.64 -7.65 28.33
N GLY B 134 34.47 -7.79 27.73
CA GLY B 134 33.28 -8.02 28.53
C GLY B 134 32.00 -7.78 27.75
N SER B 135 30.91 -8.23 28.35
CA SER B 135 29.56 -8.03 27.85
C SER B 135 28.87 -7.03 28.76
N ILE B 136 28.38 -5.95 28.18
CA ILE B 136 27.82 -4.83 28.96
C ILE B 136 26.36 -5.13 29.27
N GLY B 137 25.98 -4.93 30.52
CA GLY B 137 24.61 -5.12 30.95
C GLY B 137 23.77 -3.88 30.70
N ASN B 138 22.66 -3.81 31.42
CA ASN B 138 21.74 -2.69 31.28
C ASN B 138 22.11 -1.55 32.22
N GLY B 139 21.66 -0.35 31.87
CA GLY B 139 21.85 0.80 32.71
C GLY B 139 23.29 1.23 32.89
N VAL B 140 24.11 1.08 31.86
CA VAL B 140 25.53 1.41 31.93
C VAL B 140 25.76 2.72 31.20
N ASN B 141 26.66 3.55 31.75
CA ASN B 141 27.02 4.83 31.15
C ASN B 141 28.34 4.64 30.40
N ILE B 142 28.27 4.72 29.06
CA ILE B 142 29.44 4.49 28.22
C ILE B 142 30.53 5.52 28.46
N ASN B 143 30.20 6.66 29.09
CA ASN B 143 31.24 7.64 29.40
C ASN B 143 32.30 7.09 30.34
N SER B 144 31.98 6.02 31.09
CA SER B 144 32.94 5.42 32.01
C SER B 144 33.95 4.54 31.31
N PHE B 145 33.75 4.24 30.02
CA PHE B 145 34.65 3.34 29.30
C PHE B 145 35.82 4.15 28.74
N VAL B 146 36.74 4.48 29.65
CA VAL B 146 37.89 5.31 29.33
C VAL B 146 39.16 4.50 29.15
N ASN B 147 39.05 3.17 29.10
CA ASN B 147 40.21 2.29 28.99
C ASN B 147 40.15 1.49 27.69
N SER B 148 41.32 1.24 27.13
CA SER B 148 41.40 0.56 25.85
C SER B 148 40.88 -0.86 25.96
N GLY B 149 40.22 -1.32 24.90
CA GLY B 149 39.64 -2.64 24.87
C GLY B 149 38.44 -2.65 23.94
N TRP B 150 37.71 -3.76 23.99
CA TRP B 150 36.49 -3.85 23.19
C TRP B 150 35.46 -4.71 23.91
N TRP B 151 34.23 -4.20 23.94
CA TRP B 151 33.14 -4.78 24.70
C TRP B 151 31.95 -5.03 23.78
N LEU B 152 31.06 -5.92 24.24
CA LEU B 152 29.84 -6.27 23.54
C LEU B 152 28.64 -5.68 24.24
N GLN B 153 27.72 -5.10 23.47
CA GLN B 153 26.38 -4.81 23.95
C GLN B 153 25.45 -5.74 23.17
N SER B 154 24.93 -6.76 23.86
CA SER B 154 24.18 -7.81 23.19
C SER B 154 22.73 -7.46 22.99
N THR B 155 22.22 -6.45 23.70
CA THR B 155 20.78 -6.24 23.82
C THR B 155 20.44 -4.79 23.54
N SER B 156 19.65 -4.56 22.49
CA SER B 156 19.27 -3.20 22.12
C SER B 156 18.58 -2.49 23.26
N GLU B 157 17.73 -3.21 24.01
CA GLU B 157 17.06 -2.59 25.15
C GLU B 157 18.07 -2.14 26.20
N TRP B 158 19.21 -2.82 26.30
CA TRP B 158 20.20 -2.45 27.29
C TRP B 158 20.98 -1.23 26.86
N ALA B 159 21.19 -1.05 25.55
CA ALA B 159 21.72 0.22 25.06
C ALA B 159 20.73 1.35 25.29
N ALA B 160 19.46 1.11 24.98
CA ALA B 160 18.43 2.12 25.22
C ALA B 160 18.29 2.43 26.70
N GLY B 161 18.46 1.42 27.55
CA GLY B 161 18.39 1.60 28.99
C GLY B 161 19.65 2.12 29.64
N GLY B 162 20.72 2.32 28.86
CA GLY B 162 21.95 2.86 29.37
C GLY B 162 22.07 4.35 29.13
N ALA B 163 23.31 4.85 29.15
CA ALA B 163 23.58 6.26 28.98
C ALA B 163 24.75 6.46 28.03
N ASN B 164 24.61 7.43 27.14
CA ASN B 164 25.66 7.85 26.22
C ASN B 164 26.00 6.82 25.16
N TYR B 165 25.09 5.88 24.90
CA TYR B 165 25.17 5.12 23.67
C TYR B 165 24.77 6.02 22.50
N PRO B 166 25.38 5.85 21.33
CA PRO B 166 24.98 6.69 20.19
C PRO B 166 23.55 6.43 19.74
N VAL B 167 22.99 5.26 20.07
CA VAL B 167 21.69 4.84 19.60
C VAL B 167 21.28 3.61 20.41
N GLY B 168 19.98 3.37 20.53
CA GLY B 168 19.47 2.25 21.31
C GLY B 168 19.50 0.94 20.56
N LEU B 169 20.69 0.50 20.16
CA LEU B 169 20.84 -0.73 19.40
C LEU B 169 22.01 -1.53 19.96
N ALA B 170 21.87 -2.84 19.91
CA ALA B 170 22.99 -3.72 20.24
C ALA B 170 24.15 -3.42 19.30
N GLY B 171 25.36 -3.57 19.82
CA GLY B 171 26.53 -3.25 19.02
C GLY B 171 27.82 -3.60 19.71
N LEU B 172 28.91 -3.16 19.09
CA LEU B 172 30.27 -3.44 19.52
C LEU B 172 30.96 -2.12 19.84
N LEU B 173 31.50 -2.00 21.04
CA LEU B 173 32.21 -0.79 21.50
C LEU B 173 33.70 -1.06 21.51
N ILE B 174 34.46 -0.21 20.82
CA ILE B 174 35.92 -0.29 20.79
C ILE B 174 36.45 1.02 21.36
N VAL B 175 37.43 0.92 22.26
CA VAL B 175 37.98 2.08 22.94
C VAL B 175 39.49 2.08 22.78
N TYR B 176 40.03 3.23 22.38
CA TYR B 176 41.47 3.47 22.32
C TYR B 176 41.79 4.60 23.30
N ARG B 177 42.42 4.27 24.42
CA ARG B 177 42.90 5.28 25.35
C ARG B 177 44.33 5.63 24.96
N ALA B 178 44.47 6.62 24.08
CA ALA B 178 45.79 7.06 23.66
C ALA B 178 46.46 7.90 24.75
N HIS B 179 45.67 8.59 25.56
CA HIS B 179 46.17 9.49 26.60
C HIS B 179 44.95 9.90 27.42
N ALA B 180 45.20 10.29 28.67
CA ALA B 180 44.11 10.73 29.53
C ALA B 180 43.27 11.82 28.88
N ASP B 181 43.84 12.56 27.94
CA ASP B 181 43.19 13.67 27.27
C ASP B 181 42.73 13.32 25.86
N HIS B 182 42.99 12.08 25.42
CA HIS B 182 42.67 11.64 24.06
C HIS B 182 42.14 10.21 24.15
N ILE B 183 40.83 10.07 24.26
CA ILE B 183 40.18 8.77 24.38
C ILE B 183 39.17 8.63 23.25
N TYR B 184 39.40 7.65 22.37
CA TYR B 184 38.56 7.44 21.20
C TYR B 184 37.66 6.22 21.40
N GLN B 185 36.39 6.39 21.06
CA GLN B 185 35.40 5.32 21.12
C GLN B 185 34.74 5.14 19.76
N THR B 186 34.55 3.89 19.36
CA THR B 186 33.81 3.54 18.17
C THR B 186 32.71 2.56 18.55
N TYR B 187 31.55 2.70 17.90
CA TYR B 187 30.41 1.84 18.15
C TYR B 187 29.86 1.37 16.82
N VAL B 188 29.72 0.06 16.66
CA VAL B 188 29.16 -0.55 15.46
C VAL B 188 27.92 -1.32 15.87
N THR B 189 26.77 -0.96 15.31
CA THR B 189 25.52 -1.61 15.67
C THR B 189 25.42 -2.95 14.95
N LEU B 190 24.49 -3.78 15.43
CA LEU B 190 24.25 -5.08 14.80
C LEU B 190 23.77 -4.97 13.36
N ASN B 191 23.43 -3.77 12.89
CA ASN B 191 23.03 -3.57 11.51
C ASN B 191 24.13 -2.92 10.67
N GLY B 192 25.31 -2.71 11.23
CA GLY B 192 26.47 -2.30 10.48
C GLY B 192 26.75 -0.81 10.44
N SER B 193 26.09 -0.03 11.29
CA SER B 193 26.28 1.41 11.30
C SER B 193 27.34 1.80 12.31
N THR B 194 28.19 2.74 11.93
CA THR B 194 29.33 3.15 12.75
C THR B 194 29.11 4.54 13.33
N TYR B 195 29.43 4.68 14.60
CA TYR B 195 29.48 5.98 15.28
C TYR B 195 30.85 6.13 15.92
N SER B 196 31.31 7.38 16.03
CA SER B 196 32.62 7.66 16.60
C SER B 196 32.58 8.94 17.42
N ARG B 197 33.31 8.95 18.53
CA ARG B 197 33.46 10.13 19.35
C ARG B 197 34.79 10.07 20.09
N CYS B 198 35.20 11.21 20.63
CA CYS B 198 36.45 11.35 21.35
C CYS B 198 36.23 12.11 22.65
N CYS B 199 36.91 11.68 23.71
CA CYS B 199 36.99 12.46 24.95
C CYS B 199 38.28 13.26 24.87
N TYR B 200 38.16 14.53 24.49
CA TYR B 200 39.30 15.40 24.26
C TYR B 200 39.46 16.35 25.44
N ALA B 201 40.61 16.26 26.12
CA ALA B 201 40.90 17.13 27.26
C ALA B 201 39.80 17.04 28.32
N GLY B 202 39.29 15.83 28.53
CA GLY B 202 38.35 15.57 29.60
C GLY B 202 36.88 15.75 29.25
N SER B 203 36.55 16.23 28.06
CA SER B 203 35.16 16.47 27.66
C SER B 203 34.80 15.58 26.50
N TRP B 204 33.71 14.82 26.64
CA TRP B 204 33.21 13.99 25.57
C TRP B 204 32.63 14.86 24.47
N ARG B 205 33.04 14.62 23.22
CA ARG B 205 32.50 15.30 22.06
C ARG B 205 31.29 14.53 21.55
N PRO B 206 30.47 15.14 20.72
CA PRO B 206 29.25 14.45 20.27
C PRO B 206 29.57 13.22 19.43
N TRP B 207 28.77 12.17 19.61
CA TRP B 207 28.83 11.03 18.71
C TRP B 207 28.63 11.49 17.28
N ARG B 208 29.58 11.15 16.41
CA ARG B 208 29.48 11.45 15.00
C ARG B 208 28.87 10.24 14.28
N GLN B 209 27.85 10.48 13.47
CA GLN B 209 27.12 9.41 12.79
C GLN B 209 27.49 9.40 11.31
N ASN B 210 28.03 8.27 10.86
CA ASN B 210 28.32 8.09 9.45
C ASN B 210 27.03 7.89 8.66
N TRP B 211 27.03 8.40 7.44
CA TRP B 211 25.94 8.14 6.51
C TRP B 211 26.19 6.81 5.81
N ASP B 212 25.18 5.96 5.77
CA ASP B 212 25.29 4.65 5.14
C ASP B 212 23.98 4.35 4.41
N ASP B 213 23.94 3.21 3.71
CA ASP B 213 22.74 2.90 2.97
C ASP B 213 21.58 2.50 3.88
N GLY B 214 21.73 2.61 5.19
CA GLY B 214 20.61 2.37 6.09
C GLY B 214 19.95 3.65 6.58
N ASN B 215 20.61 4.79 6.43
CA ASN B 215 20.07 6.06 6.90
C ASN B 215 20.05 7.17 5.84
N PHE B 216 20.45 6.89 4.60
CA PHE B 216 20.43 7.91 3.56
C PHE B 216 20.37 7.23 2.19
N ASP B 217 19.51 7.74 1.33
CA ASP B 217 19.32 7.20 -0.03
C ASP B 217 19.33 8.38 -1.00
N PRO B 218 20.43 8.59 -1.72
CA PRO B 218 20.47 9.75 -2.63
C PRO B 218 19.47 9.69 -3.76
N ALA B 219 18.86 8.52 -4.01
CA ALA B 219 17.83 8.41 -5.04
C ALA B 219 16.58 9.20 -4.70
N SER B 220 16.43 9.62 -3.45
CA SER B 220 15.31 10.46 -3.04
C SER B 220 15.55 11.95 -3.31
N TYR B 221 16.75 12.32 -3.75
CA TYR B 221 17.14 13.71 -3.91
C TYR B 221 17.42 14.01 -5.38
N LEU B 222 17.24 15.28 -5.74
CA LEU B 222 17.28 15.69 -7.14
C LEU B 222 18.72 15.96 -7.58
N PRO B 223 19.23 15.26 -8.58
CA PRO B 223 20.53 15.65 -9.16
C PRO B 223 20.43 16.99 -9.87
N LYS B 224 21.52 17.75 -9.82
CA LYS B 224 21.57 19.02 -10.54
C LYS B 224 21.23 18.81 -12.01
N ALA B 225 21.63 17.69 -12.59
CA ALA B 225 21.35 17.41 -13.99
C ALA B 225 19.86 17.25 -14.25
N GLY B 226 19.06 16.93 -13.23
CA GLY B 226 17.63 16.84 -13.37
C GLY B 226 16.88 18.11 -13.05
N PHE B 227 17.60 19.19 -12.74
CA PHE B 227 17.00 20.50 -12.45
C PHE B 227 16.94 21.28 -13.74
N THR B 228 15.86 21.06 -14.52
CA THR B 228 15.70 21.69 -15.81
C THR B 228 14.23 22.03 -16.04
N TRP B 229 14.02 22.97 -16.98
CA TRP B 229 12.66 23.32 -17.37
C TRP B 229 11.95 22.12 -17.98
N ALA B 230 12.64 21.37 -18.84
CA ALA B 230 12.01 20.23 -19.50
C ALA B 230 11.49 19.23 -18.49
N ALA B 231 12.25 18.98 -17.42
CA ALA B 231 11.89 17.95 -16.45
C ALA B 231 10.92 18.44 -15.38
N LEU B 232 10.75 19.73 -15.21
CA LEU B 232 9.91 20.25 -14.14
C LEU B 232 8.47 19.73 -14.31
N PRO B 233 7.94 18.98 -13.34
CA PRO B 233 6.55 18.54 -13.45
C PRO B 233 5.57 19.58 -12.96
N GLY B 234 4.37 19.54 -13.53
CA GLY B 234 3.28 20.40 -13.12
C GLY B 234 3.18 21.72 -13.84
N LYS B 235 3.86 21.87 -14.97
CA LYS B 235 3.83 23.15 -15.69
C LYS B 235 2.50 23.31 -16.40
N PRO B 236 1.84 24.46 -16.28
CA PRO B 236 0.57 24.65 -17.00
C PRO B 236 0.79 24.72 -18.50
N ALA B 237 -0.30 24.52 -19.24
CA ALA B 237 -0.25 24.53 -20.69
C ALA B 237 -0.12 25.95 -21.23
N THR B 238 -0.77 26.92 -20.59
CA THR B 238 -0.71 28.30 -21.00
C THR B 238 -0.39 29.17 -19.79
N PHE B 239 0.11 30.37 -20.07
CA PHE B 239 0.67 31.23 -19.03
C PHE B 239 0.08 32.63 -19.13
N PRO B 240 -0.27 33.25 -18.00
CA PRO B 240 -0.76 34.63 -18.04
C PRO B 240 0.21 35.53 -18.79
N PRO B 241 -0.24 36.17 -19.88
CA PRO B 241 0.68 36.98 -20.68
C PRO B 241 0.89 38.35 -20.07
N SER B 242 2.13 38.83 -20.16
CA SER B 242 2.47 40.19 -19.75
C SER B 242 2.06 41.17 -20.84
N GLY B 243 2.25 42.46 -20.57
CA GLY B 243 1.88 43.49 -21.52
C GLY B 243 2.62 43.36 -22.85
N HIS B 244 1.87 43.36 -23.94
CA HIS B 244 2.45 43.26 -25.27
C HIS B 244 1.56 44.00 -26.26
N ASN B 245 2.13 44.25 -27.44
CA ASN B 245 1.44 44.93 -28.53
C ASN B 245 1.13 43.95 -29.66
N HIS B 246 0.39 44.43 -30.64
CA HIS B 246 0.00 43.61 -31.78
C HIS B 246 -0.05 44.48 -33.04
N ASP B 247 0.02 43.80 -34.18
CA ASP B 247 -0.27 44.39 -35.49
C ASP B 247 -1.66 43.96 -35.92
N THR B 248 -2.36 44.85 -36.64
CA THR B 248 -3.74 44.56 -37.05
C THR B 248 -3.83 43.19 -37.70
N SER B 249 -2.77 42.76 -38.40
CA SER B 249 -2.74 41.44 -39.03
C SER B 249 -2.97 40.30 -38.03
N GLN B 250 -2.74 40.54 -36.74
CA GLN B 250 -2.97 39.52 -35.74
C GLN B 250 -4.43 39.44 -35.27
N ILE B 251 -5.25 40.44 -35.57
CA ILE B 251 -6.68 40.36 -35.33
C ILE B 251 -7.29 39.60 -36.50
N THR B 252 -7.74 38.37 -36.26
CA THR B 252 -8.08 37.46 -37.34
C THR B 252 -9.57 37.11 -37.44
N SER B 253 -10.37 37.40 -36.43
CA SER B 253 -11.79 37.06 -36.48
C SER B 253 -12.61 38.10 -35.73
N GLY B 254 -13.90 38.14 -36.03
CA GLY B 254 -14.83 39.04 -35.38
C GLY B 254 -14.98 40.35 -36.13
N ILE B 255 -15.96 41.14 -35.68
CA ILE B 255 -16.22 42.47 -36.23
C ILE B 255 -16.12 43.47 -35.10
N LEU B 256 -15.25 44.47 -35.27
CA LEU B 256 -15.02 45.46 -34.22
C LEU B 256 -16.23 46.40 -34.12
N PRO B 257 -16.80 46.58 -32.92
CA PRO B 257 -17.98 47.43 -32.78
C PRO B 257 -17.61 48.91 -32.70
N LEU B 258 -18.66 49.75 -32.78
CA LEU B 258 -18.47 51.19 -32.72
C LEU B 258 -17.90 51.64 -31.38
N ALA B 259 -18.18 50.90 -30.31
CA ALA B 259 -17.66 51.27 -29.00
C ALA B 259 -16.14 51.27 -28.98
N ARG B 260 -15.50 50.41 -29.80
CA ARG B 260 -14.05 50.33 -29.88
C ARG B 260 -13.48 51.10 -31.06
N GLY B 261 -14.29 51.99 -31.65
CA GLY B 261 -13.84 52.72 -32.82
C GLY B 261 -13.96 51.96 -34.12
N GLY B 262 -14.75 50.89 -34.15
CA GLY B 262 -14.96 50.12 -35.34
C GLY B 262 -16.26 50.50 -36.04
N LEU B 263 -16.51 49.83 -37.17
CA LEU B 263 -17.66 50.11 -38.00
C LEU B 263 -18.89 49.32 -37.59
N GLY B 264 -18.75 48.29 -36.76
CA GLY B 264 -19.87 47.48 -36.36
C GLY B 264 -20.43 46.58 -37.43
N ALA B 265 -19.83 46.57 -38.63
CA ALA B 265 -20.29 45.72 -39.71
C ALA B 265 -19.13 45.51 -40.67
N ASN B 266 -19.29 44.51 -41.54
CA ASN B 266 -18.25 44.14 -42.50
C ASN B 266 -18.61 44.51 -43.93
N THR B 267 -19.65 45.33 -44.12
CA THR B 267 -20.07 45.78 -45.44
C THR B 267 -20.02 47.31 -45.50
N ALA B 268 -19.87 47.84 -46.72
CA ALA B 268 -19.88 49.28 -46.91
C ALA B 268 -21.22 49.86 -46.47
N ALA B 269 -22.33 49.24 -46.91
CA ALA B 269 -23.65 49.75 -46.54
C ALA B 269 -23.89 49.67 -45.05
N GLY B 270 -23.52 48.55 -44.42
CA GLY B 270 -23.67 48.43 -42.98
C GLY B 270 -22.82 49.44 -42.23
N ALA B 271 -21.63 49.73 -42.74
CA ALA B 271 -20.75 50.70 -42.10
C ALA B 271 -21.39 52.09 -42.12
N ARG B 272 -21.79 52.55 -43.30
CA ARG B 272 -22.47 53.84 -43.40
C ARG B 272 -23.69 53.87 -42.48
N ASN B 273 -24.44 52.76 -42.42
CA ASN B 273 -25.64 52.73 -41.60
C ASN B 273 -25.31 52.89 -40.12
N ASN B 274 -24.20 52.30 -39.67
CA ASN B 274 -23.86 52.36 -38.26
C ASN B 274 -23.23 53.69 -37.85
N ILE B 275 -22.61 54.41 -38.80
CA ILE B 275 -22.11 55.76 -38.54
C ILE B 275 -23.01 56.84 -39.12
N GLY B 276 -24.13 56.46 -39.73
CA GLY B 276 -25.07 57.44 -40.26
C GLY B 276 -24.53 58.26 -41.42
N ALA B 277 -23.79 57.62 -42.32
CA ALA B 277 -23.19 58.32 -43.45
C ALA B 277 -24.00 58.09 -44.72
N GLY B 278 -23.86 59.03 -45.65
CA GLY B 278 -24.59 58.97 -46.90
C GLY B 278 -23.67 58.78 -48.09
N VAL B 279 -24.20 58.22 -49.17
CA VAL B 279 -23.43 57.95 -50.37
C VAL B 279 -23.25 59.26 -51.13
N PRO B 280 -22.24 59.38 -51.99
CA PRO B 280 -22.05 60.62 -52.74
C PRO B 280 -23.05 60.74 -53.89
N ALA B 281 -23.26 61.98 -54.31
CA ALA B 281 -24.19 62.26 -55.39
C ALA B 281 -23.53 62.06 -56.74
N THR B 282 -24.35 61.83 -57.75
CA THR B 282 -23.90 61.70 -59.13
C THR B 282 -24.58 62.78 -59.97
N ALA B 283 -23.88 63.27 -60.98
CA ALA B 283 -24.40 64.38 -61.77
C ALA B 283 -23.77 64.38 -63.15
N SER B 284 -24.48 65.01 -64.08
CA SER B 284 -23.98 65.28 -65.43
C SER B 284 -24.04 66.81 -65.60
N ARG B 285 -22.88 67.45 -65.52
CA ARG B 285 -22.82 68.92 -65.45
C ARG B 285 -22.79 69.52 -66.85
N ALA B 286 -23.90 69.33 -67.56
CA ALA B 286 -24.08 69.84 -68.91
C ALA B 286 -25.25 70.83 -68.95
N LEU B 287 -25.34 71.54 -70.07
CA LEU B 287 -26.47 72.45 -70.27
C LEU B 287 -27.79 71.68 -70.20
N ASN B 288 -27.86 70.52 -70.84
CA ASN B 288 -28.97 69.59 -70.66
C ASN B 288 -28.53 68.48 -69.70
N GLY B 289 -28.25 68.88 -68.46
CA GLY B 289 -27.66 68.01 -67.47
C GLY B 289 -28.65 67.57 -66.41
N TRP B 290 -28.10 66.89 -65.40
CA TRP B 290 -28.91 66.36 -64.30
C TRP B 290 -28.04 66.22 -63.06
N TRP B 291 -28.70 66.00 -61.94
CA TRP B 291 -28.04 65.84 -60.64
C TRP B 291 -28.87 64.87 -59.82
N LYS B 292 -28.23 63.84 -59.29
CA LYS B 292 -28.95 62.79 -58.55
C LYS B 292 -28.41 62.69 -57.13
N ASP B 293 -29.33 62.69 -56.17
CA ASP B 293 -29.00 62.43 -54.77
C ASP B 293 -29.28 60.95 -54.51
N ASN B 294 -28.22 60.15 -54.48
CA ASN B 294 -28.39 58.71 -54.35
C ASN B 294 -28.84 58.28 -52.97
N ASP B 295 -28.79 59.17 -51.97
CA ASP B 295 -29.41 58.88 -50.68
C ASP B 295 -30.90 58.62 -50.86
N THR B 296 -31.61 59.54 -51.52
CA THR B 296 -33.05 59.43 -51.71
C THR B 296 -33.43 58.95 -53.10
N GLY B 297 -32.52 59.04 -54.07
CA GLY B 297 -32.83 58.71 -55.44
C GLY B 297 -33.42 59.84 -56.25
N LEU B 298 -33.64 61.00 -55.64
CA LEU B 298 -34.22 62.13 -56.35
C LEU B 298 -33.27 62.65 -57.41
N ILE B 299 -33.83 63.11 -58.52
CA ILE B 299 -33.07 63.57 -59.66
C ILE B 299 -33.58 64.94 -60.07
N VAL B 300 -32.66 65.84 -60.40
CA VAL B 300 -32.99 67.21 -60.80
C VAL B 300 -32.30 67.48 -62.13
N GLN B 301 -33.08 67.70 -63.19
CA GLN B 301 -32.54 67.95 -64.50
C GLN B 301 -32.95 69.34 -64.98
N TRP B 302 -32.13 69.89 -65.87
CA TRP B 302 -32.38 71.19 -66.48
C TRP B 302 -32.07 71.09 -67.96
N MET B 303 -32.72 71.92 -68.76
CA MET B 303 -32.63 71.81 -70.20
C MET B 303 -33.15 73.08 -70.84
N GLN B 304 -32.81 73.25 -72.12
CA GLN B 304 -33.25 74.40 -72.89
C GLN B 304 -33.33 73.99 -74.36
N VAL B 305 -34.31 74.56 -75.07
CA VAL B 305 -34.51 74.30 -76.49
C VAL B 305 -34.77 75.63 -77.18
N ASN B 306 -34.27 75.76 -78.40
CA ASN B 306 -34.46 76.96 -79.21
C ASN B 306 -35.64 76.76 -80.13
N VAL B 307 -36.60 77.69 -80.07
CA VAL B 307 -37.83 77.61 -80.85
C VAL B 307 -37.80 78.60 -82.02
N GLY B 308 -37.59 79.88 -81.71
CA GLY B 308 -37.63 80.92 -82.71
C GLY B 308 -38.79 81.87 -82.51
N ASP B 309 -39.57 82.11 -83.57
CA ASP B 309 -40.70 83.01 -83.51
C ASP B 309 -41.95 82.27 -83.08
N HIS B 310 -42.81 82.95 -82.34
CA HIS B 310 -44.13 82.44 -82.00
C HIS B 310 -45.11 82.93 -83.07
N PRO B 311 -45.65 82.06 -83.92
CA PRO B 311 -46.49 82.57 -85.02
C PRO B 311 -47.78 83.20 -84.54
N GLY B 312 -48.29 82.80 -83.38
CA GLY B 312 -49.55 83.28 -82.88
C GLY B 312 -50.45 82.15 -82.43
N GLY B 313 -51.50 82.52 -81.70
CA GLY B 313 -52.40 81.51 -81.19
C GLY B 313 -51.74 80.71 -80.08
N ILE B 314 -51.76 79.39 -80.23
CA ILE B 314 -51.30 78.47 -79.20
C ILE B 314 -50.30 77.50 -79.82
N ILE B 315 -49.19 77.27 -79.13
CA ILE B 315 -48.11 76.43 -79.63
C ILE B 315 -47.79 75.38 -78.57
N ASP B 316 -47.71 74.12 -78.99
CA ASP B 316 -47.30 73.02 -78.13
C ASP B 316 -45.98 72.46 -78.62
N ARG B 317 -45.11 72.10 -77.67
CA ARG B 317 -43.82 71.53 -78.01
C ARG B 317 -43.44 70.49 -76.96
N THR B 318 -42.83 69.41 -77.42
CA THR B 318 -42.37 68.34 -76.55
C THR B 318 -40.88 68.50 -76.29
N LEU B 319 -40.50 68.50 -75.02
CA LEU B 319 -39.10 68.57 -74.61
C LEU B 319 -38.72 67.25 -73.97
N THR B 320 -37.57 66.70 -74.35
CA THR B 320 -37.11 65.41 -73.87
C THR B 320 -36.07 65.60 -72.78
N PHE B 321 -36.31 65.02 -71.61
CA PHE B 321 -35.42 65.20 -70.48
C PHE B 321 -34.04 64.63 -70.80
N PRO B 322 -32.98 65.20 -70.23
CA PRO B 322 -31.63 64.61 -70.42
C PRO B 322 -31.58 63.11 -70.18
N ILE B 323 -32.22 62.65 -69.10
CA ILE B 323 -32.34 61.22 -68.82
C ILE B 323 -33.76 60.94 -68.36
N ALA B 324 -34.18 59.69 -68.51
CA ALA B 324 -35.52 59.29 -68.13
C ALA B 324 -35.61 59.11 -66.62
N PHE B 325 -36.72 59.55 -66.04
CA PHE B 325 -36.96 59.33 -64.62
C PHE B 325 -37.31 57.86 -64.42
N PRO B 326 -36.56 57.12 -63.59
CA PRO B 326 -36.88 55.69 -63.40
C PRO B 326 -38.33 55.43 -63.06
N SER B 327 -38.95 56.27 -62.23
CA SER B 327 -40.30 56.04 -61.74
C SER B 327 -41.28 57.10 -62.18
N ALA B 328 -41.00 58.39 -61.92
CA ALA B 328 -41.98 59.43 -62.19
C ALA B 328 -41.31 60.79 -62.17
N CYS B 329 -41.94 61.74 -62.86
CA CYS B 329 -41.57 63.15 -62.81
C CYS B 329 -42.53 63.86 -61.86
N LEU B 330 -41.99 64.50 -60.83
CA LEU B 330 -42.81 65.09 -59.79
C LEU B 330 -43.11 66.56 -60.01
N HIS B 331 -42.32 67.27 -60.80
CA HIS B 331 -42.44 68.71 -60.92
C HIS B 331 -41.68 69.19 -62.14
N VAL B 332 -42.18 70.26 -62.75
CA VAL B 332 -41.49 70.92 -63.85
C VAL B 332 -41.63 72.43 -63.67
N VAL B 333 -40.59 73.16 -64.05
CA VAL B 333 -40.55 74.60 -63.90
C VAL B 333 -40.17 75.22 -65.24
N PRO B 334 -41.15 75.58 -66.07
CA PRO B 334 -40.82 76.16 -67.39
C PRO B 334 -40.69 77.67 -67.34
N THR B 335 -39.67 78.16 -68.04
CA THR B 335 -39.42 79.60 -68.18
C THR B 335 -39.04 79.87 -69.63
N VAL B 336 -38.95 81.14 -69.97
CA VAL B 336 -38.76 81.57 -71.35
C VAL B 336 -37.34 82.10 -71.51
N LYS B 337 -36.68 81.68 -72.58
CA LYS B 337 -35.35 82.14 -72.94
C LYS B 337 -35.43 83.00 -74.19
N GLU B 338 -34.58 84.03 -74.26
CA GLU B 338 -34.48 84.89 -75.43
C GLU B 338 -33.26 84.48 -76.23
N VAL B 339 -33.48 83.75 -77.33
CA VAL B 339 -32.38 83.41 -78.23
C VAL B 339 -31.93 84.66 -78.98
N GLY B 340 -32.88 85.47 -79.44
CA GLY B 340 -32.57 86.71 -80.14
C GLY B 340 -33.75 87.65 -80.04
N ARG B 341 -33.49 88.91 -80.41
CA ARG B 341 -34.48 89.98 -80.30
C ARG B 341 -34.64 90.66 -81.66
N PRO B 342 -35.24 89.97 -82.62
CA PRO B 342 -35.42 90.57 -83.95
C PRO B 342 -36.39 91.73 -83.95
N ALA B 343 -37.58 91.52 -83.38
CA ALA B 343 -38.61 92.55 -83.34
C ALA B 343 -38.94 92.96 -81.91
N THR B 344 -39.36 92.02 -81.07
CA THR B 344 -39.67 92.29 -79.68
C THR B 344 -38.99 91.24 -78.81
N SER B 345 -39.08 91.43 -77.50
CA SER B 345 -38.43 90.53 -76.57
C SER B 345 -39.20 89.22 -76.46
N ALA B 346 -38.47 88.18 -76.02
CA ALA B 346 -39.10 86.89 -75.79
C ALA B 346 -39.97 86.89 -74.55
N SER B 347 -39.82 87.87 -73.67
CA SER B 347 -40.70 88.00 -72.52
C SER B 347 -42.15 88.23 -72.93
N THR B 348 -42.37 88.69 -74.16
CA THR B 348 -43.74 88.77 -74.68
C THR B 348 -44.31 87.39 -74.95
N VAL B 349 -43.53 86.33 -74.74
CA VAL B 349 -43.99 84.96 -74.83
C VAL B 349 -43.99 84.36 -73.43
N THR B 350 -45.09 83.71 -73.07
CA THR B 350 -45.23 83.03 -71.80
C THR B 350 -45.55 81.57 -72.04
N VAL B 351 -45.24 80.72 -71.05
CA VAL B 351 -45.36 79.28 -71.20
C VAL B 351 -46.12 78.70 -70.02
N ALA B 352 -46.45 77.43 -70.15
CA ALA B 352 -47.07 76.62 -69.10
C ALA B 352 -46.96 75.16 -69.54
N ASP B 353 -46.91 74.26 -68.55
CA ASP B 353 -46.73 72.84 -68.84
C ASP B 353 -48.08 72.17 -69.04
N VAL B 354 -48.19 71.39 -70.12
CA VAL B 354 -49.43 70.67 -70.42
C VAL B 354 -49.40 69.27 -69.82
N SER B 355 -48.29 68.56 -69.94
CA SER B 355 -48.18 67.20 -69.43
C SER B 355 -46.72 66.89 -69.12
N VAL B 356 -46.52 65.83 -68.35
CA VAL B 356 -45.19 65.36 -68.00
C VAL B 356 -45.17 63.84 -68.07
N SER B 357 -44.00 63.29 -68.37
CA SER B 357 -43.78 61.85 -68.41
C SER B 357 -42.38 61.58 -67.87
N ASN B 358 -42.03 60.30 -67.75
CA ASN B 358 -40.69 59.93 -67.32
C ASN B 358 -39.63 60.36 -68.32
N THR B 359 -39.99 60.52 -69.59
CA THR B 359 -39.02 60.85 -70.63
C THR B 359 -38.98 62.33 -70.98
N GLY B 360 -40.07 63.05 -70.79
CA GLY B 360 -40.09 64.45 -71.15
C GLY B 360 -41.39 65.11 -70.74
N CYS B 361 -41.67 66.25 -71.37
CA CYS B 361 -42.86 67.02 -71.05
C CYS B 361 -43.35 67.72 -72.31
N VAL B 362 -44.51 68.36 -72.20
CA VAL B 362 -45.09 69.14 -73.28
C VAL B 362 -45.39 70.53 -72.73
N ILE B 363 -44.83 71.56 -73.37
CA ILE B 363 -44.96 72.93 -72.93
C ILE B 363 -45.79 73.68 -73.95
N VAL B 364 -46.78 74.44 -73.47
CA VAL B 364 -47.60 75.30 -74.31
C VAL B 364 -47.14 76.73 -74.12
N SER B 365 -47.16 77.50 -75.21
CA SER B 365 -46.67 78.87 -75.20
C SER B 365 -47.65 79.76 -75.94
N SER B 366 -47.67 81.03 -75.56
CA SER B 366 -48.52 82.02 -76.21
C SER B 366 -47.89 83.39 -76.01
N GLU B 367 -48.27 84.32 -76.89
CA GLU B 367 -47.71 85.67 -76.90
C GLU B 367 -48.82 86.68 -76.72
N TYR B 368 -48.48 87.84 -76.15
CA TYR B 368 -49.39 88.96 -76.03
C TYR B 368 -48.98 90.16 -76.88
N TYR B 369 -47.94 90.03 -77.70
CA TYR B 369 -47.64 90.97 -78.76
C TYR B 369 -47.54 90.19 -80.07
N GLY B 370 -48.16 90.73 -81.12
CA GLY B 370 -48.21 90.03 -82.40
C GLY B 370 -46.97 90.25 -83.24
N LEU B 371 -45.82 90.39 -82.58
CA LEU B 371 -44.55 90.68 -83.23
C LEU B 371 -43.67 89.44 -83.25
N ALA B 372 -42.56 89.56 -83.96
CA ALA B 372 -41.63 88.45 -84.11
C ALA B 372 -40.73 88.33 -82.88
N GLN B 373 -40.35 87.08 -82.59
CA GLN B 373 -39.45 86.79 -81.48
C GLN B 373 -38.46 85.73 -81.93
N ASN B 374 -37.42 85.54 -81.12
CA ASN B 374 -36.50 84.41 -81.23
C ASN B 374 -36.37 83.86 -79.82
N TYR B 375 -37.38 83.10 -79.39
CA TYR B 375 -37.47 82.67 -78.01
C TYR B 375 -37.16 81.17 -77.89
N GLY B 376 -36.75 80.79 -76.68
CA GLY B 376 -36.55 79.40 -76.35
C GLY B 376 -37.30 79.05 -75.07
N ILE B 377 -37.38 77.76 -74.79
CA ILE B 377 -38.07 77.25 -73.62
C ILE B 377 -37.04 76.61 -72.69
N ARG B 378 -36.96 77.12 -71.47
CA ARG B 378 -36.20 76.48 -70.41
C ARG B 378 -37.12 75.65 -69.53
N VAL B 379 -36.63 74.51 -69.08
CA VAL B 379 -37.40 73.62 -68.22
C VAL B 379 -36.47 73.02 -67.17
N MET B 380 -36.90 73.06 -65.92
CA MET B 380 -36.24 72.35 -64.83
C MET B 380 -37.22 71.35 -64.25
N ALA B 381 -36.76 70.12 -64.03
CA ALA B 381 -37.64 69.04 -63.62
C ALA B 381 -37.13 68.39 -62.34
N ILE B 382 -38.04 67.75 -61.63
CA ILE B 382 -37.74 67.05 -60.38
C ILE B 382 -38.50 65.75 -60.37
N GLY B 383 -37.81 64.65 -60.07
CA GLY B 383 -38.45 63.35 -60.02
C GLY B 383 -37.51 62.31 -59.47
N TYR B 384 -37.94 61.05 -59.59
CA TYR B 384 -37.15 59.92 -59.09
C TYR B 384 -37.34 58.69 -59.97
N ALA C 11 91.84 -52.10 52.10
CA ALA C 11 91.24 -51.07 51.27
C ALA C 11 89.87 -50.69 51.79
N LEU C 12 89.63 -49.39 51.90
CA LEU C 12 88.36 -48.91 52.44
C LEU C 12 87.22 -49.18 51.46
N ALA C 13 86.06 -49.48 52.03
CA ALA C 13 84.83 -49.60 51.27
C ALA C 13 83.91 -48.43 51.61
N ALA C 14 82.97 -48.15 50.71
CA ALA C 14 82.09 -47.00 50.92
C ALA C 14 81.38 -47.10 52.27
N THR C 15 81.06 -48.32 52.72
CA THR C 15 80.37 -48.49 53.98
C THR C 15 81.22 -48.06 55.17
N ASP C 16 82.55 -47.98 55.00
CA ASP C 16 83.43 -47.48 56.06
C ASP C 16 83.38 -45.96 56.17
N ILE C 17 83.00 -45.27 55.11
CA ILE C 17 83.02 -43.80 55.11
C ILE C 17 81.76 -43.27 55.80
N PRO C 18 81.88 -42.36 56.74
CA PRO C 18 80.69 -41.83 57.42
C PRO C 18 79.96 -40.80 56.56
N GLY C 19 78.80 -40.39 57.06
CA GLY C 19 78.08 -39.32 56.40
C GLY C 19 78.92 -38.04 56.37
N LEU C 20 78.89 -37.37 55.23
CA LEU C 20 79.73 -36.21 54.99
C LEU C 20 78.86 -34.97 54.75
N ASP C 21 79.41 -33.82 55.14
CA ASP C 21 78.80 -32.53 54.87
C ASP C 21 79.16 -32.05 53.47
N ALA C 22 78.29 -31.20 52.91
CA ALA C 22 78.55 -30.67 51.57
C ALA C 22 79.89 -29.95 51.52
N SER C 23 80.36 -29.41 52.63
CA SER C 23 81.64 -28.70 52.64
C SER C 23 82.82 -29.63 52.42
N LYS C 24 82.61 -30.95 52.41
CA LYS C 24 83.70 -31.88 52.15
C LYS C 24 84.11 -31.86 50.69
N LEU C 25 83.21 -31.47 49.78
CA LEU C 25 83.57 -31.31 48.38
C LEU C 25 84.23 -29.95 48.24
N VAL C 26 85.56 -29.95 48.07
CA VAL C 26 86.36 -28.73 48.09
C VAL C 26 86.75 -28.24 46.70
N SER C 27 86.43 -28.99 45.65
CA SER C 27 86.85 -28.64 44.30
C SER C 27 85.98 -29.40 43.30
N GLY C 28 86.13 -29.04 42.03
CA GLY C 28 85.51 -29.77 40.95
C GLY C 28 84.06 -29.39 40.71
N VAL C 29 83.57 -29.79 39.54
CA VAL C 29 82.18 -29.58 39.14
C VAL C 29 81.49 -30.94 39.13
N LEU C 30 80.44 -31.08 39.93
CA LEU C 30 79.65 -32.30 39.97
C LEU C 30 79.22 -32.72 38.57
N ALA C 31 79.29 -34.02 38.30
CA ALA C 31 78.63 -34.59 37.14
C ALA C 31 77.13 -34.30 37.25
N GLU C 32 76.54 -33.83 36.15
CA GLU C 32 75.15 -33.41 36.26
C GLU C 32 74.23 -34.55 36.64
N GLN C 33 74.62 -35.80 36.39
CA GLN C 33 73.79 -36.93 36.79
C GLN C 33 73.58 -36.99 38.29
N ARG C 34 74.44 -36.33 39.07
CA ARG C 34 74.29 -36.27 40.51
C ARG C 34 73.21 -35.29 40.94
N LEU C 35 72.71 -34.45 40.03
CA LEU C 35 71.75 -33.42 40.39
C LEU C 35 70.32 -33.95 40.38
N PRO C 36 69.47 -33.46 41.28
CA PRO C 36 68.02 -33.68 41.10
C PRO C 36 67.61 -33.34 39.68
N VAL C 37 66.69 -34.14 39.13
CA VAL C 37 66.44 -34.08 37.70
C VAL C 37 65.97 -32.71 37.27
N PHE C 38 65.23 -32.01 38.12
CA PHE C 38 64.71 -30.71 37.71
C PHE C 38 65.83 -29.68 37.54
N ALA C 39 66.92 -29.82 38.29
CA ALA C 39 68.04 -28.90 38.10
C ALA C 39 68.80 -29.18 36.82
N ARG C 40 68.46 -30.23 36.10
CA ARG C 40 69.03 -30.53 34.79
C ARG C 40 68.08 -30.18 33.65
N GLY C 41 66.93 -29.57 33.96
CA GLY C 41 65.92 -29.32 32.96
C GLY C 41 65.01 -30.49 32.67
N LEU C 42 65.10 -31.57 33.44
CA LEU C 42 64.30 -32.77 33.20
C LEU C 42 62.98 -32.66 33.96
N ALA C 43 61.87 -32.76 33.23
CA ALA C 43 60.54 -32.70 33.83
C ALA C 43 60.08 -34.09 34.26
N THR C 44 60.96 -34.81 34.95
CA THR C 44 60.71 -36.21 35.30
C THR C 44 60.60 -36.44 36.79
N ALA C 45 60.45 -35.36 37.58
CA ALA C 45 60.48 -35.51 39.04
C ALA C 45 59.20 -36.14 39.58
N VAL C 46 58.06 -35.91 38.93
CA VAL C 46 56.78 -36.38 39.42
C VAL C 46 56.01 -37.03 38.29
N SER C 47 54.91 -37.70 38.66
CA SER C 47 54.06 -38.33 37.66
C SER C 47 53.52 -37.29 36.69
N ASN C 48 53.24 -37.73 35.47
CA ASN C 48 52.81 -36.83 34.42
C ASN C 48 51.32 -36.52 34.46
N SER C 49 50.65 -36.86 35.56
CA SER C 49 49.29 -36.40 35.81
C SER C 49 49.20 -35.67 37.14
N SER C 50 50.35 -35.27 37.70
CA SER C 50 50.37 -34.58 38.99
C SER C 50 49.59 -33.28 38.91
N ASP C 51 49.00 -32.90 40.04
CA ASP C 51 48.22 -31.69 40.14
C ASP C 51 49.14 -30.49 40.35
N PRO C 52 49.22 -29.57 39.39
CA PRO C 52 50.09 -28.40 39.58
C PRO C 52 49.68 -27.51 40.73
N ASN C 53 48.42 -27.58 41.16
CA ASN C 53 47.99 -26.79 42.32
C ASN C 53 48.77 -27.16 43.57
N THR C 54 49.13 -28.44 43.71
CA THR C 54 49.84 -28.93 44.89
C THR C 54 51.33 -29.07 44.64
N ALA C 55 51.86 -28.37 43.64
CA ALA C 55 53.25 -28.55 43.24
C ALA C 55 54.20 -28.20 44.39
N THR C 56 55.21 -29.05 44.57
CA THR C 56 56.34 -28.76 45.44
C THR C 56 57.67 -28.86 44.72
N VAL C 57 57.68 -29.24 43.45
CA VAL C 57 58.92 -29.33 42.67
C VAL C 57 58.97 -28.18 41.67
N PRO C 58 60.15 -27.68 41.31
CA PRO C 58 60.22 -26.53 40.41
C PRO C 58 59.94 -26.84 38.95
N LEU C 59 59.84 -28.12 38.56
CA LEU C 59 59.56 -28.46 37.18
C LEU C 59 58.78 -29.77 37.10
N MET C 60 57.72 -29.77 36.30
CA MET C 60 56.91 -30.95 36.08
C MET C 60 56.32 -30.89 34.68
N LEU C 61 55.85 -32.05 34.22
CA LEU C 61 55.10 -32.17 32.97
C LEU C 61 53.79 -32.87 33.29
N THR C 62 52.66 -32.23 33.01
CA THR C 62 51.39 -32.81 33.42
C THR C 62 50.27 -32.37 32.48
N ASN C 63 49.32 -33.28 32.29
CA ASN C 63 48.07 -32.96 31.62
C ASN C 63 46.91 -32.85 32.61
N HIS C 64 47.22 -32.66 33.88
CA HIS C 64 46.19 -32.55 34.91
C HIS C 64 45.25 -31.40 34.58
N ALA C 65 43.99 -31.55 35.00
CA ALA C 65 42.96 -30.57 34.64
C ALA C 65 43.35 -29.15 35.04
N ASN C 66 44.09 -28.98 36.13
CA ASN C 66 44.43 -27.65 36.62
C ASN C 66 45.51 -26.96 35.79
N GLY C 67 45.99 -27.59 34.72
CA GLY C 67 46.81 -26.90 33.75
C GLY C 67 46.00 -25.89 32.96
N PRO C 68 46.68 -25.21 32.03
CA PRO C 68 46.03 -24.12 31.30
C PRO C 68 45.04 -24.55 30.21
N VAL C 69 45.22 -25.74 29.64
CA VAL C 69 44.40 -26.18 28.50
C VAL C 69 43.97 -27.63 28.72
N ALA C 70 42.66 -27.87 28.69
CA ALA C 70 42.11 -29.18 29.01
C ALA C 70 42.57 -30.25 28.04
N GLY C 71 43.05 -31.37 28.58
CA GLY C 71 43.47 -32.49 27.77
C GLY C 71 44.87 -32.40 27.22
N ARG C 72 45.62 -31.33 27.51
CA ARG C 72 46.93 -31.13 26.93
C ARG C 72 48.01 -31.17 28.00
N TYR C 73 49.16 -31.74 27.63
CA TYR C 73 50.34 -31.73 28.49
C TYR C 73 51.03 -30.37 28.42
N PHE C 74 51.51 -29.89 29.57
CA PHE C 74 52.30 -28.68 29.64
C PHE C 74 53.48 -28.91 30.58
N TYR C 75 54.64 -28.40 30.20
CA TYR C 75 55.71 -28.20 31.15
C TYR C 75 55.32 -27.04 32.08
N ILE C 76 55.43 -27.26 33.38
CA ILE C 76 55.06 -26.24 34.37
C ILE C 76 56.27 -25.99 35.27
N GLN C 77 56.81 -24.77 35.22
CA GLN C 77 57.83 -24.32 36.15
C GLN C 77 57.16 -23.69 37.36
N SER C 78 57.75 -23.91 38.53
CA SER C 78 57.23 -23.34 39.77
C SER C 78 58.34 -22.65 40.54
N MET C 79 58.01 -21.47 41.06
CA MET C 79 58.90 -20.69 41.92
C MET C 79 58.15 -20.43 43.22
N PHE C 80 58.81 -20.73 44.35
CA PHE C 80 58.13 -20.80 45.63
C PHE C 80 58.67 -19.77 46.61
N TYR C 81 57.81 -19.36 47.55
CA TYR C 81 58.18 -18.55 48.70
C TYR C 81 57.07 -18.68 49.74
N PRO C 82 57.39 -18.87 51.03
CA PRO C 82 58.72 -18.97 51.65
C PRO C 82 59.33 -20.37 51.59
N ASP C 83 58.50 -21.37 51.30
CA ASP C 83 58.96 -22.74 51.11
C ASP C 83 58.16 -23.36 49.98
N GLN C 84 58.49 -24.61 49.65
CA GLN C 84 57.86 -25.27 48.51
C GLN C 84 56.40 -25.64 48.77
N ASN C 85 55.88 -25.41 49.98
CA ASN C 85 54.47 -25.58 50.27
C ASN C 85 53.70 -24.27 50.27
N GLY C 86 54.38 -23.14 50.05
CA GLY C 86 53.81 -21.83 50.23
C GLY C 86 53.36 -21.19 48.94
N ASN C 87 53.47 -19.87 48.88
CA ASN C 87 53.08 -19.13 47.68
C ASN C 87 53.95 -19.54 46.50
N ALA C 88 53.41 -19.39 45.30
CA ALA C 88 54.10 -19.88 44.12
C ALA C 88 53.70 -19.09 42.90
N SER C 89 54.63 -19.00 41.95
CA SER C 89 54.39 -18.51 40.60
C SER C 89 54.65 -19.65 39.63
N GLN C 90 53.79 -19.81 38.63
CA GLN C 90 53.93 -20.90 37.68
C GLN C 90 53.91 -20.40 36.24
N ILE C 91 54.77 -21.00 35.43
CA ILE C 91 54.87 -20.76 34.00
C ILE C 91 54.63 -22.09 33.30
N ALA C 92 53.62 -22.15 32.45
CA ALA C 92 53.29 -23.36 31.71
C ALA C 92 53.66 -23.16 30.25
N THR C 93 54.37 -24.14 29.68
CA THR C 93 54.71 -24.11 28.25
C THR C 93 54.29 -25.42 27.60
N SER C 94 53.86 -25.33 26.35
CA SER C 94 53.18 -26.44 25.70
C SER C 94 54.15 -27.59 25.44
N TYR C 95 53.60 -28.80 25.43
CA TYR C 95 54.36 -30.02 25.21
C TYR C 95 54.36 -30.47 23.76
N ASN C 96 53.37 -30.05 22.98
CA ASN C 96 53.22 -30.51 21.60
C ASN C 96 52.16 -29.65 20.92
N ALA C 97 52.06 -29.82 19.60
CA ALA C 97 50.97 -29.31 18.79
C ALA C 97 51.12 -27.82 18.49
N THR C 98 51.27 -27.01 19.53
CA THR C 98 51.45 -25.57 19.35
C THR C 98 52.49 -25.07 20.34
N SER C 99 52.96 -23.85 20.09
CA SER C 99 53.92 -23.17 20.96
C SER C 99 53.16 -22.12 21.75
N GLU C 100 52.82 -22.46 22.99
CA GLU C 100 52.01 -21.60 23.86
C GLU C 100 52.64 -21.49 25.23
N MET C 101 52.33 -20.38 25.91
CA MET C 101 52.85 -20.11 27.24
C MET C 101 51.76 -19.46 28.08
N TYR C 102 51.69 -19.85 29.35
CA TYR C 102 50.75 -19.26 30.30
C TYR C 102 51.49 -19.00 31.61
N VAL C 103 50.88 -18.16 32.44
CA VAL C 103 51.43 -17.83 33.76
C VAL C 103 50.27 -17.70 34.74
N ARG C 104 50.53 -18.09 35.99
CA ARG C 104 49.57 -17.93 37.07
C ARG C 104 50.33 -17.78 38.39
N VAL C 105 49.58 -17.64 39.48
CA VAL C 105 50.18 -17.37 40.78
C VAL C 105 49.20 -17.83 41.86
N SER C 106 49.76 -18.22 43.01
CA SER C 106 48.98 -18.47 44.21
C SER C 106 49.55 -17.62 45.34
N TYR C 107 48.69 -16.82 45.96
CA TYR C 107 49.07 -16.06 47.14
C TYR C 107 47.98 -16.18 48.19
N ALA C 108 48.39 -16.19 49.46
CA ALA C 108 47.45 -16.29 50.56
C ALA C 108 48.16 -15.85 51.84
N ALA C 109 47.39 -15.30 52.77
CA ALA C 109 47.93 -14.91 54.06
C ALA C 109 48.65 -16.08 54.71
N ASN C 110 48.00 -17.25 54.75
CA ASN C 110 48.63 -18.51 55.12
C ASN C 110 49.09 -19.18 53.82
N PRO C 111 50.36 -19.03 53.45
CA PRO C 111 50.78 -19.48 52.10
C PRO C 111 50.55 -20.95 51.84
N SER C 112 50.43 -21.77 52.88
CA SER C 112 50.20 -23.20 52.70
C SER C 112 48.78 -23.50 52.26
N ILE C 113 47.84 -22.58 52.48
CA ILE C 113 46.46 -22.74 52.04
C ILE C 113 46.35 -21.93 50.75
N ARG C 114 46.69 -22.56 49.63
CA ARG C 114 46.89 -21.84 48.38
C ARG C 114 45.58 -21.36 47.78
N GLU C 115 45.66 -20.20 47.11
CA GLU C 115 44.54 -19.58 46.42
C GLU C 115 45.05 -19.23 45.02
N TRP C 116 44.81 -20.13 44.07
CA TRP C 116 45.32 -19.97 42.72
C TRP C 116 44.47 -19.00 41.92
N LEU C 117 45.13 -18.11 41.18
CA LEU C 117 44.46 -17.26 40.22
C LEU C 117 44.40 -17.96 38.86
N PRO C 118 43.52 -17.51 37.97
CA PRO C 118 43.43 -18.16 36.67
C PRO C 118 44.70 -18.01 35.86
N TRP C 119 44.97 -19.01 35.03
CA TRP C 119 46.06 -18.93 34.08
C TRP C 119 45.84 -17.75 33.15
N GLN C 120 46.90 -16.96 32.95
CA GLN C 120 46.92 -15.87 31.99
C GLN C 120 47.81 -16.28 30.82
N ARG C 121 47.30 -16.12 29.61
CA ARG C 121 48.08 -16.47 28.44
C ARG C 121 49.19 -15.44 28.18
N CYS C 122 50.33 -15.93 27.72
CA CYS C 122 51.50 -15.09 27.45
C CYS C 122 51.83 -14.98 25.96
N ASP C 123 51.75 -16.06 25.18
CA ASP C 123 52.08 -15.96 23.77
C ASP C 123 51.02 -15.12 23.04
N ILE C 124 51.46 -14.45 21.99
CA ILE C 124 50.63 -13.44 21.33
C ILE C 124 49.52 -14.10 20.52
N GLY C 125 49.52 -15.44 20.48
CA GLY C 125 48.47 -16.15 19.79
C GLY C 125 47.07 -15.85 20.31
N GLY C 126 46.97 -15.37 21.54
CA GLY C 126 45.68 -15.01 22.11
C GLY C 126 45.29 -13.56 21.93
N SER C 127 46.00 -12.81 21.10
CA SER C 127 45.78 -11.38 20.98
C SER C 127 45.67 -10.98 19.51
N PHE C 128 45.26 -9.74 19.28
CA PHE C 128 45.34 -9.15 17.95
C PHE C 128 46.80 -8.82 17.67
N THR C 129 47.39 -9.50 16.70
CA THR C 129 48.82 -9.42 16.45
C THR C 129 49.11 -8.37 15.37
N LYS C 130 50.35 -7.90 15.37
CA LYS C 130 50.79 -6.92 14.38
C LYS C 130 51.07 -7.56 13.02
N THR C 131 51.14 -8.88 12.95
CA THR C 131 51.14 -9.60 11.70
C THR C 131 49.73 -10.12 11.42
N THR C 132 49.39 -10.25 10.15
CA THR C 132 48.05 -10.67 9.81
C THR C 132 47.86 -12.16 10.10
N ASP C 133 46.62 -12.53 10.42
CA ASP C 133 46.30 -13.93 10.65
C ASP C 133 46.40 -14.76 9.37
N GLY C 134 46.41 -14.13 8.21
CA GLY C 134 46.59 -14.87 6.98
C GLY C 134 46.13 -14.09 5.77
N SER C 135 46.52 -14.59 4.60
CA SER C 135 46.11 -14.06 3.30
C SER C 135 45.11 -15.01 2.67
N ILE C 136 43.94 -14.48 2.29
CA ILE C 136 42.82 -15.28 1.80
C ILE C 136 42.98 -15.53 0.31
N GLY C 137 42.85 -16.79 -0.10
CA GLY C 137 42.91 -17.14 -1.50
C GLY C 137 41.57 -16.95 -2.20
N ASN C 138 41.48 -17.54 -3.38
CA ASN C 138 40.27 -17.46 -4.18
C ASN C 138 39.23 -18.46 -3.69
N GLY C 139 37.96 -18.18 -4.00
CA GLY C 139 36.89 -19.12 -3.74
C GLY C 139 36.57 -19.37 -2.28
N VAL C 140 36.76 -18.38 -1.42
CA VAL C 140 36.54 -18.53 0.01
C VAL C 140 35.22 -17.88 0.39
N ASN C 141 34.52 -18.49 1.35
CA ASN C 141 33.25 -17.98 1.84
C ASN C 141 33.52 -17.26 3.16
N ILE C 142 33.36 -15.93 3.16
CA ILE C 142 33.70 -15.13 4.33
C ILE C 142 32.73 -15.35 5.47
N ASN C 143 31.60 -16.01 5.23
CA ASN C 143 30.71 -16.42 6.31
C ASN C 143 31.38 -17.36 7.30
N SER C 144 32.48 -18.00 6.90
CA SER C 144 33.18 -18.92 7.77
C SER C 144 34.17 -18.24 8.71
N PHE C 145 34.42 -16.94 8.52
CA PHE C 145 35.39 -16.23 9.37
C PHE C 145 34.67 -15.73 10.63
N VAL C 146 34.52 -16.65 11.58
CA VAL C 146 33.79 -16.43 12.80
C VAL C 146 34.71 -16.32 14.01
N ASN C 147 36.01 -16.18 13.79
CA ASN C 147 36.98 -16.06 14.87
C ASN C 147 37.70 -14.72 14.79
N SER C 148 37.97 -14.14 15.97
CA SER C 148 38.62 -12.84 16.04
C SER C 148 39.97 -12.88 15.32
N GLY C 149 40.31 -11.75 14.72
CA GLY C 149 41.56 -11.62 13.99
C GLY C 149 41.38 -10.63 12.85
N TRP C 150 42.39 -10.59 11.99
CA TRP C 150 42.30 -9.79 10.78
C TRP C 150 43.08 -10.48 9.67
N TRP C 151 42.49 -10.46 8.48
CA TRP C 151 42.96 -11.21 7.33
C TRP C 151 43.09 -10.27 6.13
N LEU C 152 43.92 -10.67 5.19
CA LEU C 152 44.18 -9.91 3.98
C LEU C 152 43.54 -10.60 2.79
N GLN C 153 42.78 -9.84 2.01
CA GLN C 153 42.39 -10.27 0.66
C GLN C 153 43.19 -9.41 -0.31
N SER C 154 44.21 -10.01 -0.91
CA SER C 154 45.16 -9.27 -1.73
C SER C 154 44.65 -8.97 -3.13
N THR C 155 43.63 -9.68 -3.59
CA THR C 155 43.28 -9.73 -5.00
C THR C 155 41.79 -9.48 -5.19
N SER C 156 41.45 -8.46 -5.99
CA SER C 156 40.05 -8.17 -6.25
C SER C 156 39.36 -9.35 -6.93
N GLU C 157 40.05 -10.01 -7.85
CA GLU C 157 39.46 -11.14 -8.56
C GLU C 157 39.14 -12.28 -7.60
N TRP C 158 39.90 -12.41 -6.51
CA TRP C 158 39.64 -13.46 -5.54
C TRP C 158 38.47 -13.11 -4.63
N ALA C 159 38.29 -11.82 -4.33
CA ALA C 159 37.07 -11.39 -3.64
C ALA C 159 35.85 -11.65 -4.51
N ALA C 160 35.95 -11.34 -5.80
CA ALA C 160 34.85 -11.60 -6.72
C ALA C 160 34.61 -13.09 -6.89
N GLY C 161 35.65 -13.90 -6.81
CA GLY C 161 35.53 -15.34 -6.92
C GLY C 161 35.18 -16.05 -5.64
N GLY C 162 35.07 -15.33 -4.53
CA GLY C 162 34.67 -15.88 -3.26
C GLY C 162 33.18 -15.73 -3.04
N ALA C 163 32.79 -15.76 -1.78
CA ALA C 163 31.39 -15.64 -1.40
C ALA C 163 31.26 -14.76 -0.18
N ASN C 164 30.29 -13.85 -0.22
CA ASN C 164 29.90 -12.98 0.89
C ASN C 164 30.92 -11.90 1.20
N TYR C 165 31.76 -11.55 0.24
CA TYR C 165 32.44 -10.28 0.31
C TYR C 165 31.44 -9.17 0.00
N PRO C 166 31.58 -7.99 0.62
CA PRO C 166 30.66 -6.89 0.31
C PRO C 166 30.80 -6.35 -1.10
N VAL C 167 31.94 -6.61 -1.75
CA VAL C 167 32.22 -6.10 -3.09
C VAL C 167 33.44 -6.86 -3.61
N GLY C 168 33.54 -6.99 -4.93
CA GLY C 168 34.64 -7.75 -5.52
C GLY C 168 35.93 -6.96 -5.59
N LEU C 169 36.43 -6.53 -4.45
CA LEU C 169 37.65 -5.72 -4.39
C LEU C 169 38.58 -6.27 -3.31
N ALA C 170 39.87 -6.18 -3.59
CA ALA C 170 40.86 -6.47 -2.56
C ALA C 170 40.58 -5.61 -1.33
N GLY C 171 40.96 -6.11 -0.17
CA GLY C 171 40.68 -5.36 1.04
C GLY C 171 41.18 -6.07 2.28
N LEU C 172 40.78 -5.51 3.42
CA LEU C 172 41.17 -5.96 4.75
C LEU C 172 39.92 -6.37 5.51
N LEU C 173 39.94 -7.58 6.07
CA LEU C 173 38.83 -8.11 6.84
C LEU C 173 39.23 -8.17 8.31
N ILE C 174 38.42 -7.57 9.18
CA ILE C 174 38.66 -7.59 10.61
C ILE C 174 37.44 -8.24 11.28
N VAL C 175 37.70 -9.15 12.22
CA VAL C 175 36.66 -9.96 12.83
C VAL C 175 36.77 -9.85 14.35
N TYR C 176 35.62 -9.63 14.99
CA TYR C 176 35.51 -9.59 16.46
C TYR C 176 34.49 -10.65 16.86
N ARG C 177 34.95 -11.77 17.40
CA ARG C 177 34.03 -12.77 17.93
C ARG C 177 33.78 -12.40 19.39
N ALA C 178 32.79 -11.54 19.59
CA ALA C 178 32.43 -11.11 20.95
C ALA C 178 31.71 -12.21 21.71
N HIS C 179 31.06 -13.12 21.01
CA HIS C 179 30.22 -14.17 21.57
C HIS C 179 29.78 -15.04 20.40
N ALA C 180 29.44 -16.29 20.70
CA ALA C 180 29.01 -17.19 19.63
C ALA C 180 27.86 -16.60 18.83
N ASP C 181 26.99 -15.85 19.50
CA ASP C 181 25.83 -15.24 18.84
C ASP C 181 26.06 -13.78 18.46
N HIS C 182 27.30 -13.28 18.58
CA HIS C 182 27.60 -11.86 18.32
C HIS C 182 28.98 -11.76 17.69
N ILE C 183 29.03 -11.83 16.36
CA ILE C 183 30.27 -11.77 15.59
C ILE C 183 30.19 -10.59 14.66
N TYR C 184 31.19 -9.69 14.74
CA TYR C 184 31.24 -8.47 13.95
C TYR C 184 32.37 -8.54 12.94
N GLN C 185 32.08 -8.17 11.70
CA GLN C 185 33.06 -8.12 10.63
C GLN C 185 33.12 -6.70 10.06
N THR C 186 34.33 -6.26 9.71
CA THR C 186 34.55 -5.03 8.98
C THR C 186 35.43 -5.32 7.78
N TYR C 187 35.10 -4.69 6.65
CA TYR C 187 35.88 -4.84 5.43
C TYR C 187 36.24 -3.46 4.91
N VAL C 188 37.54 -3.25 4.67
CA VAL C 188 38.04 -2.01 4.08
C VAL C 188 38.66 -2.37 2.74
N THR C 189 38.14 -1.75 1.67
CA THR C 189 38.65 -2.01 0.33
C THR C 189 39.98 -1.27 0.13
N LEU C 190 40.70 -1.69 -0.92
CA LEU C 190 41.96 -1.03 -1.24
C LEU C 190 41.77 0.43 -1.64
N ASN C 191 40.53 0.86 -1.87
CA ASN C 191 40.25 2.24 -2.22
C ASN C 191 39.68 3.02 -1.05
N GLY C 192 39.59 2.40 0.12
CA GLY C 192 39.25 3.10 1.35
C GLY C 192 37.80 3.04 1.77
N SER C 193 36.98 2.25 1.11
CA SER C 193 35.57 2.16 1.44
C SER C 193 35.35 1.09 2.50
N THR C 194 34.51 1.40 3.48
CA THR C 194 34.25 0.54 4.62
C THR C 194 32.85 -0.05 4.54
N TYR C 195 32.76 -1.35 4.80
CA TYR C 195 31.50 -2.05 5.01
C TYR C 195 31.53 -2.74 6.37
N SER C 196 30.36 -2.99 6.94
CA SER C 196 30.26 -3.63 8.25
C SER C 196 29.03 -4.51 8.29
N ARG C 197 29.14 -5.63 9.01
CA ARG C 197 28.02 -6.54 9.20
C ARG C 197 28.23 -7.35 10.48
N CYS C 198 27.14 -7.95 10.94
CA CYS C 198 27.11 -8.74 12.16
C CYS C 198 26.45 -10.08 11.92
N CYS C 199 27.05 -11.14 12.45
CA CYS C 199 26.42 -12.45 12.56
C CYS C 199 25.68 -12.49 13.88
N TYR C 200 24.36 -12.44 13.84
CA TYR C 200 23.53 -12.40 15.04
C TYR C 200 22.86 -13.76 15.20
N ALA C 201 23.16 -14.42 16.32
CA ALA C 201 22.62 -15.73 16.63
C ALA C 201 22.83 -16.71 15.48
N GLY C 202 23.98 -16.57 14.81
CA GLY C 202 24.36 -17.49 13.77
C GLY C 202 23.88 -17.12 12.37
N SER C 203 23.09 -16.07 12.24
CA SER C 203 22.60 -15.64 10.95
C SER C 203 23.32 -14.35 10.58
N TRP C 204 23.95 -14.34 9.41
CA TRP C 204 24.68 -13.17 8.96
C TRP C 204 23.72 -12.09 8.47
N ARG C 205 23.91 -10.89 8.94
CA ARG C 205 23.07 -9.79 8.50
C ARG C 205 23.71 -9.07 7.32
N PRO C 206 22.94 -8.27 6.58
CA PRO C 206 23.45 -7.69 5.35
C PRO C 206 24.62 -6.76 5.61
N TRP C 207 25.55 -6.71 4.66
CA TRP C 207 26.64 -5.74 4.73
C TRP C 207 26.06 -4.34 4.65
N ARG C 208 26.48 -3.48 5.57
CA ARG C 208 26.11 -2.08 5.57
C ARG C 208 27.21 -1.29 4.87
N GLN C 209 26.82 -0.47 3.89
CA GLN C 209 27.78 0.26 3.07
C GLN C 209 27.79 1.73 3.47
N ASN C 210 28.95 2.21 3.90
CA ASN C 210 29.07 3.63 4.24
C ASN C 210 29.09 4.46 2.96
N TRP C 211 28.45 5.62 3.02
CA TRP C 211 28.58 6.59 1.95
C TRP C 211 29.90 7.34 2.14
N ASP C 212 30.65 7.48 1.05
CA ASP C 212 31.93 8.16 1.08
C ASP C 212 32.12 8.90 -0.24
N ASP C 213 33.22 9.64 -0.34
CA ASP C 213 33.44 10.42 -1.55
C ASP C 213 33.80 9.56 -2.75
N GLY C 214 33.79 8.23 -2.58
CA GLY C 214 33.96 7.33 -3.70
C GLY C 214 32.65 6.90 -4.33
N ASN C 215 31.56 6.95 -3.57
CA ASN C 215 30.26 6.51 -4.09
C ASN C 215 29.17 7.58 -3.97
N PHE C 216 29.47 8.77 -3.46
CA PHE C 216 28.47 9.82 -3.35
C PHE C 216 29.15 11.18 -3.42
N ASP C 217 28.56 12.08 -4.21
CA ASP C 217 29.09 13.43 -4.41
C ASP C 217 27.95 14.43 -4.20
N PRO C 218 27.87 15.05 -3.02
CA PRO C 218 26.78 16.03 -2.79
C PRO C 218 26.81 17.19 -3.76
N ALA C 219 27.97 17.53 -4.33
CA ALA C 219 28.04 18.61 -5.30
C ALA C 219 27.23 18.33 -6.55
N SER C 220 26.81 17.08 -6.74
CA SER C 220 26.00 16.68 -7.88
C SER C 220 24.51 16.85 -7.63
N TYR C 221 24.11 17.25 -6.43
CA TYR C 221 22.70 17.35 -6.07
C TYR C 221 22.36 18.80 -5.76
N LEU C 222 21.10 19.14 -5.98
CA LEU C 222 20.67 20.53 -5.92
C LEU C 222 20.40 20.94 -4.47
N PRO C 223 21.09 21.94 -3.94
CA PRO C 223 20.72 22.47 -2.63
C PRO C 223 19.37 23.16 -2.73
N LYS C 224 18.63 23.14 -1.62
CA LYS C 224 17.37 23.86 -1.58
C LYS C 224 17.56 25.33 -1.96
N ALA C 225 18.69 25.93 -1.59
CA ALA C 225 18.95 27.33 -1.90
C ALA C 225 19.13 27.57 -3.39
N GLY C 226 19.47 26.53 -4.16
CA GLY C 226 19.58 26.66 -5.59
C GLY C 226 18.31 26.37 -6.35
N PHE C 227 17.19 26.18 -5.66
CA PHE C 227 15.91 25.84 -6.26
C PHE C 227 15.08 27.13 -6.35
N THR C 228 15.26 27.86 -7.44
CA THR C 228 14.50 29.09 -7.69
C THR C 228 14.25 29.24 -9.18
N TRP C 229 13.21 30.02 -9.50
CA TRP C 229 12.89 30.30 -10.90
C TRP C 229 14.08 30.89 -11.64
N ALA C 230 14.76 31.85 -11.02
CA ALA C 230 15.88 32.52 -11.69
C ALA C 230 16.99 31.53 -12.04
N ALA C 231 17.21 30.52 -11.19
CA ALA C 231 18.26 29.55 -11.38
C ALA C 231 17.86 28.38 -12.28
N LEU C 232 16.58 28.22 -12.60
CA LEU C 232 16.13 27.08 -13.40
C LEU C 232 16.63 27.22 -14.84
N PRO C 233 17.46 26.30 -15.33
CA PRO C 233 17.93 26.39 -16.71
C PRO C 233 16.92 25.85 -17.70
N GLY C 234 17.08 26.28 -18.96
CA GLY C 234 16.27 25.77 -20.04
C GLY C 234 14.92 26.41 -20.20
N LYS C 235 14.68 27.55 -19.56
CA LYS C 235 13.38 28.20 -19.65
C LYS C 235 13.22 28.85 -21.02
N PRO C 236 12.02 28.83 -21.60
CA PRO C 236 11.82 29.45 -22.91
C PRO C 236 11.82 30.97 -22.82
N ALA C 237 12.17 31.60 -23.94
CA ALA C 237 12.16 33.05 -23.99
C ALA C 237 10.74 33.61 -24.00
N THR C 238 9.81 32.90 -24.65
CA THR C 238 8.42 33.30 -24.66
C THR C 238 7.55 32.08 -24.32
N PHE C 239 6.32 32.36 -23.90
CA PHE C 239 5.42 31.33 -23.41
C PHE C 239 4.09 31.40 -24.16
N PRO C 240 3.45 30.25 -24.39
CA PRO C 240 2.12 30.27 -25.02
C PRO C 240 1.11 30.98 -24.14
N PRO C 241 0.55 32.10 -24.61
CA PRO C 241 -0.31 32.89 -23.73
C PRO C 241 -1.66 32.23 -23.51
N SER C 242 -2.25 32.51 -22.36
CA SER C 242 -3.61 32.10 -22.06
C SER C 242 -4.57 33.23 -22.44
N GLY C 243 -5.86 32.91 -22.39
CA GLY C 243 -6.89 33.85 -22.79
C GLY C 243 -6.77 35.19 -22.09
N HIS C 244 -6.75 36.27 -22.88
CA HIS C 244 -6.62 37.61 -22.33
C HIS C 244 -7.31 38.60 -23.26
N ASN C 245 -7.43 39.84 -22.78
CA ASN C 245 -8.03 40.93 -23.53
C ASN C 245 -6.98 42.00 -23.79
N HIS C 246 -7.37 43.01 -24.56
CA HIS C 246 -6.44 44.05 -25.00
C HIS C 246 -7.17 45.39 -25.06
N ASP C 247 -6.38 46.45 -25.13
CA ASP C 247 -6.87 47.80 -25.38
C ASP C 247 -6.38 48.25 -26.75
N THR C 248 -7.15 49.12 -27.40
CA THR C 248 -6.78 49.59 -28.73
C THR C 248 -5.40 50.21 -28.75
N SER C 249 -4.98 50.85 -27.65
CA SER C 249 -3.66 51.47 -27.60
C SER C 249 -2.55 50.46 -27.85
N GLN C 250 -2.78 49.20 -27.49
CA GLN C 250 -1.77 48.17 -27.75
C GLN C 250 -1.70 47.77 -29.22
N ILE C 251 -2.78 47.99 -29.98
CA ILE C 251 -2.72 47.83 -31.43
C ILE C 251 -1.88 48.99 -31.99
N THR C 252 -0.59 48.73 -32.26
CA THR C 252 0.36 49.79 -32.53
C THR C 252 0.81 49.87 -33.98
N SER C 253 0.46 48.90 -34.82
CA SER C 253 0.90 48.90 -36.21
C SER C 253 -0.14 48.19 -37.06
N GLY C 254 -0.08 48.44 -38.36
CA GLY C 254 -1.02 47.87 -39.31
C GLY C 254 -2.26 48.72 -39.48
N ILE C 255 -3.04 48.37 -40.50
CA ILE C 255 -4.28 49.07 -40.85
C ILE C 255 -5.42 48.06 -40.83
N LEU C 256 -6.34 48.25 -39.89
CA LEU C 256 -7.42 47.27 -39.71
C LEU C 256 -8.25 47.17 -40.99
N PRO C 257 -8.50 45.97 -41.50
CA PRO C 257 -9.26 45.84 -42.74
C PRO C 257 -10.76 45.86 -42.51
N LEU C 258 -11.50 46.07 -43.60
CA LEU C 258 -12.95 46.10 -43.52
C LEU C 258 -13.53 44.77 -43.05
N ALA C 259 -12.90 43.66 -43.41
CA ALA C 259 -13.40 42.36 -42.99
C ALA C 259 -13.49 42.23 -41.48
N ARG C 260 -12.69 43.01 -40.73
CA ARG C 260 -12.69 42.96 -39.27
C ARG C 260 -13.38 44.18 -38.64
N GLY C 261 -13.97 45.06 -39.44
CA GLY C 261 -14.60 46.25 -38.93
C GLY C 261 -13.78 47.52 -39.04
N GLY C 262 -12.70 47.51 -39.83
CA GLY C 262 -11.86 48.68 -40.00
C GLY C 262 -12.13 49.39 -41.32
N LEU C 263 -11.39 50.48 -41.53
CA LEU C 263 -11.56 51.32 -42.70
C LEU C 263 -10.70 50.91 -43.89
N GLY C 264 -9.68 50.09 -43.66
CA GLY C 264 -8.79 49.71 -44.74
C GLY C 264 -7.94 50.83 -45.30
N ALA C 265 -7.85 51.95 -44.58
CA ALA C 265 -7.08 53.11 -45.05
C ALA C 265 -6.71 53.95 -43.85
N ASN C 266 -5.67 54.77 -44.02
CA ASN C 266 -5.15 55.61 -42.96
C ASN C 266 -5.44 57.10 -43.18
N THR C 267 -6.29 57.44 -44.16
CA THR C 267 -6.63 58.82 -44.46
C THR C 267 -8.14 58.96 -44.53
N ALA C 268 -8.63 60.18 -44.28
CA ALA C 268 -10.05 60.45 -44.34
C ALA C 268 -10.61 60.19 -45.73
N ALA C 269 -9.90 60.65 -46.77
CA ALA C 269 -10.34 60.39 -48.14
C ALA C 269 -10.41 58.90 -48.43
N GLY C 270 -9.35 58.17 -48.08
CA GLY C 270 -9.34 56.74 -48.30
C GLY C 270 -10.44 56.02 -47.52
N ALA C 271 -10.76 56.52 -46.33
CA ALA C 271 -11.84 55.92 -45.55
C ALA C 271 -13.18 56.08 -46.27
N ARG C 272 -13.52 57.31 -46.68
CA ARG C 272 -14.76 57.53 -47.43
C ARG C 272 -14.79 56.66 -48.68
N ASN C 273 -13.67 56.58 -49.40
CA ASN C 273 -13.63 55.80 -50.63
C ASN C 273 -13.90 54.34 -50.35
N ASN C 274 -13.40 53.82 -49.23
CA ASN C 274 -13.54 52.40 -48.94
C ASN C 274 -14.91 52.03 -48.38
N ILE C 275 -15.63 52.99 -47.79
CA ILE C 275 -16.98 52.75 -47.31
C ILE C 275 -18.04 53.34 -48.23
N GLY C 276 -17.63 54.04 -49.29
CA GLY C 276 -18.57 54.60 -50.24
C GLY C 276 -19.38 55.75 -49.68
N ALA C 277 -18.72 56.67 -48.99
CA ALA C 277 -19.40 57.81 -48.36
C ALA C 277 -19.02 59.10 -49.08
N GLY C 278 -19.92 60.09 -48.98
CA GLY C 278 -19.70 61.39 -49.59
C GLY C 278 -19.45 62.47 -48.57
N VAL C 279 -18.92 63.61 -49.01
CA VAL C 279 -18.59 64.72 -48.12
C VAL C 279 -19.84 65.55 -47.87
N PRO C 280 -19.87 66.38 -46.84
CA PRO C 280 -21.06 67.21 -46.58
C PRO C 280 -21.13 68.41 -47.51
N ALA C 281 -22.36 68.88 -47.70
CA ALA C 281 -22.61 70.06 -48.51
C ALA C 281 -22.42 71.33 -47.68
N THR C 282 -22.18 72.44 -48.38
CA THR C 282 -22.09 73.75 -47.77
C THR C 282 -23.20 74.64 -48.35
N ALA C 283 -23.42 75.77 -47.68
CA ALA C 283 -24.50 76.64 -48.10
C ALA C 283 -24.41 77.98 -47.37
N SER C 284 -24.97 79.01 -48.01
CA SER C 284 -25.18 80.32 -47.40
C SER C 284 -26.69 80.55 -47.38
N ARG C 285 -27.30 80.38 -46.21
CA ARG C 285 -28.76 80.38 -46.10
C ARG C 285 -29.26 81.80 -45.84
N ALA C 286 -29.22 82.59 -46.92
CA ALA C 286 -29.70 83.97 -46.91
C ALA C 286 -30.68 84.16 -48.04
N LEU C 287 -31.38 85.30 -48.02
CA LEU C 287 -32.32 85.62 -49.09
C LEU C 287 -31.63 85.58 -50.45
N ASN C 288 -30.43 86.16 -50.54
CA ASN C 288 -29.59 86.02 -51.72
C ASN C 288 -28.49 85.03 -51.35
N GLY C 289 -28.82 83.75 -51.41
CA GLY C 289 -27.94 82.71 -50.92
C GLY C 289 -27.57 81.67 -51.95
N TRP C 290 -26.90 80.60 -51.52
CA TRP C 290 -26.43 79.56 -52.42
C TRP C 290 -26.29 78.25 -51.66
N TRP C 291 -26.20 77.16 -52.41
CA TRP C 291 -26.01 75.84 -51.84
C TRP C 291 -25.14 75.03 -52.78
N LYS C 292 -24.13 74.37 -52.24
CA LYS C 292 -23.13 73.67 -53.03
C LYS C 292 -23.06 72.22 -52.62
N ASP C 293 -23.14 71.33 -53.61
CA ASP C 293 -22.90 69.90 -53.39
C ASP C 293 -21.44 69.61 -53.65
N ASN C 294 -20.68 69.39 -52.58
CA ASN C 294 -19.25 69.22 -52.72
C ASN C 294 -18.88 67.86 -53.29
N ASP C 295 -19.80 66.90 -53.26
CA ASP C 295 -19.57 65.63 -53.96
C ASP C 295 -19.30 65.88 -55.44
N THR C 296 -20.19 66.59 -56.10
CA THR C 296 -20.08 66.86 -57.53
C THR C 296 -19.62 68.28 -57.85
N GLY C 297 -19.68 69.20 -56.89
CA GLY C 297 -19.34 70.58 -57.14
C GLY C 297 -20.48 71.43 -57.63
N LEU C 298 -21.67 70.87 -57.82
CA LEU C 298 -22.80 71.65 -58.30
C LEU C 298 -23.17 72.73 -57.28
N ILE C 299 -23.53 73.89 -57.79
CA ILE C 299 -23.92 75.03 -56.96
C ILE C 299 -25.31 75.49 -57.41
N VAL C 300 -26.17 75.78 -56.43
CA VAL C 300 -27.48 76.36 -56.68
C VAL C 300 -27.56 77.69 -55.96
N GLN C 301 -27.97 78.73 -56.68
CA GLN C 301 -28.10 80.06 -56.10
C GLN C 301 -29.50 80.60 -56.34
N TRP C 302 -29.90 81.53 -55.46
CA TRP C 302 -31.19 82.19 -55.56
C TRP C 302 -31.03 83.63 -55.09
N MET C 303 -31.82 84.52 -55.69
CA MET C 303 -31.63 85.95 -55.47
C MET C 303 -32.89 86.70 -55.87
N GLN C 304 -32.95 87.96 -55.45
CA GLN C 304 -34.09 88.81 -55.77
C GLN C 304 -33.65 90.27 -55.74
N VAL C 305 -34.38 91.10 -56.49
CA VAL C 305 -34.11 92.53 -56.54
C VAL C 305 -35.44 93.26 -56.73
N ASN C 306 -35.54 94.43 -56.12
CA ASN C 306 -36.73 95.27 -56.24
C ASN C 306 -36.55 96.24 -57.40
N VAL C 307 -37.48 96.22 -58.35
CA VAL C 307 -37.42 97.10 -59.51
C VAL C 307 -38.42 98.24 -59.36
N GLY C 308 -39.71 97.90 -59.36
CA GLY C 308 -40.76 98.90 -59.26
C GLY C 308 -41.78 98.81 -60.37
N ASP C 309 -42.15 99.95 -60.96
CA ASP C 309 -43.08 99.96 -62.08
C ASP C 309 -42.37 99.58 -63.37
N HIS C 310 -43.14 98.97 -64.29
CA HIS C 310 -42.65 98.72 -65.63
C HIS C 310 -43.13 99.86 -66.52
N PRO C 311 -42.25 100.69 -67.07
CA PRO C 311 -42.73 101.83 -67.86
C PRO C 311 -43.35 101.41 -69.18
N GLY C 312 -42.87 100.32 -69.78
CA GLY C 312 -43.36 99.89 -71.07
C GLY C 312 -42.22 99.47 -71.98
N GLY C 313 -42.56 99.06 -73.20
CA GLY C 313 -41.53 98.64 -74.12
C GLY C 313 -40.78 97.44 -73.59
N ILE C 314 -39.47 97.45 -73.77
CA ILE C 314 -38.60 96.33 -73.41
C ILE C 314 -37.56 96.85 -72.44
N ILE C 315 -37.48 96.25 -71.26
CA ILE C 315 -36.59 96.68 -70.18
C ILE C 315 -35.60 95.57 -69.89
N ASP C 316 -34.32 95.94 -69.83
CA ASP C 316 -33.25 95.02 -69.48
C ASP C 316 -32.68 95.41 -68.12
N ARG C 317 -32.37 94.39 -67.32
CA ARG C 317 -31.75 94.62 -66.01
C ARG C 317 -30.75 93.51 -65.75
N THR C 318 -29.63 93.87 -65.15
CA THR C 318 -28.58 92.91 -64.82
C THR C 318 -28.70 92.53 -63.34
N LEU C 319 -28.54 91.24 -63.07
CA LEU C 319 -28.55 90.71 -61.72
C LEU C 319 -27.23 90.00 -61.47
N THR C 320 -26.63 90.26 -60.31
CA THR C 320 -25.33 89.68 -59.96
C THR C 320 -25.54 88.56 -58.95
N PHE C 321 -25.06 87.37 -59.29
CA PHE C 321 -25.21 86.23 -58.39
C PHE C 321 -24.55 86.53 -57.05
N PRO C 322 -25.09 85.99 -55.95
CA PRO C 322 -24.42 86.16 -54.65
C PRO C 322 -22.95 85.80 -54.68
N ILE C 323 -22.61 84.63 -55.24
CA ILE C 323 -21.23 84.25 -55.47
C ILE C 323 -21.08 83.89 -56.94
N ALA C 324 -19.88 84.08 -57.45
CA ALA C 324 -19.60 83.80 -58.86
C ALA C 324 -19.44 82.30 -59.08
N PHE C 325 -20.06 81.80 -60.14
CA PHE C 325 -19.84 80.41 -60.52
C PHE C 325 -18.39 80.23 -60.94
N PRO C 326 -17.62 79.35 -60.29
CA PRO C 326 -16.21 79.20 -60.68
C PRO C 326 -16.03 78.81 -62.13
N SER C 327 -16.85 77.90 -62.64
CA SER C 327 -16.69 77.41 -64.00
C SER C 327 -17.68 78.07 -64.95
N ALA C 328 -18.94 77.65 -64.89
CA ALA C 328 -19.95 78.18 -65.79
C ALA C 328 -21.33 77.97 -65.19
N CYS C 329 -22.25 78.85 -65.55
CA CYS C 329 -23.65 78.70 -65.17
C CYS C 329 -24.36 77.84 -66.21
N LEU C 330 -25.08 76.81 -65.74
CA LEU C 330 -25.72 75.86 -66.62
C LEU C 330 -27.21 76.13 -66.84
N HIS C 331 -27.84 76.91 -65.97
CA HIS C 331 -29.29 77.10 -66.06
C HIS C 331 -29.70 78.25 -65.16
N VAL C 332 -30.77 78.93 -65.56
CA VAL C 332 -31.34 80.04 -64.79
C VAL C 332 -32.85 79.94 -64.86
N VAL C 333 -33.50 80.40 -63.80
CA VAL C 333 -34.95 80.31 -63.66
C VAL C 333 -35.49 81.65 -63.18
N PRO C 334 -35.86 82.56 -64.09
CA PRO C 334 -36.37 83.86 -63.66
C PRO C 334 -37.89 83.90 -63.48
N THR C 335 -38.31 84.54 -62.40
CA THR C 335 -39.73 84.75 -62.12
C THR C 335 -39.94 86.14 -61.55
N VAL C 336 -41.21 86.53 -61.41
CA VAL C 336 -41.58 87.90 -61.03
C VAL C 336 -42.08 87.91 -59.60
N LYS C 337 -41.63 88.88 -58.83
CA LYS C 337 -42.04 89.10 -57.46
C LYS C 337 -42.85 90.39 -57.37
N GLU C 338 -43.82 90.41 -56.46
CA GLU C 338 -44.60 91.62 -56.19
C GLU C 338 -44.10 92.21 -54.88
N VAL C 339 -43.39 93.34 -54.98
CA VAL C 339 -42.92 94.04 -53.77
C VAL C 339 -44.07 94.75 -53.10
N GLY C 340 -44.96 95.35 -53.89
CA GLY C 340 -46.14 96.01 -53.38
C GLY C 340 -47.16 96.12 -54.49
N ARG C 341 -48.33 96.63 -54.13
CA ARG C 341 -49.42 96.82 -55.09
C ARG C 341 -49.96 98.24 -54.93
N PRO C 342 -49.15 99.25 -55.24
CA PRO C 342 -49.67 100.62 -55.19
C PRO C 342 -50.80 100.85 -56.17
N ALA C 343 -50.68 100.31 -57.38
CA ALA C 343 -51.72 100.44 -58.40
C ALA C 343 -52.21 99.10 -58.91
N THR C 344 -51.32 98.22 -59.38
CA THR C 344 -51.73 96.93 -59.92
C THR C 344 -50.71 95.87 -59.54
N SER C 345 -51.12 94.61 -59.68
CA SER C 345 -50.28 93.48 -59.30
C SER C 345 -49.13 93.30 -60.27
N ALA C 346 -48.05 92.67 -59.78
CA ALA C 346 -46.87 92.41 -60.58
C ALA C 346 -47.03 91.26 -61.56
N SER C 347 -48.10 90.47 -61.45
CA SER C 347 -48.34 89.41 -62.42
C SER C 347 -48.54 89.95 -63.82
N THR C 348 -48.80 91.25 -63.97
CA THR C 348 -48.89 91.85 -65.30
C THR C 348 -47.54 91.99 -65.98
N VAL C 349 -46.44 91.69 -65.29
CA VAL C 349 -45.11 91.72 -65.85
C VAL C 349 -44.63 90.29 -66.04
N THR C 350 -43.95 90.03 -67.15
CA THR C 350 -43.34 88.73 -67.42
C THR C 350 -41.87 88.96 -67.78
N VAL C 351 -41.08 87.88 -67.71
CA VAL C 351 -39.64 87.97 -67.86
C VAL C 351 -39.12 86.84 -68.74
N ALA C 352 -37.85 86.95 -69.11
CA ALA C 352 -37.11 85.92 -69.84
C ALA C 352 -35.63 86.28 -69.73
N ASP C 353 -34.78 85.26 -69.79
CA ASP C 353 -33.35 85.48 -69.64
C ASP C 353 -32.71 85.73 -71.01
N VAL C 354 -31.97 86.84 -71.10
CA VAL C 354 -31.26 87.18 -72.33
C VAL C 354 -29.94 86.45 -72.39
N SER C 355 -29.04 86.75 -71.44
CA SER C 355 -27.72 86.17 -71.40
C SER C 355 -27.36 85.84 -69.96
N VAL C 356 -26.33 85.01 -69.81
CA VAL C 356 -25.86 84.58 -68.49
C VAL C 356 -24.35 84.44 -68.52
N SER C 357 -23.68 85.02 -67.52
CA SER C 357 -22.25 84.87 -67.33
C SER C 357 -22.00 84.09 -66.03
N ASN C 358 -20.73 84.01 -65.63
CA ASN C 358 -20.39 83.39 -64.36
C ASN C 358 -20.70 84.28 -63.17
N THR C 359 -20.83 85.58 -63.37
CA THR C 359 -21.10 86.52 -62.28
C THR C 359 -22.56 86.90 -62.17
N GLY C 360 -23.35 86.67 -63.21
CA GLY C 360 -24.75 87.05 -63.16
C GLY C 360 -25.44 86.77 -64.46
N CYS C 361 -26.52 87.49 -64.71
CA CYS C 361 -27.33 87.28 -65.90
C CYS C 361 -28.07 88.57 -66.22
N VAL C 362 -28.63 88.62 -67.42
CA VAL C 362 -29.46 89.73 -67.88
C VAL C 362 -30.86 89.20 -68.08
N ILE C 363 -31.85 89.91 -67.52
CA ILE C 363 -33.25 89.50 -67.60
C ILE C 363 -34.04 90.61 -68.28
N VAL C 364 -34.87 90.24 -69.25
CA VAL C 364 -35.70 91.19 -69.98
C VAL C 364 -37.13 91.05 -69.49
N SER C 365 -37.85 92.18 -69.41
CA SER C 365 -39.19 92.21 -68.88
C SER C 365 -40.11 93.02 -69.79
N SER C 366 -41.35 92.57 -69.93
CA SER C 366 -42.40 93.30 -70.63
C SER C 366 -43.69 93.17 -69.83
N GLU C 367 -44.62 94.09 -70.07
CA GLU C 367 -45.89 94.15 -69.35
C GLU C 367 -47.06 94.02 -70.32
N TYR C 368 -48.22 93.65 -69.77
CA TYR C 368 -49.47 93.69 -70.52
C TYR C 368 -50.56 94.49 -69.81
N TYR C 369 -50.21 95.24 -68.77
CA TYR C 369 -51.13 96.21 -68.18
C TYR C 369 -50.38 97.50 -67.88
N GLY C 370 -50.99 98.62 -68.22
CA GLY C 370 -50.28 99.88 -68.26
C GLY C 370 -50.33 100.74 -67.00
N LEU C 371 -50.66 100.15 -65.85
CA LEU C 371 -50.69 100.90 -64.61
C LEU C 371 -49.39 100.69 -63.83
N ALA C 372 -49.30 101.36 -62.68
CA ALA C 372 -48.07 101.36 -61.89
C ALA C 372 -48.00 100.10 -61.05
N GLN C 373 -47.05 99.24 -61.38
CA GLN C 373 -46.75 98.07 -60.58
C GLN C 373 -45.57 98.38 -59.66
N ASN C 374 -45.24 97.42 -58.79
CA ASN C 374 -44.05 97.49 -57.93
C ASN C 374 -43.47 96.08 -57.90
N TYR C 375 -42.88 95.67 -59.02
CA TYR C 375 -42.43 94.30 -59.20
C TYR C 375 -40.93 94.18 -58.93
N GLY C 376 -40.51 92.95 -58.65
CA GLY C 376 -39.11 92.59 -58.59
C GLY C 376 -38.85 91.38 -59.46
N ILE C 377 -37.59 90.97 -59.51
CA ILE C 377 -37.16 89.83 -60.30
C ILE C 377 -36.49 88.83 -59.38
N ARG C 378 -36.99 87.60 -59.38
CA ARG C 378 -36.33 86.48 -58.72
C ARG C 378 -35.56 85.68 -59.76
N VAL C 379 -34.42 85.14 -59.34
CA VAL C 379 -33.60 84.31 -60.21
C VAL C 379 -33.02 83.18 -59.39
N MET C 380 -33.12 81.97 -59.92
CA MET C 380 -32.46 80.80 -59.37
C MET C 380 -31.53 80.24 -60.44
N ALA C 381 -30.31 79.89 -60.05
CA ALA C 381 -29.29 79.50 -61.01
C ALA C 381 -28.65 78.18 -60.61
N ILE C 382 -28.22 77.42 -61.61
CA ILE C 382 -27.55 76.15 -61.43
C ILE C 382 -26.25 76.18 -62.23
N GLY C 383 -25.16 75.76 -61.61
CA GLY C 383 -23.89 75.71 -62.29
C GLY C 383 -22.85 75.00 -61.47
N TYR C 384 -21.59 75.25 -61.82
CA TYR C 384 -20.46 74.65 -61.11
C TYR C 384 -19.18 75.41 -61.37
N ALA D 11 82.58 -87.08 19.98
CA ALA D 11 81.28 -86.56 19.58
C ALA D 11 80.90 -85.37 20.46
N LEU D 12 80.57 -84.25 19.82
CA LEU D 12 80.21 -83.06 20.57
C LEU D 12 78.83 -83.20 21.18
N ALA D 13 78.71 -82.84 22.45
CA ALA D 13 77.42 -82.73 23.10
C ALA D 13 76.89 -81.30 22.98
N ALA D 14 75.57 -81.18 22.99
CA ALA D 14 74.96 -79.85 22.97
C ALA D 14 75.51 -78.98 24.09
N THR D 15 75.75 -79.60 25.25
CA THR D 15 76.28 -78.86 26.39
C THR D 15 77.69 -78.35 26.14
N ASP D 16 78.38 -78.86 25.12
CA ASP D 16 79.69 -78.34 24.74
C ASP D 16 79.61 -77.15 23.80
N ILE D 17 78.43 -76.83 23.28
CA ILE D 17 78.27 -75.73 22.34
C ILE D 17 78.05 -74.44 23.13
N PRO D 18 78.80 -73.37 22.86
CA PRO D 18 78.60 -72.13 23.60
C PRO D 18 77.34 -71.42 23.16
N GLY D 19 76.88 -70.50 24.00
CA GLY D 19 75.78 -69.63 23.65
C GLY D 19 76.02 -68.98 22.31
N LEU D 20 75.02 -69.03 21.42
CA LEU D 20 75.18 -68.55 20.06
C LEU D 20 74.35 -67.29 19.84
N ASP D 21 74.85 -66.44 18.95
CA ASP D 21 74.10 -65.29 18.49
C ASP D 21 73.15 -65.70 17.37
N ALA D 22 72.02 -64.98 17.26
CA ALA D 22 71.04 -65.31 16.24
C ALA D 22 71.64 -65.32 14.84
N SER D 23 72.72 -64.57 14.64
CA SER D 23 73.36 -64.51 13.33
C SER D 23 73.95 -65.85 12.90
N LYS D 24 74.11 -66.81 13.81
CA LYS D 24 74.64 -68.12 13.43
C LYS D 24 73.69 -68.89 12.53
N LEU D 25 72.38 -68.61 12.60
CA LEU D 25 71.40 -69.28 11.74
C LEU D 25 71.42 -68.59 10.38
N VAL D 26 72.19 -69.16 9.45
CA VAL D 26 72.44 -68.50 8.17
C VAL D 26 71.49 -68.96 7.06
N SER D 27 70.66 -69.97 7.31
CA SER D 27 69.79 -70.49 6.27
C SER D 27 68.64 -71.24 6.90
N GLY D 28 67.67 -71.60 6.07
CA GLY D 28 66.55 -72.40 6.49
C GLY D 28 65.41 -71.59 7.08
N VAL D 29 64.27 -72.25 7.22
CA VAL D 29 63.08 -71.65 7.83
C VAL D 29 62.77 -72.44 9.10
N LEU D 30 62.67 -71.73 10.22
CA LEU D 30 62.38 -72.39 11.49
C LEU D 30 61.07 -73.15 11.42
N ALA D 31 61.06 -74.35 12.00
CA ALA D 31 59.79 -75.01 12.29
C ALA D 31 58.99 -74.13 13.23
N GLU D 32 57.71 -73.94 12.92
CA GLU D 32 56.93 -72.96 13.66
C GLU D 32 56.81 -73.31 15.13
N GLN D 33 57.02 -74.58 15.49
CA GLN D 33 57.01 -74.95 16.89
C GLN D 33 58.13 -74.25 17.67
N ARG D 34 59.17 -73.75 17.00
CA ARG D 34 60.21 -73.00 17.68
C ARG D 34 59.78 -71.59 18.05
N LEU D 35 58.64 -71.07 17.48
CA LEU D 35 58.22 -69.70 17.69
C LEU D 35 57.38 -69.56 18.96
N PRO D 36 57.48 -68.43 19.65
CA PRO D 36 56.48 -68.10 20.66
C PRO D 36 55.09 -68.25 20.08
N VAL D 37 54.15 -68.70 20.92
CA VAL D 37 52.87 -69.17 20.42
C VAL D 37 52.12 -68.04 19.70
N PHE D 38 52.24 -66.81 20.19
CA PHE D 38 51.49 -65.72 19.61
C PHE D 38 51.89 -65.46 18.16
N ALA D 39 53.15 -65.77 17.80
CA ALA D 39 53.58 -65.64 16.41
C ALA D 39 53.06 -66.76 15.52
N ARG D 40 52.39 -67.75 16.09
CA ARG D 40 51.76 -68.81 15.31
C ARG D 40 50.25 -68.61 15.18
N GLY D 41 49.73 -67.47 15.62
CA GLY D 41 48.29 -67.26 15.68
C GLY D 41 47.61 -67.91 16.86
N LEU D 42 48.37 -68.52 17.78
CA LEU D 42 47.80 -69.20 18.93
C LEU D 42 47.61 -68.22 20.08
N ALA D 43 46.39 -68.13 20.59
CA ALA D 43 46.05 -67.22 21.67
C ALA D 43 46.22 -67.88 23.04
N THR D 44 47.38 -68.51 23.24
CA THR D 44 47.62 -69.32 24.43
C THR D 44 48.80 -68.85 25.26
N ALA D 45 49.33 -67.64 25.00
CA ALA D 45 50.54 -67.21 25.68
C ALA D 45 50.29 -66.87 27.14
N VAL D 46 49.08 -66.44 27.49
CA VAL D 46 48.75 -66.03 28.86
C VAL D 46 47.42 -66.67 29.25
N SER D 47 47.14 -66.64 30.54
CA SER D 47 45.88 -67.18 31.03
C SER D 47 44.70 -66.45 30.39
N ASN D 48 43.59 -67.16 30.23
CA ASN D 48 42.46 -66.61 29.48
C ASN D 48 41.58 -65.71 30.32
N SER D 49 42.09 -65.28 31.48
CA SER D 49 41.46 -64.23 32.26
C SER D 49 42.40 -63.02 32.42
N SER D 50 43.46 -62.97 31.62
CA SER D 50 44.47 -61.93 31.77
C SER D 50 43.87 -60.55 31.50
N ASP D 51 44.38 -59.56 32.21
CA ASP D 51 43.94 -58.18 32.05
C ASP D 51 44.53 -57.61 30.76
N PRO D 52 43.70 -57.23 29.78
CA PRO D 52 44.26 -56.63 28.55
C PRO D 52 44.87 -55.27 28.77
N ASN D 53 44.56 -54.60 29.88
CA ASN D 53 45.17 -53.31 30.16
C ASN D 53 46.68 -53.45 30.39
N THR D 54 47.12 -54.61 30.90
CA THR D 54 48.53 -54.86 31.17
C THR D 54 49.18 -55.74 30.11
N ALA D 55 48.56 -55.86 28.94
CA ALA D 55 49.08 -56.75 27.91
C ALA D 55 50.52 -56.41 27.57
N THR D 56 51.37 -57.44 27.52
CA THR D 56 52.71 -57.34 26.97
C THR D 56 52.93 -58.28 25.81
N VAL D 57 51.94 -59.08 25.43
CA VAL D 57 52.06 -59.99 24.29
C VAL D 57 51.13 -59.52 23.19
N PRO D 58 51.47 -59.76 21.92
CA PRO D 58 50.62 -59.26 20.82
C PRO D 58 49.33 -60.04 20.62
N LEU D 59 49.11 -61.15 21.31
CA LEU D 59 47.89 -61.91 21.13
C LEU D 59 47.51 -62.60 22.42
N MET D 60 46.23 -62.47 22.80
CA MET D 60 45.70 -63.17 23.96
C MET D 60 44.23 -63.46 23.70
N LEU D 61 43.66 -64.30 24.55
CA LEU D 61 42.22 -64.58 24.58
C LEU D 61 41.76 -64.37 26.01
N THR D 62 40.82 -63.45 26.24
CA THR D 62 40.44 -63.16 27.61
C THR D 62 38.99 -62.70 27.71
N ASN D 63 38.38 -63.03 28.84
CA ASN D 63 37.08 -62.51 29.23
C ASN D 63 37.20 -61.53 30.40
N HIS D 64 38.36 -60.92 30.57
CA HIS D 64 38.55 -59.94 31.64
C HIS D 64 37.64 -58.74 31.43
N ALA D 65 37.21 -58.13 32.54
CA ALA D 65 36.25 -57.03 32.48
C ALA D 65 36.74 -55.88 31.61
N ASN D 66 38.05 -55.70 31.47
CA ASN D 66 38.56 -54.58 30.69
C ASN D 66 38.48 -54.83 29.18
N GLY D 67 37.96 -55.98 28.76
CA GLY D 67 37.63 -56.19 27.39
C GLY D 67 36.39 -55.40 26.99
N PRO D 68 35.99 -55.53 25.73
CA PRO D 68 34.93 -54.67 25.19
C PRO D 68 33.51 -55.02 25.60
N VAL D 69 33.23 -56.27 25.96
CA VAL D 69 31.87 -56.70 26.28
C VAL D 69 31.91 -57.58 27.52
N ALA D 70 31.30 -57.11 28.61
CA ALA D 70 31.39 -57.80 29.89
C ALA D 70 30.88 -59.23 29.76
N GLY D 71 31.63 -60.16 30.38
CA GLY D 71 31.24 -61.55 30.42
C GLY D 71 31.62 -62.38 29.21
N ARG D 72 32.12 -61.75 28.15
CA ARG D 72 32.43 -62.46 26.91
C ARG D 72 33.93 -62.52 26.68
N TYR D 73 34.36 -63.62 26.06
CA TYR D 73 35.74 -63.78 25.62
C TYR D 73 35.98 -63.05 24.31
N PHE D 74 37.17 -62.46 24.18
CA PHE D 74 37.62 -61.83 22.96
C PHE D 74 39.08 -62.16 22.71
N TYR D 75 39.41 -62.44 21.45
CA TYR D 75 40.80 -62.39 21.01
C TYR D 75 41.24 -60.93 20.96
N ILE D 76 42.36 -60.61 21.59
CA ILE D 76 42.85 -59.24 21.64
C ILE D 76 44.26 -59.21 21.09
N GLN D 77 44.42 -58.56 19.94
CA GLN D 77 45.73 -58.26 19.37
C GLN D 77 46.24 -56.95 19.93
N SER D 78 47.55 -56.88 20.20
CA SER D 78 48.17 -55.65 20.68
C SER D 78 49.36 -55.29 19.80
N MET D 79 49.51 -53.99 19.55
CA MET D 79 50.67 -53.42 18.87
C MET D 79 51.26 -52.37 19.78
N PHE D 80 52.59 -52.37 19.93
CA PHE D 80 53.25 -51.64 21.01
C PHE D 80 54.23 -50.61 20.47
N TYR D 81 54.44 -49.55 21.25
CA TYR D 81 55.50 -48.58 20.99
C TYR D 81 55.73 -47.76 22.25
N PRO D 82 56.99 -47.52 22.66
CA PRO D 82 58.25 -47.98 22.05
C PRO D 82 58.67 -49.37 22.50
N ASP D 83 58.03 -49.91 23.53
CA ASP D 83 58.27 -51.28 23.95
C ASP D 83 56.96 -51.89 24.41
N GLN D 84 57.02 -53.16 24.80
CA GLN D 84 55.81 -53.91 25.12
C GLN D 84 55.16 -53.48 26.42
N ASN D 85 55.78 -52.59 27.19
CA ASN D 85 55.16 -52.02 28.38
C ASN D 85 54.53 -50.66 28.12
N GLY D 86 54.68 -50.11 26.92
CA GLY D 86 54.36 -48.72 26.66
C GLY D 86 53.00 -48.50 26.04
N ASN D 87 52.92 -47.50 25.16
CA ASN D 87 51.69 -47.24 24.43
C ASN D 87 51.31 -48.46 23.59
N ALA D 88 50.02 -48.55 23.27
CA ALA D 88 49.53 -49.74 22.59
C ALA D 88 48.22 -49.46 21.89
N SER D 89 48.05 -50.12 20.73
CA SER D 89 46.78 -50.22 20.04
C SER D 89 46.28 -51.66 20.16
N GLN D 90 44.99 -51.83 20.36
CA GLN D 90 44.42 -53.16 20.55
C GLN D 90 43.21 -53.36 19.65
N ILE D 91 43.14 -54.55 19.06
CA ILE D 91 42.01 -54.98 18.23
C ILE D 91 41.39 -56.21 18.88
N ALA D 92 40.12 -56.11 19.25
CA ALA D 92 39.40 -57.20 19.89
C ALA D 92 38.40 -57.80 18.92
N THR D 93 38.42 -59.13 18.81
CA THR D 93 37.46 -59.86 17.99
C THR D 93 36.84 -60.98 18.83
N SER D 94 35.58 -61.26 18.53
CA SER D 94 34.77 -62.11 19.39
C SER D 94 35.21 -63.57 19.30
N TYR D 95 34.95 -64.29 20.39
CA TYR D 95 35.28 -65.71 20.53
C TYR D 95 34.12 -66.64 20.22
N ASN D 96 32.88 -66.16 20.33
CA ASN D 96 31.71 -67.00 20.17
C ASN D 96 30.47 -66.13 20.07
N ALA D 97 29.35 -66.76 19.71
CA ALA D 97 28.00 -66.18 19.77
C ALA D 97 27.74 -65.20 18.64
N THR D 98 28.60 -64.21 18.47
CA THR D 98 28.46 -63.22 17.43
C THR D 98 29.83 -62.92 16.83
N SER D 99 29.81 -62.25 15.68
CA SER D 99 31.02 -61.78 15.02
C SER D 99 31.14 -60.29 15.26
N GLU D 100 32.06 -59.89 16.13
CA GLU D 100 32.20 -58.49 16.50
C GLU D 100 33.67 -58.11 16.54
N MET D 101 33.92 -56.81 16.33
CA MET D 101 35.26 -56.24 16.33
C MET D 101 35.23 -54.92 17.10
N TYR D 102 36.31 -54.66 17.85
CA TYR D 102 36.46 -53.41 18.59
C TYR D 102 37.91 -52.98 18.53
N VAL D 103 38.14 -51.69 18.80
CA VAL D 103 39.48 -51.11 18.79
C VAL D 103 39.62 -50.12 19.93
N ARG D 104 40.83 -50.02 20.47
CA ARG D 104 41.12 -49.03 21.50
C ARG D 104 42.61 -48.70 21.46
N VAL D 105 43.04 -47.85 22.39
CA VAL D 105 44.39 -47.33 22.36
C VAL D 105 44.76 -46.84 23.75
N SER D 106 46.04 -46.94 24.08
CA SER D 106 46.61 -46.34 25.27
C SER D 106 47.74 -45.41 24.85
N TYR D 107 47.73 -44.19 25.38
CA TYR D 107 48.79 -43.24 25.12
C TYR D 107 48.99 -42.39 26.36
N ALA D 108 50.26 -42.09 26.66
CA ALA D 108 50.60 -41.20 27.76
C ALA D 108 52.02 -40.70 27.55
N ALA D 109 52.32 -39.55 28.16
CA ALA D 109 53.66 -38.99 28.08
C ALA D 109 54.69 -40.02 28.54
N ASN D 110 54.43 -40.64 29.69
CA ASN D 110 55.15 -41.81 30.14
C ASN D 110 54.42 -43.04 29.62
N PRO D 111 54.88 -43.66 28.53
CA PRO D 111 54.07 -44.73 27.92
C PRO D 111 53.80 -45.91 28.86
N SER D 112 54.66 -46.13 29.85
CA SER D 112 54.50 -47.28 30.74
C SER D 112 53.43 -47.10 31.81
N ILE D 113 52.94 -45.89 32.01
CA ILE D 113 51.81 -45.66 32.91
C ILE D 113 50.61 -45.40 32.00
N ARG D 114 49.92 -46.48 31.65
CA ARG D 114 48.97 -46.44 30.54
C ARG D 114 47.71 -45.66 30.88
N GLU D 115 47.12 -45.08 29.85
CA GLU D 115 45.84 -44.37 29.93
C GLU D 115 45.00 -44.86 28.75
N TRP D 116 44.11 -45.80 29.01
CA TRP D 116 43.34 -46.43 27.95
C TRP D 116 42.12 -45.60 27.59
N LEU D 117 41.86 -45.45 26.30
CA LEU D 117 40.61 -44.87 25.85
C LEU D 117 39.55 -45.96 25.71
N PRO D 118 38.27 -45.59 25.69
CA PRO D 118 37.23 -46.61 25.61
C PRO D 118 37.31 -47.40 24.30
N TRP D 119 36.86 -48.65 24.38
CA TRP D 119 36.73 -49.49 23.19
C TRP D 119 35.75 -48.87 22.20
N GLN D 120 36.15 -48.81 20.94
CA GLN D 120 35.29 -48.37 19.86
C GLN D 120 34.95 -49.56 18.97
N ARG D 121 33.69 -49.66 18.57
CA ARG D 121 33.25 -50.80 17.79
C ARG D 121 33.52 -50.58 16.30
N CYS D 122 33.73 -51.69 15.58
CA CYS D 122 34.04 -51.65 14.16
C CYS D 122 33.06 -52.43 13.28
N ASP D 123 32.42 -53.47 13.79
CA ASP D 123 31.46 -54.20 12.97
C ASP D 123 30.17 -53.40 12.86
N ILE D 124 29.46 -53.60 11.76
CA ILE D 124 28.31 -52.75 11.43
C ILE D 124 27.15 -53.02 12.38
N GLY D 125 27.30 -54.01 13.25
CA GLY D 125 26.30 -54.23 14.28
C GLY D 125 26.03 -53.01 15.13
N GLY D 126 26.99 -52.10 15.22
CA GLY D 126 26.82 -50.89 16.00
C GLY D 126 26.34 -49.69 15.21
N SER D 127 25.96 -49.85 13.94
CA SER D 127 25.63 -48.72 13.09
C SER D 127 24.27 -48.90 12.44
N PHE D 128 23.69 -47.77 12.03
CA PHE D 128 22.60 -47.77 11.06
C PHE D 128 23.17 -48.13 9.70
N THR D 129 22.71 -49.22 9.11
CA THR D 129 23.25 -49.68 7.85
C THR D 129 22.28 -49.42 6.71
N LYS D 130 22.81 -49.54 5.50
CA LYS D 130 22.02 -49.34 4.30
C LYS D 130 21.06 -50.48 4.01
N THR D 131 21.17 -51.59 4.75
CA THR D 131 20.18 -52.65 4.73
C THR D 131 19.29 -52.52 5.96
N THR D 132 18.00 -52.79 5.79
CA THR D 132 17.07 -52.67 6.90
C THR D 132 17.40 -53.67 7.99
N ASP D 133 17.00 -53.33 9.22
CA ASP D 133 17.16 -54.26 10.33
C ASP D 133 16.13 -55.39 10.28
N GLY D 134 15.05 -55.24 9.53
CA GLY D 134 14.14 -56.36 9.37
C GLY D 134 12.77 -55.93 8.91
N SER D 135 12.00 -56.94 8.49
CA SER D 135 10.60 -56.78 8.11
C SER D 135 9.73 -57.32 9.23
N ILE D 136 8.75 -56.52 9.65
CA ILE D 136 7.90 -56.86 10.79
C ILE D 136 6.67 -57.59 10.28
N GLY D 137 6.34 -58.70 10.93
CA GLY D 137 5.14 -59.45 10.61
C GLY D 137 3.93 -58.90 11.32
N ASN D 138 2.87 -59.71 11.35
CA ASN D 138 1.62 -59.35 12.00
C ASN D 138 1.72 -59.61 13.50
N GLY D 139 0.78 -59.01 14.24
CA GLY D 139 0.67 -59.24 15.67
C GLY D 139 1.80 -58.71 16.50
N VAL D 140 2.58 -57.77 15.99
CA VAL D 140 3.76 -57.27 16.70
C VAL D 140 3.39 -55.96 17.41
N ASN D 141 3.82 -55.85 18.66
CA ASN D 141 3.66 -54.63 19.45
C ASN D 141 4.96 -53.83 19.31
N ILE D 142 4.90 -52.68 18.66
CA ILE D 142 6.11 -51.90 18.42
C ILE D 142 6.60 -51.18 19.67
N ASN D 143 5.85 -51.24 20.77
CA ASN D 143 6.41 -50.80 22.04
C ASN D 143 7.66 -51.61 22.41
N SER D 144 7.79 -52.81 21.87
CA SER D 144 8.96 -53.63 22.14
C SER D 144 10.17 -53.22 21.31
N PHE D 145 10.01 -52.26 20.40
CA PHE D 145 11.12 -51.82 19.54
C PHE D 145 11.85 -50.68 20.24
N VAL D 146 12.73 -51.06 21.16
CA VAL D 146 13.43 -50.13 22.04
C VAL D 146 14.91 -50.01 21.67
N ASN D 147 15.32 -50.59 20.55
CA ASN D 147 16.70 -50.54 20.12
C ASN D 147 16.82 -49.80 18.79
N SER D 148 17.94 -49.11 18.62
CA SER D 148 18.13 -48.26 17.45
C SER D 148 18.15 -49.11 16.19
N GLY D 149 17.60 -48.55 15.12
CA GLY D 149 17.56 -49.22 13.84
C GLY D 149 16.39 -48.73 13.01
N TRP D 150 16.19 -49.37 11.87
CA TRP D 150 15.03 -49.08 11.04
C TRP D 150 14.46 -50.37 10.48
N TRP D 151 13.14 -50.48 10.55
CA TRP D 151 12.43 -51.69 10.19
C TRP D 151 11.34 -51.37 9.18
N LEU D 152 10.93 -52.40 8.45
CA LEU D 152 9.90 -52.30 7.43
C LEU D 152 8.63 -52.99 7.89
N GLN D 153 7.52 -52.29 7.80
CA GLN D 153 6.20 -52.90 7.88
C GLN D 153 5.63 -52.84 6.47
N SER D 154 5.65 -53.97 5.80
CA SER D 154 5.29 -54.05 4.39
C SER D 154 3.79 -54.02 4.14
N THR D 155 2.99 -54.28 5.17
CA THR D 155 1.59 -54.67 4.99
C THR D 155 0.70 -53.90 5.94
N SER D 156 -0.25 -53.15 5.38
CA SER D 156 -1.14 -52.34 6.21
C SER D 156 -1.93 -53.20 7.18
N GLU D 157 -2.36 -54.39 6.74
CA GLU D 157 -3.11 -55.28 7.62
C GLU D 157 -2.28 -55.67 8.85
N TRP D 158 -0.98 -55.87 8.65
CA TRP D 158 -0.13 -56.28 9.78
C TRP D 158 0.08 -55.14 10.76
N ALA D 159 0.00 -53.89 10.28
CA ALA D 159 0.01 -52.76 11.20
C ALA D 159 -1.29 -52.72 12.00
N ALA D 160 -2.42 -52.84 11.31
CA ALA D 160 -3.71 -52.90 12.00
C ALA D 160 -3.78 -54.08 12.95
N GLY D 161 -3.23 -55.23 12.54
CA GLY D 161 -3.22 -56.42 13.36
C GLY D 161 -2.18 -56.45 14.44
N GLY D 162 -1.33 -55.44 14.52
CA GLY D 162 -0.32 -55.34 15.57
C GLY D 162 -0.83 -54.51 16.74
N ALA D 163 0.11 -53.84 17.41
CA ALA D 163 -0.25 -52.97 18.52
C ALA D 163 0.67 -51.75 18.55
N ASN D 164 0.09 -50.61 18.92
CA ASN D 164 0.80 -49.35 19.12
C ASN D 164 1.43 -48.79 17.85
N TYR D 165 1.00 -49.24 16.69
CA TYR D 165 1.29 -48.49 15.49
C TYR D 165 0.50 -47.17 15.51
N PRO D 166 1.03 -46.11 14.90
CA PRO D 166 0.26 -44.86 14.86
C PRO D 166 -0.97 -44.95 13.98
N VAL D 167 -0.94 -45.81 12.97
CA VAL D 167 -2.05 -45.94 12.03
C VAL D 167 -1.89 -47.30 11.36
N GLY D 168 -3.01 -47.86 10.91
CA GLY D 168 -3.01 -49.18 10.32
C GLY D 168 -2.58 -49.18 8.87
N LEU D 169 -1.37 -48.68 8.60
CA LEU D 169 -0.84 -48.58 7.25
C LEU D 169 0.58 -49.10 7.22
N ALA D 170 0.96 -49.69 6.08
CA ALA D 170 2.35 -50.05 5.86
C ALA D 170 3.23 -48.82 6.01
N GLY D 171 4.47 -49.04 6.42
CA GLY D 171 5.36 -47.91 6.62
C GLY D 171 6.73 -48.36 7.08
N LEU D 172 7.51 -47.36 7.45
CA LEU D 172 8.91 -47.51 7.85
C LEU D 172 9.03 -47.06 9.29
N LEU D 173 9.64 -47.90 10.13
CA LEU D 173 9.81 -47.59 11.55
C LEU D 173 11.29 -47.30 11.82
N ILE D 174 11.58 -46.11 12.36
CA ILE D 174 12.94 -45.71 12.69
C ILE D 174 12.99 -45.45 14.19
N VAL D 175 13.99 -46.02 14.86
CA VAL D 175 14.10 -45.97 16.31
C VAL D 175 15.47 -45.41 16.68
N TYR D 176 15.49 -44.48 17.62
CA TYR D 176 16.71 -43.92 18.19
C TYR D 176 16.68 -44.20 19.69
N ARG D 177 17.50 -45.16 20.13
CA ARG D 177 17.64 -45.43 21.56
C ARG D 177 18.81 -44.59 22.06
N ALA D 178 18.52 -43.36 22.44
CA ALA D 178 19.55 -42.51 23.00
C ALA D 178 19.97 -43.00 24.38
N HIS D 179 19.05 -43.62 25.11
CA HIS D 179 19.25 -44.02 26.49
C HIS D 179 17.99 -44.79 26.91
N ALA D 180 18.13 -45.60 27.95
CA ALA D 180 16.97 -46.35 28.42
C ALA D 180 15.79 -45.44 28.72
N ASP D 181 16.07 -44.20 29.13
CA ASP D 181 15.04 -43.23 29.48
C ASP D 181 14.67 -42.31 28.32
N HIS D 182 15.27 -42.51 27.15
CA HIS D 182 15.05 -41.60 26.01
C HIS D 182 15.09 -42.43 24.72
N ILE D 183 13.91 -42.87 24.29
CA ILE D 183 13.77 -43.70 23.09
C ILE D 183 12.78 -43.00 22.17
N TYR D 184 13.23 -42.70 20.95
CA TYR D 184 12.43 -41.98 19.97
C TYR D 184 12.08 -42.88 18.80
N GLN D 185 10.83 -42.82 18.35
CA GLN D 185 10.36 -43.59 17.23
C GLN D 185 9.75 -42.66 16.20
N THR D 186 10.01 -42.96 14.92
CA THR D 186 9.39 -42.24 13.82
C THR D 186 8.77 -43.26 12.88
N TYR D 187 7.55 -42.97 12.41
CA TYR D 187 6.85 -43.85 11.48
C TYR D 187 6.47 -43.04 10.25
N VAL D 188 6.86 -43.55 9.08
CA VAL D 188 6.56 -42.93 7.80
C VAL D 188 5.71 -43.92 7.02
N THR D 189 4.46 -43.54 6.75
CA THR D 189 3.56 -44.44 6.04
C THR D 189 3.92 -44.50 4.56
N LEU D 190 3.41 -45.54 3.89
CA LEU D 190 3.62 -45.67 2.46
C LEU D 190 3.03 -44.51 1.68
N ASN D 191 2.17 -43.71 2.30
CA ASN D 191 1.61 -42.52 1.65
C ASN D 191 2.37 -41.25 2.01
N GLY D 192 3.43 -41.36 2.81
CA GLY D 192 4.29 -40.23 3.08
C GLY D 192 3.96 -39.45 4.33
N SER D 193 3.11 -39.97 5.20
CA SER D 193 2.75 -39.27 6.43
C SER D 193 3.67 -39.70 7.57
N THR D 194 4.04 -38.73 8.40
CA THR D 194 5.02 -38.93 9.46
C THR D 194 4.35 -38.80 10.83
N TYR D 195 4.65 -39.77 11.70
CA TYR D 195 4.25 -39.73 13.09
C TYR D 195 5.50 -39.91 13.96
N SER D 196 5.47 -39.33 15.15
CA SER D 196 6.62 -39.38 16.05
C SER D 196 6.15 -39.56 17.48
N ARG D 197 6.93 -40.32 18.25
CA ARG D 197 6.65 -40.48 19.67
C ARG D 197 7.96 -40.80 20.41
N CYS D 198 7.89 -40.73 21.73
CA CYS D 198 9.06 -40.89 22.59
C CYS D 198 8.68 -41.71 23.82
N CYS D 199 9.55 -42.64 24.20
CA CYS D 199 9.46 -43.30 25.50
C CYS D 199 10.37 -42.52 26.44
N TYR D 200 9.77 -41.84 27.41
CA TYR D 200 10.48 -40.93 28.29
C TYR D 200 10.46 -41.51 29.70
N ALA D 201 11.62 -41.90 30.19
CA ALA D 201 11.76 -42.48 31.53
C ALA D 201 10.89 -43.72 31.68
N GLY D 202 10.82 -44.54 30.63
CA GLY D 202 10.09 -45.79 30.68
C GLY D 202 8.62 -45.72 30.28
N SER D 203 8.07 -44.53 30.04
CA SER D 203 6.65 -44.40 29.71
C SER D 203 6.48 -43.86 28.30
N TRP D 204 5.79 -44.63 27.46
CA TRP D 204 5.52 -44.18 26.11
C TRP D 204 4.57 -43.00 26.13
N ARG D 205 4.84 -42.03 25.29
CA ARG D 205 4.01 -40.86 25.12
C ARG D 205 3.24 -40.96 23.81
N PRO D 206 2.14 -40.23 23.67
CA PRO D 206 1.26 -40.44 22.52
C PRO D 206 1.96 -40.14 21.21
N TRP D 207 1.57 -40.88 20.17
CA TRP D 207 2.03 -40.58 18.82
C TRP D 207 1.60 -39.17 18.44
N ARG D 208 2.53 -38.44 17.85
CA ARG D 208 2.26 -37.10 17.34
C ARG D 208 2.11 -37.20 15.83
N GLN D 209 1.00 -36.69 15.31
CA GLN D 209 0.67 -36.78 13.89
C GLN D 209 0.93 -35.43 13.24
N ASN D 210 1.78 -35.42 12.23
CA ASN D 210 2.00 -34.21 11.46
C ASN D 210 0.84 -33.97 10.50
N TRP D 211 0.49 -32.70 10.32
CA TRP D 211 -0.48 -32.34 9.30
C TRP D 211 0.24 -32.23 7.95
N ASP D 212 -0.37 -32.83 6.92
CA ASP D 212 0.18 -32.78 5.58
C ASP D 212 -0.98 -32.68 4.59
N ASP D 213 -0.65 -32.53 3.32
CA ASP D 213 -1.67 -32.35 2.29
C ASP D 213 -2.53 -33.60 2.08
N GLY D 214 -2.22 -34.70 2.77
CA GLY D 214 -3.00 -35.91 2.66
C GLY D 214 -4.04 -36.04 3.76
N ASN D 215 -3.91 -35.25 4.83
CA ASN D 215 -4.88 -35.26 5.92
C ASN D 215 -5.41 -33.87 6.26
N PHE D 216 -5.03 -32.85 5.49
CA PHE D 216 -5.53 -31.50 5.77
C PHE D 216 -5.42 -30.68 4.49
N ASP D 217 -6.51 -30.04 4.11
CA ASP D 217 -6.56 -29.20 2.91
C ASP D 217 -6.97 -27.79 3.31
N PRO D 218 -6.05 -26.82 3.34
CA PRO D 218 -6.45 -25.46 3.73
C PRO D 218 -7.51 -24.86 2.81
N ALA D 219 -7.56 -25.28 1.56
CA ALA D 219 -8.56 -24.77 0.62
C ALA D 219 -9.98 -25.11 1.03
N SER D 220 -10.17 -26.15 1.84
CA SER D 220 -11.50 -26.53 2.31
C SER D 220 -12.00 -25.64 3.44
N TYR D 221 -11.14 -24.83 4.04
CA TYR D 221 -11.49 -24.02 5.20
C TYR D 221 -11.61 -22.55 4.80
N LEU D 222 -12.43 -21.82 5.57
CA LEU D 222 -12.81 -20.47 5.19
C LEU D 222 -11.80 -19.46 5.71
N PRO D 223 -11.14 -18.69 4.84
CA PRO D 223 -10.29 -17.59 5.33
C PRO D 223 -11.11 -16.54 6.04
N LYS D 224 -10.49 -15.89 7.04
CA LYS D 224 -11.12 -14.78 7.72
C LYS D 224 -11.63 -13.75 6.74
N ALA D 225 -10.90 -13.51 5.65
CA ALA D 225 -11.31 -12.51 4.67
C ALA D 225 -12.62 -12.87 3.98
N GLY D 226 -13.02 -14.14 4.00
CA GLY D 226 -14.24 -14.58 3.35
C GLY D 226 -15.46 -14.60 4.23
N PHE D 227 -15.33 -14.21 5.49
CA PHE D 227 -16.45 -14.19 6.43
C PHE D 227 -17.13 -12.83 6.35
N THR D 228 -18.05 -12.67 5.40
CA THR D 228 -18.75 -11.41 5.23
C THR D 228 -20.20 -11.66 4.83
N TRP D 229 -21.05 -10.70 5.17
CA TRP D 229 -22.45 -10.75 4.77
C TRP D 229 -22.59 -10.97 3.27
N ALA D 230 -21.80 -10.26 2.47
CA ALA D 230 -21.92 -10.38 1.03
C ALA D 230 -21.56 -11.77 0.54
N ALA D 231 -20.61 -12.43 1.20
CA ALA D 231 -20.16 -13.75 0.80
C ALA D 231 -21.00 -14.89 1.37
N LEU D 232 -21.75 -14.63 2.43
CA LEU D 232 -22.54 -15.67 3.08
C LEU D 232 -23.59 -16.23 2.13
N PRO D 233 -23.52 -17.50 1.76
CA PRO D 233 -24.53 -18.06 0.86
C PRO D 233 -25.80 -18.47 1.59
N GLY D 234 -26.89 -18.51 0.84
CA GLY D 234 -28.17 -18.93 1.38
C GLY D 234 -28.96 -17.87 2.08
N LYS D 235 -28.59 -16.60 1.94
CA LYS D 235 -29.34 -15.54 2.61
C LYS D 235 -30.71 -15.41 1.97
N PRO D 236 -31.77 -15.29 2.77
CA PRO D 236 -33.11 -15.18 2.18
C PRO D 236 -33.33 -13.83 1.53
N ALA D 237 -34.26 -13.81 0.57
CA ALA D 237 -34.58 -12.57 -0.12
C ALA D 237 -35.29 -11.59 0.80
N THR D 238 -36.15 -12.10 1.69
CA THR D 238 -36.88 -11.29 2.63
C THR D 238 -36.74 -11.90 4.02
N PHE D 239 -37.04 -11.10 5.04
CA PHE D 239 -36.78 -11.46 6.42
C PHE D 239 -38.02 -11.23 7.27
N PRO D 240 -38.28 -12.10 8.25
CA PRO D 240 -39.41 -11.88 9.16
C PRO D 240 -39.27 -10.57 9.91
N PRO D 241 -40.21 -9.65 9.75
CA PRO D 241 -40.06 -8.33 10.38
C PRO D 241 -40.43 -8.33 11.85
N SER D 242 -39.76 -7.46 12.59
CA SER D 242 -40.12 -7.18 13.96
C SER D 242 -41.25 -6.13 13.99
N GLY D 243 -41.79 -5.88 15.17
CA GLY D 243 -42.90 -4.96 15.29
C GLY D 243 -42.56 -3.58 14.76
N HIS D 244 -43.50 -2.99 14.04
CA HIS D 244 -43.31 -1.66 13.48
C HIS D 244 -44.67 -1.05 13.18
N ASN D 245 -44.65 0.24 12.85
CA ASN D 245 -45.85 1.00 12.54
C ASN D 245 -45.79 1.50 11.10
N HIS D 246 -46.92 1.99 10.62
CA HIS D 246 -47.06 2.42 9.23
C HIS D 246 -47.85 3.71 9.16
N ASP D 247 -47.65 4.43 8.06
CA ASP D 247 -48.48 5.55 7.68
C ASP D 247 -49.46 5.11 6.59
N THR D 248 -50.63 5.76 6.56
CA THR D 248 -51.65 5.39 5.58
C THR D 248 -51.10 5.39 4.16
N SER D 249 -50.15 6.28 3.88
CA SER D 249 -49.59 6.36 2.53
C SER D 249 -48.91 5.06 2.12
N GLN D 250 -48.44 4.27 3.08
CA GLN D 250 -47.85 2.97 2.79
C GLN D 250 -48.88 1.89 2.50
N ILE D 251 -50.16 2.15 2.79
CA ILE D 251 -51.25 1.28 2.35
C ILE D 251 -51.56 1.70 0.92
N THR D 252 -51.04 0.94 -0.05
CA THR D 252 -51.02 1.38 -1.45
C THR D 252 -51.93 0.58 -2.37
N SER D 253 -52.59 -0.47 -1.89
CA SER D 253 -53.47 -1.24 -2.74
C SER D 253 -54.58 -1.87 -1.91
N GLY D 254 -55.65 -2.26 -2.60
CA GLY D 254 -56.78 -2.88 -1.94
C GLY D 254 -57.80 -1.87 -1.46
N ILE D 255 -58.89 -2.41 -0.92
CA ILE D 255 -59.98 -1.61 -0.38
C ILE D 255 -60.29 -2.12 1.02
N LEU D 256 -60.14 -1.27 2.02
CA LEU D 256 -60.37 -1.69 3.39
C LEU D 256 -61.85 -2.03 3.59
N PRO D 257 -62.18 -3.20 4.14
CA PRO D 257 -63.59 -3.56 4.32
C PRO D 257 -64.18 -2.93 5.57
N LEU D 258 -65.49 -3.11 5.73
CA LEU D 258 -66.19 -2.52 6.86
C LEU D 258 -65.76 -3.15 8.18
N ALA D 259 -65.45 -4.44 8.18
CA ALA D 259 -65.01 -5.10 9.41
C ALA D 259 -63.76 -4.44 10.00
N ARG D 260 -62.97 -3.77 9.18
CA ARG D 260 -61.75 -3.11 9.63
C ARG D 260 -61.91 -1.60 9.76
N GLY D 261 -63.15 -1.11 9.72
CA GLY D 261 -63.39 0.32 9.78
C GLY D 261 -63.35 1.01 8.43
N GLY D 262 -63.38 0.26 7.34
CA GLY D 262 -63.35 0.84 6.01
C GLY D 262 -64.73 0.90 5.37
N LEU D 263 -64.75 1.47 4.16
CA LEU D 263 -66.00 1.66 3.42
C LEU D 263 -66.39 0.47 2.57
N GLY D 264 -65.50 -0.50 2.38
CA GLY D 264 -65.78 -1.62 1.51
C GLY D 264 -65.96 -1.26 0.05
N ALA D 265 -65.64 -0.03 -0.33
CA ALA D 265 -65.80 0.42 -1.70
C ALA D 265 -64.90 1.64 -1.92
N ASN D 266 -64.58 1.88 -3.19
CA ASN D 266 -63.69 2.98 -3.55
C ASN D 266 -64.42 4.09 -4.32
N THR D 267 -65.75 4.12 -4.24
CA THR D 267 -66.55 5.18 -4.83
C THR D 267 -67.51 5.73 -3.79
N ALA D 268 -67.91 6.99 -3.98
CA ALA D 268 -68.87 7.61 -3.07
C ALA D 268 -70.15 6.80 -3.01
N ALA D 269 -70.71 6.46 -4.17
CA ALA D 269 -71.96 5.69 -4.19
C ALA D 269 -71.79 4.36 -3.49
N GLY D 270 -70.77 3.59 -3.87
CA GLY D 270 -70.52 2.33 -3.19
C GLY D 270 -70.39 2.49 -1.70
N ALA D 271 -69.63 3.51 -1.27
CA ALA D 271 -69.45 3.75 0.15
C ALA D 271 -70.79 3.99 0.82
N ARG D 272 -71.58 4.93 0.28
CA ARG D 272 -72.90 5.21 0.83
C ARG D 272 -73.73 3.94 0.94
N ASN D 273 -73.71 3.11 -0.12
CA ASN D 273 -74.53 1.90 -0.13
C ASN D 273 -74.12 0.96 1.00
N ASN D 274 -72.82 0.81 1.22
CA ASN D 274 -72.34 -0.15 2.22
C ASN D 274 -72.58 0.30 3.65
N ILE D 275 -72.72 1.60 3.89
CA ILE D 275 -73.05 2.10 5.23
C ILE D 275 -74.52 2.49 5.35
N GLY D 276 -75.30 2.33 4.27
CA GLY D 276 -76.72 2.63 4.33
C GLY D 276 -77.03 4.10 4.42
N ALA D 277 -76.20 4.96 3.85
CA ALA D 277 -76.37 6.40 3.94
C ALA D 277 -77.08 6.96 2.71
N GLY D 278 -77.66 8.15 2.89
CA GLY D 278 -78.33 8.86 1.83
C GLY D 278 -77.57 10.10 1.42
N VAL D 279 -77.99 10.67 0.29
CA VAL D 279 -77.33 11.85 -0.26
C VAL D 279 -78.00 13.10 0.27
N PRO D 280 -77.33 14.25 0.25
CA PRO D 280 -77.95 15.48 0.75
C PRO D 280 -79.02 15.99 -0.20
N ALA D 281 -79.92 16.79 0.37
CA ALA D 281 -80.98 17.44 -0.40
C ALA D 281 -80.49 18.77 -0.94
N THR D 282 -81.18 19.25 -1.96
CA THR D 282 -80.89 20.54 -2.57
C THR D 282 -82.15 21.39 -2.58
N ALA D 283 -81.98 22.69 -2.77
CA ALA D 283 -83.12 23.60 -2.72
C ALA D 283 -82.74 24.96 -3.27
N SER D 284 -83.76 25.70 -3.69
CA SER D 284 -83.65 27.11 -3.99
C SER D 284 -84.60 27.84 -3.04
N ARG D 285 -84.04 28.51 -2.04
CA ARG D 285 -84.83 29.08 -0.95
C ARG D 285 -85.29 30.50 -1.31
N ALA D 286 -86.18 30.55 -2.29
CA ALA D 286 -86.78 31.78 -2.76
C ALA D 286 -88.29 31.73 -2.56
N LEU D 287 -88.94 32.87 -2.82
CA LEU D 287 -90.40 32.90 -2.77
C LEU D 287 -90.98 31.96 -3.81
N ASN D 288 -90.45 31.98 -5.03
CA ASN D 288 -90.73 30.96 -6.04
C ASN D 288 -89.54 29.99 -6.02
N GLY D 289 -89.58 29.05 -5.07
CA GLY D 289 -88.48 28.15 -4.82
C GLY D 289 -88.87 26.69 -4.96
N TRP D 290 -87.90 25.83 -4.65
CA TRP D 290 -88.10 24.39 -4.75
C TRP D 290 -87.17 23.67 -3.79
N TRP D 291 -87.48 22.40 -3.54
CA TRP D 291 -86.69 21.53 -2.68
C TRP D 291 -86.68 20.14 -3.31
N LYS D 292 -85.52 19.51 -3.31
CA LYS D 292 -85.34 18.22 -3.99
C LYS D 292 -84.72 17.21 -3.04
N ASP D 293 -85.40 16.08 -2.87
CA ASP D 293 -84.85 14.95 -2.13
C ASP D 293 -84.12 14.08 -3.16
N ASN D 294 -82.81 14.19 -3.19
CA ASN D 294 -82.02 13.46 -4.17
C ASN D 294 -81.95 11.97 -3.88
N ASP D 295 -82.37 11.53 -2.70
CA ASP D 295 -82.51 10.09 -2.46
C ASP D 295 -83.56 9.49 -3.37
N THR D 296 -84.76 10.07 -3.37
CA THR D 296 -85.86 9.57 -4.18
C THR D 296 -86.10 10.36 -5.45
N GLY D 297 -85.48 11.53 -5.59
CA GLY D 297 -85.71 12.41 -6.71
C GLY D 297 -86.94 13.27 -6.60
N LEU D 298 -87.74 13.11 -5.54
CA LEU D 298 -88.96 13.89 -5.40
C LEU D 298 -88.62 15.37 -5.26
N ILE D 299 -89.44 16.21 -5.90
CA ILE D 299 -89.26 17.66 -5.92
C ILE D 299 -90.52 18.31 -5.39
N VAL D 300 -90.35 19.31 -4.52
CA VAL D 300 -91.45 20.10 -4.00
C VAL D 300 -91.19 21.56 -4.38
N GLN D 301 -92.20 22.20 -4.97
CA GLN D 301 -92.06 23.58 -5.42
C GLN D 301 -93.17 24.43 -4.84
N TRP D 302 -92.88 25.72 -4.68
CA TRP D 302 -93.86 26.68 -4.20
C TRP D 302 -93.68 27.98 -4.98
N MET D 303 -94.79 28.68 -5.20
CA MET D 303 -94.77 29.87 -6.04
C MET D 303 -96.02 30.70 -5.76
N GLN D 304 -95.99 31.93 -6.26
CA GLN D 304 -97.10 32.86 -6.08
C GLN D 304 -97.09 33.89 -7.20
N VAL D 305 -98.28 34.31 -7.60
CA VAL D 305 -98.46 35.35 -8.61
C VAL D 305 -99.54 36.31 -8.14
N ASN D 306 -99.23 37.61 -8.16
CA ASN D 306 -100.21 38.62 -7.81
C ASN D 306 -101.06 38.92 -9.04
N VAL D 307 -102.37 38.94 -8.87
CA VAL D 307 -103.31 39.09 -9.98
C VAL D 307 -104.00 40.45 -9.95
N GLY D 308 -104.58 40.81 -8.81
CA GLY D 308 -105.35 42.04 -8.68
C GLY D 308 -106.83 41.78 -8.42
N ASP D 309 -107.69 42.41 -9.20
CA ASP D 309 -109.13 42.27 -9.01
C ASP D 309 -109.64 41.06 -9.77
N HIS D 310 -110.73 40.48 -9.27
CA HIS D 310 -111.46 39.46 -10.02
C HIS D 310 -112.62 40.14 -10.73
N PRO D 311 -112.69 40.10 -12.07
CA PRO D 311 -113.74 40.82 -12.78
C PRO D 311 -115.07 40.08 -12.86
N GLY D 312 -115.22 39.00 -12.11
CA GLY D 312 -116.37 38.14 -12.24
C GLY D 312 -116.20 37.11 -13.34
N GLY D 313 -117.12 36.15 -13.35
CA GLY D 313 -117.07 35.08 -14.32
C GLY D 313 -116.05 34.03 -13.94
N ILE D 314 -115.38 33.46 -14.95
CA ILE D 314 -114.42 32.38 -14.75
C ILE D 314 -113.11 32.81 -15.39
N ILE D 315 -112.04 32.86 -14.59
CA ILE D 315 -110.74 33.32 -15.05
C ILE D 315 -109.74 32.18 -14.90
N ASP D 316 -109.13 31.79 -16.02
CA ASP D 316 -108.04 30.83 -16.01
C ASP D 316 -106.71 31.56 -16.06
N ARG D 317 -105.70 30.98 -15.39
CA ARG D 317 -104.38 31.58 -15.36
C ARG D 317 -103.33 30.47 -15.27
N THR D 318 -102.32 30.57 -16.13
CA THR D 318 -101.23 29.62 -16.16
C THR D 318 -100.10 30.09 -15.24
N LEU D 319 -99.61 29.19 -14.40
CA LEU D 319 -98.44 29.42 -13.58
C LEU D 319 -97.32 28.49 -14.02
N THR D 320 -96.10 29.03 -14.11
CA THR D 320 -94.93 28.26 -14.52
C THR D 320 -94.07 27.92 -13.30
N PHE D 321 -93.79 26.62 -13.12
CA PHE D 321 -93.06 26.18 -11.95
C PHE D 321 -91.66 26.77 -11.92
N PRO D 322 -91.14 27.12 -10.73
CA PRO D 322 -89.75 27.59 -10.65
C PRO D 322 -88.76 26.74 -11.44
N ILE D 323 -88.90 25.42 -11.39
CA ILE D 323 -88.12 24.55 -12.25
C ILE D 323 -89.07 23.51 -12.84
N ALA D 324 -88.70 22.99 -14.00
CA ALA D 324 -89.48 21.94 -14.64
C ALA D 324 -89.27 20.61 -13.93
N PHE D 325 -90.36 19.91 -13.73
CA PHE D 325 -90.27 18.53 -13.24
C PHE D 325 -89.66 17.68 -14.35
N PRO D 326 -88.54 16.99 -14.12
CA PRO D 326 -87.95 16.20 -15.21
C PRO D 326 -88.90 15.17 -15.80
N SER D 327 -89.82 14.63 -15.00
CA SER D 327 -90.68 13.54 -15.45
C SER D 327 -92.16 13.87 -15.36
N ALA D 328 -92.65 14.30 -14.21
CA ALA D 328 -94.08 14.54 -14.08
C ALA D 328 -94.35 15.32 -12.81
N CYS D 329 -95.45 16.06 -12.83
CA CYS D 329 -96.00 16.71 -11.65
C CYS D 329 -97.08 15.79 -11.09
N LEU D 330 -96.96 15.43 -9.81
CA LEU D 330 -97.87 14.48 -9.20
C LEU D 330 -99.01 15.16 -8.44
N HIS D 331 -98.84 16.40 -8.00
CA HIS D 331 -99.82 17.03 -7.14
C HIS D 331 -99.61 18.54 -7.16
N VAL D 332 -100.71 19.29 -7.08
CA VAL D 332 -100.67 20.74 -6.92
C VAL D 332 -101.62 21.12 -5.79
N VAL D 333 -101.28 22.19 -5.10
CA VAL D 333 -102.07 22.67 -3.96
C VAL D 333 -102.29 24.17 -4.14
N PRO D 334 -103.38 24.60 -4.76
CA PRO D 334 -103.61 26.04 -4.96
C PRO D 334 -104.36 26.68 -3.80
N THR D 335 -103.93 27.89 -3.44
CA THR D 335 -104.60 28.70 -2.44
C THR D 335 -104.58 30.16 -2.89
N VAL D 336 -105.30 30.99 -2.15
CA VAL D 336 -105.49 32.39 -2.51
C VAL D 336 -104.70 33.26 -1.54
N LYS D 337 -103.98 34.23 -2.08
CA LYS D 337 -103.23 35.22 -1.31
C LYS D 337 -103.93 36.56 -1.43
N GLU D 338 -103.90 37.35 -0.35
CA GLU D 338 -104.39 38.72 -0.38
C GLU D 338 -103.22 39.67 -0.56
N VAL D 339 -103.14 40.33 -1.70
CA VAL D 339 -102.13 41.37 -1.90
C VAL D 339 -102.56 42.65 -1.19
N GLY D 340 -103.84 42.97 -1.24
CA GLY D 340 -104.38 44.16 -0.60
C GLY D 340 -105.88 44.02 -0.44
N ARG D 341 -106.49 45.03 0.18
CA ARG D 341 -107.92 45.04 0.46
C ARG D 341 -108.51 46.36 0.02
N PRO D 342 -108.75 46.53 -1.28
CA PRO D 342 -109.34 47.79 -1.77
C PRO D 342 -110.81 47.92 -1.38
N ALA D 343 -111.60 46.88 -1.67
CA ALA D 343 -113.00 46.85 -1.26
C ALA D 343 -113.29 45.70 -0.30
N THR D 344 -113.03 44.45 -0.70
CA THR D 344 -113.27 43.30 0.15
C THR D 344 -112.01 42.42 0.19
N SER D 345 -112.07 41.37 1.00
CA SER D 345 -110.93 40.50 1.19
C SER D 345 -110.76 39.55 0.02
N ALA D 346 -109.54 39.05 -0.14
CA ALA D 346 -109.25 38.06 -1.17
C ALA D 346 -109.84 36.69 -0.86
N SER D 347 -110.28 36.47 0.38
CA SER D 347 -110.95 35.22 0.70
C SER D 347 -112.29 35.08 -0.03
N THR D 348 -112.82 36.16 -0.60
CA THR D 348 -114.01 36.06 -1.44
C THR D 348 -113.69 35.50 -2.82
N VAL D 349 -112.43 35.17 -3.09
CA VAL D 349 -112.00 34.51 -4.31
C VAL D 349 -111.53 33.11 -3.95
N THR D 350 -111.95 32.12 -4.76
CA THR D 350 -111.53 30.75 -4.57
C THR D 350 -110.94 30.23 -5.88
N VAL D 351 -110.17 29.14 -5.77
CA VAL D 351 -109.41 28.62 -6.90
C VAL D 351 -109.55 27.10 -6.96
N ALA D 352 -109.13 26.55 -8.08
CA ALA D 352 -109.08 25.12 -8.32
C ALA D 352 -108.17 24.88 -9.52
N ASP D 353 -107.50 23.72 -9.52
CA ASP D 353 -106.54 23.44 -10.60
C ASP D 353 -107.26 22.80 -11.77
N VAL D 354 -106.93 23.27 -12.97
CA VAL D 354 -107.56 22.83 -14.21
C VAL D 354 -106.73 21.76 -14.90
N SER D 355 -105.45 22.04 -15.12
CA SER D 355 -104.56 21.09 -15.77
C SER D 355 -103.18 21.25 -15.15
N VAL D 356 -102.34 20.26 -15.41
CA VAL D 356 -100.99 20.21 -14.86
C VAL D 356 -100.06 19.65 -15.93
N SER D 357 -98.83 20.16 -15.95
CA SER D 357 -97.79 19.67 -16.84
C SER D 357 -96.48 19.61 -16.05
N ASN D 358 -95.41 19.20 -16.73
CA ASN D 358 -94.10 19.17 -16.10
C ASN D 358 -93.57 20.57 -15.82
N THR D 359 -94.07 21.58 -16.53
CA THR D 359 -93.55 22.93 -16.45
C THR D 359 -94.49 23.92 -15.76
N GLY D 360 -95.75 23.57 -15.58
CA GLY D 360 -96.66 24.49 -14.94
C GLY D 360 -98.04 23.91 -14.80
N CYS D 361 -99.00 24.79 -14.54
CA CYS D 361 -100.37 24.37 -14.29
C CYS D 361 -101.31 25.53 -14.62
N VAL D 362 -102.60 25.20 -14.74
CA VAL D 362 -103.64 26.20 -14.98
C VAL D 362 -104.56 26.22 -13.77
N ILE D 363 -104.74 27.40 -13.20
CA ILE D 363 -105.60 27.59 -12.04
C ILE D 363 -106.80 28.42 -12.47
N VAL D 364 -108.00 27.97 -12.14
CA VAL D 364 -109.23 28.71 -12.41
C VAL D 364 -109.68 29.36 -11.12
N SER D 365 -110.21 30.57 -11.22
CA SER D 365 -110.65 31.34 -10.07
C SER D 365 -112.03 31.93 -10.31
N SER D 366 -112.75 32.13 -9.21
CA SER D 366 -114.07 32.75 -9.24
C SER D 366 -114.27 33.48 -7.93
N GLU D 367 -115.34 34.27 -7.86
CA GLU D 367 -115.65 35.07 -6.69
C GLU D 367 -117.13 34.88 -6.34
N TYR D 368 -117.44 34.95 -5.04
CA TYR D 368 -118.83 34.98 -4.61
C TYR D 368 -119.29 36.34 -4.13
N TYR D 369 -118.37 37.28 -3.91
CA TYR D 369 -118.72 38.70 -3.87
C TYR D 369 -118.60 39.31 -5.27
N GLY D 370 -119.17 40.49 -5.43
CA GLY D 370 -119.06 41.23 -6.67
C GLY D 370 -118.32 42.53 -6.48
N LEU D 371 -117.31 42.52 -5.61
CA LEU D 371 -116.59 43.71 -5.21
C LEU D 371 -115.13 43.62 -5.64
N ALA D 372 -114.42 44.73 -5.47
CA ALA D 372 -113.01 44.80 -5.86
C ALA D 372 -112.15 44.08 -4.82
N GLN D 373 -111.29 43.19 -5.30
CA GLN D 373 -110.28 42.56 -4.46
C GLN D 373 -108.91 42.83 -5.03
N ASN D 374 -107.88 42.46 -4.26
CA ASN D 374 -106.49 42.46 -4.73
C ASN D 374 -105.88 41.15 -4.27
N TYR D 375 -106.10 40.09 -5.04
CA TYR D 375 -105.73 38.74 -4.66
C TYR D 375 -104.58 38.23 -5.52
N GLY D 376 -103.94 37.17 -5.02
CA GLY D 376 -102.98 36.42 -5.78
C GLY D 376 -103.23 34.94 -5.64
N ILE D 377 -102.50 34.16 -6.44
CA ILE D 377 -102.60 32.71 -6.43
C ILE D 377 -101.30 32.13 -5.90
N ARG D 378 -101.40 31.32 -4.86
CA ARG D 378 -100.30 30.47 -4.40
C ARG D 378 -100.50 29.06 -4.93
N VAL D 379 -99.38 28.41 -5.27
CA VAL D 379 -99.40 27.02 -5.69
C VAL D 379 -98.20 26.31 -5.08
N MET D 380 -98.45 25.15 -4.48
CA MET D 380 -97.40 24.24 -4.07
C MET D 380 -97.55 22.96 -4.89
N ALA D 381 -96.43 22.45 -5.39
CA ALA D 381 -96.46 21.34 -6.34
C ALA D 381 -95.49 20.25 -5.92
N ILE D 382 -95.84 19.01 -6.28
CA ILE D 382 -95.05 17.83 -5.97
C ILE D 382 -94.83 17.07 -7.28
N GLY D 383 -93.62 16.55 -7.45
CA GLY D 383 -93.32 15.78 -8.64
C GLY D 383 -91.91 15.23 -8.61
N TYR D 384 -91.42 14.83 -9.77
CA TYR D 384 -90.09 14.25 -9.88
C TYR D 384 -89.59 14.30 -11.32
N ALA E 11 88.48 -77.50 12.14
CA ALA E 11 87.44 -76.70 11.50
C ALA E 11 86.11 -77.45 11.52
N LEU E 12 85.26 -77.10 12.47
CA LEU E 12 83.97 -77.77 12.64
C LEU E 12 83.04 -77.42 11.48
N ALA E 13 82.36 -78.45 10.98
CA ALA E 13 81.28 -78.26 10.01
C ALA E 13 79.94 -78.42 10.70
N ALA E 14 78.90 -77.89 10.07
CA ALA E 14 77.56 -77.95 10.65
C ALA E 14 77.18 -79.38 11.02
N THR E 15 77.53 -80.34 10.16
CA THR E 15 77.20 -81.73 10.43
C THR E 15 77.85 -82.25 11.72
N ASP E 16 78.89 -81.59 12.21
CA ASP E 16 79.53 -81.98 13.46
C ASP E 16 78.80 -81.43 14.68
N ILE E 17 77.78 -80.62 14.50
CA ILE E 17 77.08 -79.95 15.60
C ILE E 17 75.84 -80.75 15.94
N PRO E 18 75.60 -81.09 17.20
CA PRO E 18 74.40 -81.85 17.56
C PRO E 18 73.16 -80.98 17.57
N GLY E 19 72.01 -81.63 17.71
CA GLY E 19 70.75 -80.95 17.78
C GLY E 19 70.64 -80.06 19.00
N LEU E 20 70.18 -78.83 18.81
CA LEU E 20 70.21 -77.83 19.86
C LEU E 20 68.80 -77.41 20.25
N ASP E 21 68.64 -77.04 21.52
CA ASP E 21 67.42 -76.40 21.99
C ASP E 21 67.45 -74.92 21.62
N ALA E 22 66.26 -74.34 21.49
CA ALA E 22 66.16 -72.92 21.13
C ALA E 22 66.87 -72.04 22.16
N SER E 23 66.98 -72.51 23.40
CA SER E 23 67.67 -71.75 24.44
C SER E 23 69.15 -71.54 24.13
N LYS E 24 69.68 -72.19 23.10
CA LYS E 24 71.08 -72.01 22.75
C LYS E 24 71.33 -70.68 22.06
N LEU E 25 70.31 -70.08 21.45
CA LEU E 25 70.42 -68.72 20.89
C LEU E 25 70.25 -67.73 22.03
N VAL E 26 71.36 -67.17 22.49
CA VAL E 26 71.35 -66.34 23.69
C VAL E 26 71.33 -64.85 23.39
N SER E 27 71.45 -64.44 22.13
CA SER E 27 71.55 -63.04 21.78
C SER E 27 71.25 -62.85 20.31
N GLY E 28 71.06 -61.60 19.92
CA GLY E 28 70.86 -61.24 18.53
C GLY E 28 69.40 -61.35 18.11
N VAL E 29 69.14 -60.86 16.90
CA VAL E 29 67.81 -60.88 16.29
C VAL E 29 67.89 -61.69 15.01
N LEU E 30 67.05 -62.71 14.90
CA LEU E 30 67.02 -63.53 13.71
C LEU E 30 66.74 -62.68 12.47
N ALA E 31 67.46 -62.97 11.40
CA ALA E 31 67.06 -62.51 10.08
C ALA E 31 65.65 -63.02 9.78
N GLU E 32 64.80 -62.13 9.28
CA GLU E 32 63.40 -62.49 9.09
C GLU E 32 63.23 -63.64 8.11
N GLN E 33 64.22 -63.89 7.25
CA GLN E 33 64.17 -65.02 6.33
C GLN E 33 64.12 -66.36 7.06
N ARG E 34 64.50 -66.39 8.34
CA ARG E 34 64.42 -67.61 9.12
C ARG E 34 63.02 -67.91 9.61
N LEU E 35 62.06 -66.93 9.49
CA LEU E 35 60.71 -67.06 10.01
C LEU E 35 59.79 -67.72 8.98
N PRO E 36 58.78 -68.47 9.44
CA PRO E 36 57.71 -68.87 8.53
C PRO E 36 57.10 -67.64 7.88
N VAL E 37 56.65 -67.80 6.63
CA VAL E 37 56.28 -66.64 5.83
C VAL E 37 55.15 -65.85 6.50
N PHE E 38 54.22 -66.54 7.16
CA PHE E 38 53.09 -65.82 7.74
C PHE E 38 53.51 -64.89 8.87
N ALA E 39 54.68 -65.11 9.48
CA ALA E 39 55.20 -64.19 10.48
C ALA E 39 55.93 -63.00 9.88
N ARG E 40 56.11 -62.98 8.56
CA ARG E 40 56.69 -61.86 7.84
C ARG E 40 55.62 -61.02 7.14
N GLY E 41 54.34 -61.28 7.42
CA GLY E 41 53.28 -60.61 6.69
C GLY E 41 53.07 -61.11 5.28
N LEU E 42 53.74 -62.18 4.88
CA LEU E 42 53.59 -62.74 3.55
C LEU E 42 52.41 -63.71 3.53
N ALA E 43 51.46 -63.48 2.64
CA ALA E 43 50.29 -64.36 2.49
C ALA E 43 50.57 -65.48 1.50
N THR E 44 51.65 -66.23 1.73
CA THR E 44 52.13 -67.23 0.78
C THR E 44 52.26 -68.62 1.39
N ALA E 45 51.82 -68.80 2.63
CA ALA E 45 52.02 -70.08 3.30
C ALA E 45 51.24 -71.20 2.63
N VAL E 46 50.06 -70.91 2.10
CA VAL E 46 49.20 -71.92 1.53
C VAL E 46 48.73 -71.46 0.14
N SER E 47 48.16 -72.40 -0.60
CA SER E 47 47.65 -72.12 -1.92
C SER E 47 46.60 -71.01 -1.86
N ASN E 48 46.52 -70.23 -2.93
CA ASN E 48 45.67 -69.04 -2.94
C ASN E 48 44.22 -69.37 -3.22
N SER E 49 43.82 -70.63 -3.06
CA SER E 49 42.42 -71.02 -3.06
C SER E 49 42.11 -71.89 -1.85
N SER E 50 42.92 -71.80 -0.79
CA SER E 50 42.73 -72.65 0.36
C SER E 50 41.42 -72.29 1.06
N ASP E 51 40.81 -73.28 1.69
CA ASP E 51 39.54 -73.14 2.39
C ASP E 51 39.76 -72.46 3.73
N PRO E 52 39.27 -71.23 3.93
CA PRO E 52 39.46 -70.57 5.23
C PRO E 52 38.75 -71.29 6.38
N ASN E 53 37.77 -72.14 6.08
CA ASN E 53 37.08 -72.90 7.12
C ASN E 53 38.02 -73.91 7.79
N THR E 54 38.99 -74.44 7.06
CA THR E 54 39.95 -75.39 7.60
C THR E 54 41.31 -74.75 7.86
N ALA E 55 41.33 -73.46 8.16
CA ALA E 55 42.60 -72.76 8.30
C ALA E 55 43.39 -73.29 9.48
N THR E 56 44.69 -73.45 9.28
CA THR E 56 45.64 -73.71 10.35
C THR E 56 46.76 -72.68 10.43
N VAL E 57 46.90 -71.81 9.43
CA VAL E 57 47.93 -70.78 9.42
C VAL E 57 47.32 -69.43 9.79
N PRO E 58 48.07 -68.54 10.44
CA PRO E 58 47.49 -67.25 10.83
C PRO E 58 47.30 -66.25 9.70
N LEU E 59 47.81 -66.51 8.49
CA LEU E 59 47.62 -65.58 7.40
C LEU E 59 47.58 -66.32 6.06
N MET E 60 46.56 -66.04 5.26
CA MET E 60 46.44 -66.60 3.91
C MET E 60 45.82 -65.57 3.00
N LEU E 61 45.92 -65.83 1.69
CA LEU E 61 45.24 -65.05 0.66
C LEU E 61 44.48 -66.03 -0.22
N THR E 62 43.15 -65.88 -0.29
CA THR E 62 42.33 -66.88 -0.97
C THR E 62 41.04 -66.27 -1.49
N ASN E 63 40.61 -66.77 -2.66
CA ASN E 63 39.29 -66.47 -3.21
C ASN E 63 38.30 -67.60 -2.96
N HIS E 64 38.60 -68.51 -2.05
CA HIS E 64 37.71 -69.63 -1.75
C HIS E 64 36.32 -69.10 -1.38
N ALA E 65 35.30 -69.85 -1.78
CA ALA E 65 33.92 -69.40 -1.58
C ALA E 65 33.52 -69.34 -0.12
N ASN E 66 34.29 -69.91 0.80
CA ASN E 66 34.01 -69.71 2.20
C ASN E 66 34.49 -68.35 2.71
N GLY E 67 35.15 -67.55 1.85
CA GLY E 67 35.45 -66.19 2.18
C GLY E 67 34.19 -65.31 2.16
N PRO E 68 34.39 -64.00 2.38
CA PRO E 68 33.23 -63.12 2.61
C PRO E 68 32.49 -62.66 1.36
N VAL E 69 33.16 -62.60 0.21
CA VAL E 69 32.56 -62.07 -1.01
C VAL E 69 32.86 -63.02 -2.17
N ALA E 70 31.81 -63.59 -2.75
CA ALA E 70 31.98 -64.59 -3.79
C ALA E 70 32.81 -64.05 -4.95
N GLY E 71 33.81 -64.82 -5.35
CA GLY E 71 34.64 -64.50 -6.49
C GLY E 71 35.78 -63.55 -6.23
N ARG E 72 35.95 -63.07 -5.00
CA ARG E 72 36.99 -62.10 -4.69
C ARG E 72 38.01 -62.67 -3.73
N TYR E 73 39.27 -62.26 -3.92
CA TYR E 73 40.35 -62.62 -3.02
C TYR E 73 40.31 -61.75 -1.77
N PHE E 74 40.67 -62.34 -0.63
CA PHE E 74 40.80 -61.61 0.62
C PHE E 74 41.99 -62.16 1.40
N TYR E 75 42.77 -61.25 1.98
CA TYR E 75 43.71 -61.64 3.03
C TYR E 75 42.90 -62.04 4.26
N ILE E 76 43.21 -63.19 4.84
CA ILE E 76 42.47 -63.69 6.00
C ILE E 76 43.47 -63.96 7.11
N GLN E 77 43.34 -63.22 8.21
CA GLN E 77 44.09 -63.47 9.42
C GLN E 77 43.28 -64.42 10.31
N SER E 78 43.96 -65.36 10.93
CA SER E 78 43.29 -66.32 11.82
C SER E 78 43.96 -66.30 13.18
N MET E 79 43.16 -66.38 14.23
CA MET E 79 43.63 -66.51 15.60
C MET E 79 42.95 -67.73 16.20
N PHE E 80 43.73 -68.59 16.85
CA PHE E 80 43.29 -69.92 17.21
C PHE E 80 43.35 -70.16 18.72
N TYR E 81 42.44 -71.01 19.20
CA TYR E 81 42.47 -71.51 20.56
C TYR E 81 41.62 -72.77 20.62
N PRO E 82 42.07 -73.83 21.30
CA PRO E 82 43.34 -74.00 22.01
C PRO E 82 44.51 -74.44 21.13
N ASP E 83 44.21 -74.79 19.88
CA ASP E 83 45.24 -75.10 18.90
C ASP E 83 44.74 -74.71 17.52
N GLN E 84 45.58 -74.89 16.51
CA GLN E 84 45.31 -74.40 15.17
C GLN E 84 44.22 -75.17 14.43
N ASN E 85 43.68 -76.23 15.04
CA ASN E 85 42.52 -76.93 14.52
C ASN E 85 41.25 -76.59 15.28
N GLY E 86 41.34 -75.70 16.27
CA GLY E 86 40.25 -75.46 17.19
C GLY E 86 39.43 -74.24 16.84
N ASN E 87 38.87 -73.60 17.86
CA ASN E 87 38.10 -72.38 17.68
C ASN E 87 39.00 -71.32 17.07
N ALA E 88 38.38 -70.36 16.39
CA ALA E 88 39.18 -69.38 15.66
C ALA E 88 38.37 -68.11 15.41
N SER E 89 39.09 -67.00 15.33
CA SER E 89 38.56 -65.73 14.86
C SER E 89 39.29 -65.36 13.58
N GLN E 90 38.55 -64.82 12.61
CA GLN E 90 39.14 -64.47 11.33
C GLN E 90 38.77 -63.05 10.92
N ILE E 91 39.76 -62.35 10.40
CA ILE E 91 39.59 -61.00 9.85
C ILE E 91 39.96 -61.07 8.38
N ALA E 92 39.05 -60.65 7.52
CA ALA E 92 39.28 -60.65 6.08
C ALA E 92 39.36 -59.21 5.59
N THR E 93 40.39 -58.92 4.79
CA THR E 93 40.55 -57.63 4.15
C THR E 93 40.78 -57.84 2.66
N SER E 94 40.25 -56.91 1.88
CA SER E 94 40.16 -57.08 0.44
C SER E 94 41.54 -57.05 -0.21
N TYR E 95 41.60 -57.67 -1.39
CA TYR E 95 42.83 -57.80 -2.16
C TYR E 95 42.92 -56.81 -3.31
N ASN E 96 41.79 -56.24 -3.74
CA ASN E 96 41.75 -55.40 -4.94
C ASN E 96 40.36 -54.78 -5.06
N ALA E 97 40.25 -53.81 -5.97
CA ALA E 97 38.97 -53.23 -6.39
C ALA E 97 38.41 -52.25 -5.38
N THR E 98 38.29 -52.67 -4.12
CA THR E 98 37.74 -51.84 -3.06
C THR E 98 38.47 -52.15 -1.76
N SER E 99 38.24 -51.29 -0.76
CA SER E 99 38.83 -51.43 0.56
C SER E 99 37.72 -51.83 1.54
N GLU E 100 37.70 -53.11 1.90
CA GLU E 100 36.65 -53.68 2.74
C GLU E 100 37.26 -54.59 3.79
N MET E 101 36.57 -54.73 4.91
CA MET E 101 37.00 -55.59 6.00
C MET E 101 35.81 -56.37 6.55
N TYR E 102 36.04 -57.63 6.88
CA TYR E 102 35.02 -58.49 7.48
C TYR E 102 35.63 -59.27 8.64
N VAL E 103 34.76 -59.78 9.50
CA VAL E 103 35.15 -60.60 10.64
C VAL E 103 34.15 -61.74 10.81
N ARG E 104 34.65 -62.88 11.30
CA ARG E 104 33.79 -64.00 11.67
C ARG E 104 34.48 -64.82 12.76
N VAL E 105 33.79 -65.88 13.19
CA VAL E 105 34.26 -66.68 14.30
C VAL E 105 33.70 -68.09 14.17
N SER E 106 34.46 -69.05 14.69
CA SER E 106 34.02 -70.42 14.88
C SER E 106 34.19 -70.80 16.34
N TYR E 107 33.12 -71.31 16.95
CA TYR E 107 33.16 -71.83 18.30
C TYR E 107 32.30 -73.08 18.36
N ALA E 108 32.81 -74.09 19.07
CA ALA E 108 32.09 -75.35 19.28
C ALA E 108 32.63 -76.01 20.55
N ALA E 109 31.76 -76.79 21.20
CA ALA E 109 32.18 -77.56 22.37
C ALA E 109 33.35 -78.46 22.05
N ASN E 110 33.29 -79.16 20.92
CA ASN E 110 34.46 -79.83 20.37
C ASN E 110 35.07 -78.87 19.36
N PRO E 111 36.08 -78.09 19.73
CA PRO E 111 36.50 -76.98 18.84
C PRO E 111 36.91 -77.42 17.45
N SER E 112 37.28 -78.70 17.26
CA SER E 112 37.66 -79.18 15.94
C SER E 112 36.45 -79.33 15.02
N ILE E 113 35.25 -79.46 15.60
CA ILE E 113 34.03 -79.55 14.79
C ILE E 113 33.57 -78.11 14.63
N ARG E 114 34.25 -77.40 13.74
CA ARG E 114 34.08 -75.95 13.65
C ARG E 114 32.66 -75.60 13.18
N GLU E 115 32.13 -74.52 13.75
CA GLU E 115 30.81 -73.98 13.42
C GLU E 115 31.02 -72.48 13.18
N TRP E 116 31.23 -72.12 11.92
CA TRP E 116 31.55 -70.73 11.56
C TRP E 116 30.27 -69.90 11.51
N LEU E 117 30.31 -68.74 12.17
CA LEU E 117 29.23 -67.78 12.00
C LEU E 117 29.44 -67.00 10.70
N PRO E 118 28.39 -66.35 10.20
CA PRO E 118 28.53 -65.59 8.95
C PRO E 118 29.53 -64.45 9.11
N TRP E 119 30.19 -64.13 7.99
CA TRP E 119 31.05 -62.96 7.93
C TRP E 119 30.24 -61.71 8.20
N GLN E 120 30.79 -60.82 9.03
CA GLN E 120 30.15 -59.56 9.38
C GLN E 120 31.01 -58.42 8.85
N ARG E 121 30.38 -57.48 8.16
CA ARG E 121 31.08 -56.32 7.60
C ARG E 121 31.68 -55.48 8.73
N CYS E 122 32.90 -54.99 8.49
CA CYS E 122 33.63 -54.24 9.51
C CYS E 122 34.08 -52.86 9.03
N ASP E 123 33.63 -52.40 7.88
CA ASP E 123 33.89 -51.03 7.46
C ASP E 123 32.56 -50.36 7.13
N ILE E 124 32.58 -49.02 7.21
CA ILE E 124 31.36 -48.24 7.08
C ILE E 124 30.86 -48.13 5.64
N GLY E 125 31.57 -48.73 4.68
CA GLY E 125 31.18 -48.65 3.28
C GLY E 125 29.80 -49.17 2.96
N GLY E 126 29.22 -49.98 3.85
CA GLY E 126 27.84 -50.41 3.72
C GLY E 126 26.89 -49.75 4.68
N SER E 127 27.29 -48.67 5.34
CA SER E 127 26.52 -48.06 6.42
C SER E 127 26.06 -46.66 6.01
N PHE E 128 25.15 -46.11 6.80
CA PHE E 128 24.87 -44.68 6.73
C PHE E 128 26.07 -43.93 7.31
N THR E 129 26.78 -43.21 6.46
CA THR E 129 28.03 -42.59 6.84
C THR E 129 27.80 -41.13 7.24
N LYS E 130 28.74 -40.61 8.03
CA LYS E 130 28.66 -39.21 8.43
C LYS E 130 29.02 -38.29 7.27
N THR E 131 29.69 -38.80 6.24
CA THR E 131 29.85 -38.08 4.99
C THR E 131 28.71 -38.44 4.04
N THR E 132 28.31 -37.45 3.23
CA THR E 132 27.22 -37.65 2.30
C THR E 132 27.64 -38.62 1.19
N ASP E 133 26.65 -39.31 0.63
CA ASP E 133 26.93 -40.20 -0.50
C ASP E 133 27.16 -39.43 -1.79
N GLY E 134 26.80 -38.16 -1.86
CA GLY E 134 27.13 -37.37 -3.03
C GLY E 134 26.36 -36.08 -3.11
N SER E 135 26.83 -35.21 -4.00
CA SER E 135 26.19 -33.95 -4.32
C SER E 135 25.59 -34.07 -5.71
N ILE E 136 24.28 -33.83 -5.81
CA ILE E 136 23.54 -34.06 -7.04
C ILE E 136 23.66 -32.82 -7.93
N GLY E 137 23.93 -33.04 -9.21
CA GLY E 137 24.01 -31.96 -10.18
C GLY E 137 22.66 -31.61 -10.77
N ASN E 138 22.71 -30.96 -11.93
CA ASN E 138 21.50 -30.52 -12.59
C ASN E 138 20.98 -31.60 -13.53
N GLY E 139 19.68 -31.53 -13.81
CA GLY E 139 19.05 -32.45 -14.75
C GLY E 139 19.02 -33.89 -14.31
N VAL E 140 18.86 -34.15 -13.02
CA VAL E 140 18.85 -35.50 -12.48
C VAL E 140 17.42 -35.88 -12.11
N ASN E 141 17.08 -37.14 -12.34
CA ASN E 141 15.76 -37.68 -12.03
C ASN E 141 15.84 -38.43 -10.70
N ILE E 142 15.19 -37.90 -9.68
CA ILE E 142 15.25 -38.47 -8.34
C ILE E 142 14.65 -39.87 -8.28
N ASN E 143 13.85 -40.26 -9.28
CA ASN E 143 13.30 -41.61 -9.30
C ASN E 143 14.39 -42.66 -9.37
N SER E 144 15.58 -42.30 -9.84
CA SER E 144 16.67 -43.27 -9.97
C SER E 144 17.35 -43.55 -8.64
N PHE E 145 17.03 -42.80 -7.59
CA PHE E 145 17.69 -42.98 -6.29
C PHE E 145 16.93 -44.04 -5.51
N VAL E 146 17.18 -45.30 -5.89
CA VAL E 146 16.48 -46.43 -5.31
C VAL E 146 17.34 -47.17 -4.28
N ASN E 147 18.48 -46.61 -3.90
CA ASN E 147 19.40 -47.24 -2.97
C ASN E 147 19.57 -46.38 -1.72
N SER E 148 19.78 -47.06 -0.59
CA SER E 148 19.87 -46.38 0.69
C SER E 148 21.08 -45.45 0.73
N GLY E 149 20.91 -44.34 1.43
CA GLY E 149 21.96 -43.34 1.55
C GLY E 149 21.34 -41.97 1.74
N TRP E 150 22.18 -40.95 1.64
CA TRP E 150 21.69 -39.57 1.70
C TRP E 150 22.58 -38.67 0.86
N TRP E 151 21.94 -37.82 0.06
CA TRP E 151 22.60 -37.00 -0.93
C TRP E 151 22.26 -35.54 -0.70
N LEU E 152 23.12 -34.68 -1.25
CA LEU E 152 22.93 -33.23 -1.17
C LEU E 152 22.50 -32.69 -2.52
N GLN E 153 21.47 -31.86 -2.51
CA GLN E 153 21.15 -30.99 -3.64
C GLN E 153 21.49 -29.57 -3.19
N SER E 154 22.57 -29.03 -3.71
CA SER E 154 23.12 -27.77 -3.24
C SER E 154 22.47 -26.55 -3.88
N THR E 155 21.75 -26.71 -4.99
CA THR E 155 21.34 -25.60 -5.84
C THR E 155 19.87 -25.70 -6.19
N SER E 156 19.09 -24.68 -5.81
CA SER E 156 17.66 -24.71 -6.09
C SER E 156 17.40 -24.84 -7.59
N GLU E 157 18.20 -24.16 -8.42
CA GLU E 157 18.00 -24.25 -9.86
C GLU E 157 18.22 -25.67 -10.37
N TRP E 158 19.06 -26.46 -9.70
CA TRP E 158 19.31 -27.82 -10.15
C TRP E 158 18.17 -28.75 -9.79
N ALA E 159 17.49 -28.49 -8.67
CA ALA E 159 16.26 -29.23 -8.38
C ALA E 159 15.18 -28.90 -9.39
N ALA E 160 15.01 -27.61 -9.69
CA ALA E 160 14.03 -27.20 -10.69
C ALA E 160 14.39 -27.76 -12.07
N GLY E 161 15.69 -27.86 -12.37
CA GLY E 161 16.15 -28.40 -13.63
C GLY E 161 16.19 -29.91 -13.69
N GLY E 162 15.88 -30.58 -12.59
CA GLY E 162 15.82 -32.03 -12.55
C GLY E 162 14.39 -32.53 -12.70
N ALA E 163 14.17 -33.77 -12.27
CA ALA E 163 12.87 -34.40 -12.38
C ALA E 163 12.53 -35.14 -11.09
N ASN E 164 11.27 -35.01 -10.68
CA ASN E 164 10.72 -35.70 -9.52
C ASN E 164 11.28 -35.21 -8.19
N TYR E 165 11.83 -34.01 -8.15
CA TYR E 165 12.01 -33.32 -6.88
C TYR E 165 10.65 -32.84 -6.38
N PRO E 166 10.39 -32.87 -5.08
CA PRO E 166 9.10 -32.37 -4.58
C PRO E 166 8.91 -30.89 -4.83
N VAL E 167 10.00 -30.15 -5.05
CA VAL E 167 9.93 -28.70 -5.20
C VAL E 167 11.27 -28.22 -5.71
N GLY E 168 11.29 -27.07 -6.37
CA GLY E 168 12.51 -26.54 -6.95
C GLY E 168 13.39 -25.82 -5.95
N LEU E 169 13.81 -26.53 -4.90
CA LEU E 169 14.61 -25.93 -3.86
C LEU E 169 15.77 -26.85 -3.50
N ALA E 170 16.90 -26.24 -3.15
CA ALA E 170 18.01 -27.00 -2.61
C ALA E 170 17.57 -27.75 -1.35
N GLY E 171 18.15 -28.93 -1.15
CA GLY E 171 17.73 -29.71 -0.01
C GLY E 171 18.55 -30.95 0.19
N LEU E 172 18.09 -31.78 1.12
CA LEU E 172 18.78 -33.00 1.53
C LEU E 172 17.86 -34.17 1.25
N LEU E 173 18.35 -35.15 0.48
CA LEU E 173 17.59 -36.33 0.12
C LEU E 173 18.09 -37.53 0.92
N ILE E 174 17.18 -38.22 1.61
CA ILE E 174 17.49 -39.43 2.36
C ILE E 174 16.66 -40.57 1.77
N VAL E 175 17.31 -41.71 1.56
CA VAL E 175 16.68 -42.86 0.92
C VAL E 175 16.84 -44.08 1.81
N TYR E 176 15.73 -44.79 2.05
CA TYR E 176 15.74 -46.08 2.75
C TYR E 176 15.23 -47.13 1.77
N ARG E 177 16.13 -47.98 1.28
CA ARG E 177 15.73 -49.11 0.45
C ARG E 177 15.52 -50.29 1.40
N ALA E 178 14.28 -50.43 1.89
CA ALA E 178 13.95 -51.55 2.74
C ALA E 178 13.80 -52.84 1.95
N HIS E 179 13.40 -52.73 0.69
CA HIS E 179 13.12 -53.87 -0.16
C HIS E 179 12.89 -53.32 -1.56
N ALA E 180 13.09 -54.17 -2.56
CA ALA E 180 12.86 -53.75 -3.94
C ALA E 180 11.47 -53.16 -4.13
N ASP E 181 10.52 -53.53 -3.27
CA ASP E 181 9.14 -53.09 -3.36
C ASP E 181 8.79 -52.03 -2.32
N HIS E 182 9.75 -51.62 -1.49
CA HIS E 182 9.51 -50.66 -0.41
C HIS E 182 10.72 -49.73 -0.33
N ILE E 183 10.64 -48.61 -1.03
CA ILE E 183 11.71 -47.61 -1.06
C ILE E 183 11.12 -46.29 -0.59
N TYR E 184 11.66 -45.76 0.50
CA TYR E 184 11.19 -44.52 1.10
C TYR E 184 12.20 -43.42 0.83
N GLN E 185 11.71 -42.25 0.44
CA GLN E 185 12.53 -41.08 0.21
C GLN E 185 12.01 -39.93 1.07
N THR E 186 12.94 -39.19 1.64
CA THR E 186 12.62 -37.97 2.35
C THR E 186 13.46 -36.83 1.77
N TYR E 187 12.83 -35.66 1.69
CA TYR E 187 13.49 -34.46 1.16
C TYR E 187 13.22 -33.31 2.12
N VAL E 188 14.29 -32.65 2.55
CA VAL E 188 14.21 -31.49 3.44
C VAL E 188 14.86 -30.32 2.70
N THR E 189 14.11 -29.24 2.51
CA THR E 189 14.61 -28.09 1.79
C THR E 189 15.51 -27.24 2.68
N LEU E 190 16.27 -26.35 2.04
CA LEU E 190 17.13 -25.45 2.78
C LEU E 190 16.35 -24.51 3.69
N ASN E 191 15.02 -24.45 3.56
CA ASN E 191 14.21 -23.61 4.44
C ASN E 191 13.46 -24.40 5.50
N GLY E 192 13.66 -25.70 5.58
CA GLY E 192 13.14 -26.51 6.67
C GLY E 192 11.84 -27.24 6.40
N SER E 193 11.41 -27.34 5.13
CA SER E 193 10.17 -28.03 4.79
C SER E 193 10.47 -29.47 4.37
N THR E 194 9.67 -30.40 4.87
CA THR E 194 9.88 -31.82 4.66
C THR E 194 8.83 -32.39 3.71
N TYR E 195 9.29 -33.23 2.78
CA TYR E 195 8.43 -34.01 1.90
C TYR E 195 8.82 -35.48 2.00
N SER E 196 7.86 -36.36 1.76
CA SER E 196 8.09 -37.79 1.86
C SER E 196 7.32 -38.51 0.75
N ARG E 197 7.91 -39.58 0.22
CA ARG E 197 7.21 -40.45 -0.72
C ARG E 197 7.79 -41.85 -0.63
N CYS E 198 7.06 -42.80 -1.21
CA CYS E 198 7.45 -44.20 -1.22
C CYS E 198 7.31 -44.76 -2.62
N CYS E 199 8.27 -45.61 -3.00
CA CYS E 199 8.13 -46.44 -4.21
C CYS E 199 7.61 -47.79 -3.73
N TYR E 200 6.31 -48.00 -3.87
CA TYR E 200 5.63 -49.18 -3.36
C TYR E 200 5.36 -50.12 -4.52
N ALA E 201 5.93 -51.32 -4.46
CA ALA E 201 5.71 -52.34 -5.49
C ALA E 201 6.05 -51.80 -6.89
N GLY E 202 7.12 -51.02 -6.97
CA GLY E 202 7.63 -50.55 -8.24
C GLY E 202 7.05 -49.25 -8.75
N SER E 203 6.05 -48.69 -8.07
CA SER E 203 5.39 -47.48 -8.50
C SER E 203 5.62 -46.37 -7.48
N TRP E 204 6.14 -45.24 -7.95
CA TRP E 204 6.33 -44.10 -7.07
C TRP E 204 4.98 -43.45 -6.76
N ARG E 205 4.71 -43.26 -5.49
CA ARG E 205 3.53 -42.54 -5.04
C ARG E 205 3.85 -41.06 -4.87
N PRO E 206 2.84 -40.21 -4.79
CA PRO E 206 3.10 -38.76 -4.79
C PRO E 206 3.89 -38.32 -3.56
N TRP E 207 4.74 -37.33 -3.78
CA TRP E 207 5.37 -36.64 -2.67
C TRP E 207 4.29 -36.06 -1.76
N ARG E 208 4.36 -36.40 -0.47
CA ARG E 208 3.48 -35.82 0.52
C ARG E 208 4.15 -34.60 1.14
N GLN E 209 3.40 -33.51 1.24
CA GLN E 209 3.92 -32.23 1.72
C GLN E 209 3.44 -31.98 3.14
N ASN E 210 4.38 -31.83 4.07
CA ASN E 210 4.02 -31.46 5.43
C ASN E 210 3.62 -29.98 5.45
N TRP E 211 2.63 -29.67 6.29
CA TRP E 211 2.27 -28.28 6.54
C TRP E 211 3.16 -27.74 7.65
N ASP E 212 3.75 -26.56 7.43
CA ASP E 212 4.64 -25.96 8.41
C ASP E 212 4.38 -24.46 8.47
N ASP E 213 5.05 -23.78 9.39
CA ASP E 213 4.78 -22.35 9.50
C ASP E 213 5.35 -21.57 8.34
N GLY E 214 5.91 -22.21 7.32
CA GLY E 214 6.34 -21.49 6.14
C GLY E 214 5.33 -21.58 5.00
N ASN E 215 4.38 -22.51 5.10
CA ASN E 215 3.39 -22.71 4.04
C ASN E 215 1.95 -22.71 4.54
N PHE E 216 1.70 -22.43 5.81
CA PHE E 216 0.33 -22.41 6.33
C PHE E 216 0.29 -21.57 7.59
N ASP E 217 -0.70 -20.70 7.69
CA ASP E 217 -0.88 -19.81 8.84
C ASP E 217 -2.34 -19.85 9.27
N PRO E 218 -2.65 -20.56 10.37
CA PRO E 218 -4.05 -20.63 10.81
C PRO E 218 -4.64 -19.32 11.26
N ALA E 219 -3.82 -18.29 11.51
CA ALA E 219 -4.36 -17.00 11.88
C ALA E 219 -5.14 -16.35 10.74
N SER E 220 -4.96 -16.85 9.52
CA SER E 220 -5.69 -16.34 8.37
C SER E 220 -7.07 -16.96 8.21
N TYR E 221 -7.41 -17.96 9.02
CA TYR E 221 -8.64 -18.73 8.86
C TYR E 221 -9.58 -18.49 10.03
N LEU E 222 -10.87 -18.65 9.76
CA LEU E 222 -11.90 -18.29 10.74
C LEU E 222 -12.10 -19.43 11.73
N PRO E 223 -11.91 -19.21 13.02
CA PRO E 223 -12.29 -20.22 14.00
C PRO E 223 -13.80 -20.38 14.05
N LYS E 224 -14.25 -21.62 14.28
CA LYS E 224 -15.68 -21.86 14.44
C LYS E 224 -16.29 -20.94 15.49
N ALA E 225 -15.53 -20.66 16.55
CA ALA E 225 -16.05 -19.81 17.62
C ALA E 225 -16.34 -18.39 17.13
N GLY E 226 -15.72 -17.97 16.03
CA GLY E 226 -15.97 -16.67 15.44
C GLY E 226 -17.04 -16.66 14.38
N PHE E 227 -17.67 -17.80 14.13
CA PHE E 227 -18.73 -17.92 13.12
C PHE E 227 -20.06 -17.69 13.83
N THR E 228 -20.42 -16.42 13.97
CA THR E 228 -21.65 -16.03 14.66
C THR E 228 -22.27 -14.82 13.98
N TRP E 229 -23.56 -14.63 14.23
CA TRP E 229 -24.27 -13.46 13.72
C TRP E 229 -23.66 -12.18 14.27
N ALA E 230 -23.34 -12.16 15.56
CA ALA E 230 -22.80 -10.94 16.17
C ALA E 230 -21.51 -10.49 15.49
N ALA E 231 -20.66 -11.43 15.10
CA ALA E 231 -19.36 -11.08 14.52
C ALA E 231 -19.42 -10.85 13.01
N LEU E 232 -20.48 -11.26 12.35
CA LEU E 232 -20.56 -11.15 10.90
C LEU E 232 -20.45 -9.69 10.47
N PRO E 233 -19.42 -9.31 9.71
CA PRO E 233 -19.34 -7.93 9.23
C PRO E 233 -20.16 -7.69 7.99
N GLY E 234 -20.61 -6.44 7.83
CA GLY E 234 -21.34 -6.05 6.65
C GLY E 234 -22.83 -6.21 6.71
N LYS E 235 -23.39 -6.40 7.90
CA LYS E 235 -24.83 -6.61 8.02
C LYS E 235 -25.56 -5.29 7.82
N PRO E 236 -26.60 -5.25 6.98
CA PRO E 236 -27.34 -4.01 6.80
C PRO E 236 -28.12 -3.62 8.05
N ALA E 237 -28.51 -2.34 8.09
CA ALA E 237 -29.26 -1.84 9.24
C ALA E 237 -30.71 -2.31 9.21
N THR E 238 -31.29 -2.41 8.01
CA THR E 238 -32.67 -2.85 7.85
C THR E 238 -32.75 -3.94 6.80
N PHE E 239 -33.83 -4.70 6.84
CA PHE E 239 -33.95 -5.90 6.04
C PHE E 239 -35.26 -5.92 5.26
N PRO E 240 -35.23 -6.31 3.99
CA PRO E 240 -36.47 -6.45 3.22
C PRO E 240 -37.46 -7.33 3.95
N PRO E 241 -38.64 -6.82 4.30
CA PRO E 241 -39.58 -7.62 5.08
C PRO E 241 -40.36 -8.60 4.22
N SER E 242 -40.60 -9.78 4.79
CA SER E 242 -41.46 -10.77 4.17
C SER E 242 -42.93 -10.43 4.45
N GLY E 243 -43.83 -11.23 3.89
CA GLY E 243 -45.23 -11.00 4.07
C GLY E 243 -45.65 -11.04 5.54
N HIS E 244 -46.36 -10.01 5.97
CA HIS E 244 -46.85 -9.95 7.35
C HIS E 244 -48.14 -9.14 7.37
N ASN E 245 -48.86 -9.27 8.47
CA ASN E 245 -50.12 -8.57 8.69
C ASN E 245 -49.94 -7.48 9.74
N HIS E 246 -50.99 -6.67 9.90
CA HIS E 246 -50.96 -5.58 10.85
C HIS E 246 -52.34 -5.42 11.47
N ASP E 247 -52.36 -4.80 12.65
CA ASP E 247 -53.57 -4.35 13.32
C ASP E 247 -53.73 -2.86 13.08
N THR E 248 -54.98 -2.40 12.95
CA THR E 248 -55.21 -0.98 12.68
C THR E 248 -54.42 -0.09 13.64
N SER E 249 -54.23 -0.56 14.89
CA SER E 249 -53.45 0.21 15.87
C SER E 249 -52.03 0.48 15.39
N GLN E 250 -51.51 -0.30 14.44
CA GLN E 250 -50.19 -0.06 13.90
C GLN E 250 -50.18 1.01 12.81
N ILE E 251 -51.33 1.39 12.28
CA ILE E 251 -51.44 2.55 11.41
C ILE E 251 -51.54 3.78 12.31
N THR E 252 -50.46 4.57 12.37
CA THR E 252 -50.31 5.60 13.38
C THR E 252 -50.33 7.02 12.85
N SER E 253 -50.21 7.21 11.54
CA SER E 253 -50.21 8.55 10.96
C SER E 253 -50.84 8.50 9.57
N GLY E 254 -51.27 9.67 9.10
CA GLY E 254 -51.85 9.79 7.77
C GLY E 254 -53.36 9.65 7.77
N ILE E 255 -53.94 9.96 6.62
CA ILE E 255 -55.39 9.83 6.40
C ILE E 255 -55.61 8.89 5.23
N LEU E 256 -56.36 7.83 5.46
CA LEU E 256 -56.58 6.82 4.43
C LEU E 256 -57.50 7.39 3.34
N PRO E 257 -57.11 7.35 2.08
CA PRO E 257 -57.94 7.93 1.03
C PRO E 257 -59.06 7.00 0.59
N LEU E 258 -59.99 7.57 -0.20
CA LEU E 258 -61.13 6.81 -0.69
C LEU E 258 -60.71 5.70 -1.63
N ALA E 259 -59.59 5.86 -2.34
CA ALA E 259 -59.12 4.80 -3.23
C ALA E 259 -58.83 3.51 -2.47
N ARG E 260 -58.46 3.62 -1.20
CA ARG E 260 -58.19 2.45 -0.36
C ARG E 260 -59.35 2.11 0.55
N GLY E 261 -60.54 2.66 0.30
CA GLY E 261 -61.69 2.44 1.15
C GLY E 261 -61.75 3.30 2.38
N GLY E 262 -60.99 4.39 2.42
CA GLY E 262 -61.01 5.31 3.54
C GLY E 262 -61.90 6.51 3.27
N LEU E 263 -61.99 7.38 4.28
CA LEU E 263 -62.86 8.54 4.20
C LEU E 263 -62.19 9.77 3.58
N GLY E 264 -60.87 9.78 3.44
CA GLY E 264 -60.20 10.93 2.90
C GLY E 264 -60.15 12.14 3.81
N ALA E 265 -60.65 12.02 5.04
CA ALA E 265 -60.62 13.12 5.99
C ALA E 265 -60.75 12.53 7.40
N ASN E 266 -60.44 13.35 8.39
CA ASN E 266 -60.52 12.96 9.79
C ASN E 266 -61.65 13.65 10.54
N THR E 267 -62.57 14.29 9.82
CA THR E 267 -63.71 14.96 10.42
C THR E 267 -64.99 14.32 9.91
N ALA E 268 -66.06 14.43 10.71
CA ALA E 268 -67.35 13.93 10.27
C ALA E 268 -67.81 14.64 9.01
N ALA E 269 -67.74 15.97 9.01
CA ALA E 269 -68.18 16.75 7.87
C ALA E 269 -67.35 16.45 6.63
N GLY E 270 -66.03 16.36 6.78
CA GLY E 270 -65.18 16.04 5.65
C GLY E 270 -65.48 14.67 5.08
N ALA E 271 -65.80 13.72 5.95
CA ALA E 271 -66.15 12.38 5.50
C ALA E 271 -67.41 12.39 4.65
N ARG E 272 -68.47 13.01 5.18
CA ARG E 272 -69.73 13.11 4.42
C ARG E 272 -69.51 13.76 3.07
N ASN E 273 -68.65 14.79 3.00
CA ASN E 273 -68.42 15.48 1.75
C ASN E 273 -67.71 14.58 0.74
N ASN E 274 -66.80 13.73 1.20
CA ASN E 274 -66.04 12.89 0.28
C ASN E 274 -66.83 11.67 -0.21
N ILE E 275 -67.82 11.22 0.55
CA ILE E 275 -68.72 10.16 0.08
C ILE E 275 -70.07 10.71 -0.37
N GLY E 276 -70.25 12.02 -0.37
CA GLY E 276 -71.49 12.61 -0.84
C GLY E 276 -72.69 12.29 0.03
N ALA E 277 -72.52 12.29 1.35
CA ALA E 277 -73.57 11.93 2.27
C ALA E 277 -74.20 13.16 2.89
N GLY E 278 -75.44 13.00 3.35
CA GLY E 278 -76.18 14.08 3.96
C GLY E 278 -76.47 13.82 5.42
N VAL E 279 -76.71 14.90 6.18
CA VAL E 279 -76.97 14.81 7.61
C VAL E 279 -78.42 14.37 7.81
N PRO E 280 -78.77 13.82 8.97
CA PRO E 280 -80.16 13.40 9.21
C PRO E 280 -81.09 14.57 9.49
N ALA E 281 -82.37 14.31 9.25
CA ALA E 281 -83.40 15.32 9.47
C ALA E 281 -83.82 15.36 10.92
N THR E 282 -84.37 16.50 11.33
CA THR E 282 -84.96 16.69 12.65
C THR E 282 -86.41 17.10 12.50
N ALA E 283 -87.23 16.72 13.48
CA ALA E 283 -88.66 16.97 13.38
C ALA E 283 -89.29 16.99 14.76
N SER E 284 -90.44 17.66 14.85
CA SER E 284 -91.31 17.65 16.01
C SER E 284 -92.67 17.15 15.54
N ARG E 285 -92.98 15.89 15.84
CA ARG E 285 -94.14 15.21 15.25
C ARG E 285 -95.39 15.44 16.09
N ALA E 286 -95.82 16.71 16.14
CA ALA E 286 -97.02 17.11 16.85
C ALA E 286 -98.03 17.71 15.89
N LEU E 287 -99.26 17.91 16.39
CA LEU E 287 -100.28 18.56 15.58
C LEU E 287 -99.82 19.97 15.17
N ASN E 288 -99.22 20.70 16.09
CA ASN E 288 -98.52 21.94 15.75
C ASN E 288 -97.01 21.68 15.69
N GLY E 289 -96.62 20.84 14.73
CA GLY E 289 -95.27 20.36 14.62
C GLY E 289 -94.50 21.01 13.47
N TRP E 290 -93.30 20.47 13.24
CA TRP E 290 -92.42 20.98 12.19
C TRP E 290 -91.48 19.87 11.75
N TRP E 291 -90.81 20.12 10.64
CA TRP E 291 -89.83 19.19 10.07
C TRP E 291 -88.73 20.01 9.41
N LYS E 292 -87.49 19.71 9.74
CA LYS E 292 -86.35 20.47 9.24
C LYS E 292 -85.42 19.56 8.45
N ASP E 293 -85.04 20.01 7.26
CA ASP E 293 -84.02 19.32 6.46
C ASP E 293 -82.70 20.00 6.74
N ASN E 294 -81.87 19.36 7.57
CA ASN E 294 -80.62 19.98 7.98
C ASN E 294 -79.59 19.99 6.87
N ASP E 295 -79.81 19.24 5.78
CA ASP E 295 -78.97 19.40 4.59
C ASP E 295 -79.05 20.82 4.06
N THR E 296 -80.26 21.30 3.80
CA THR E 296 -80.47 22.63 3.23
C THR E 296 -80.93 23.66 4.25
N GLY E 297 -81.43 23.23 5.40
CA GLY E 297 -81.99 24.12 6.38
C GLY E 297 -83.46 24.44 6.18
N LEU E 298 -84.08 23.89 5.15
CA LEU E 298 -85.49 24.17 4.89
C LEU E 298 -86.35 23.63 6.02
N ILE E 299 -87.42 24.35 6.34
CA ILE E 299 -88.29 23.99 7.45
C ILE E 299 -89.74 23.96 6.96
N VAL E 300 -90.48 22.94 7.39
CA VAL E 300 -91.88 22.77 7.04
C VAL E 300 -92.67 22.59 8.32
N GLN E 301 -93.58 23.52 8.60
CA GLN E 301 -94.41 23.45 9.80
C GLN E 301 -95.87 23.34 9.41
N TRP E 302 -96.66 22.77 10.33
CA TRP E 302 -98.10 22.62 10.18
C TRP E 302 -98.74 22.94 11.52
N MET E 303 -99.99 23.41 11.46
CA MET E 303 -100.68 23.91 12.65
C MET E 303 -102.16 24.04 12.37
N GLN E 304 -102.94 24.15 13.44
CA GLN E 304 -104.38 24.32 13.36
C GLN E 304 -104.87 25.09 14.57
N VAL E 305 -105.89 25.91 14.36
CA VAL E 305 -106.50 26.69 15.45
C VAL E 305 -108.01 26.60 15.32
N ASN E 306 -108.69 26.55 16.45
CA ASN E 306 -110.15 26.51 16.49
C ASN E 306 -110.69 27.92 16.64
N VAL E 307 -111.58 28.31 15.72
CA VAL E 307 -112.13 29.66 15.72
C VAL E 307 -113.55 29.62 16.26
N GLY E 308 -114.39 28.80 15.65
CA GLY E 308 -115.80 28.76 16.00
C GLY E 308 -116.67 29.26 14.88
N ASP E 309 -117.55 30.21 15.16
CA ASP E 309 -118.46 30.74 14.17
C ASP E 309 -117.84 31.93 13.45
N HIS E 310 -118.20 32.08 12.18
CA HIS E 310 -117.86 33.26 11.41
C HIS E 310 -119.00 34.26 11.56
N PRO E 311 -118.80 35.39 12.25
CA PRO E 311 -119.94 36.28 12.50
C PRO E 311 -120.47 36.92 11.23
N GLY E 312 -119.63 37.09 10.22
CA GLY E 312 -120.01 37.75 9.00
C GLY E 312 -119.01 38.81 8.60
N GLY E 313 -119.12 39.23 7.35
CA GLY E 313 -118.17 40.21 6.84
C GLY E 313 -116.80 39.56 6.66
N ILE E 314 -115.79 40.21 7.23
CA ILE E 314 -114.40 39.84 7.05
C ILE E 314 -113.74 39.71 8.42
N ILE E 315 -112.98 38.64 8.61
CA ILE E 315 -112.34 38.34 9.88
C ILE E 315 -110.86 38.09 9.64
N ASP E 316 -110.01 38.73 10.46
CA ASP E 316 -108.57 38.51 10.44
C ASP E 316 -108.15 37.83 11.73
N ARG E 317 -107.18 36.92 11.62
CA ARG E 317 -106.64 36.22 12.77
C ARG E 317 -105.15 35.96 12.56
N THR E 318 -104.39 36.09 13.64
CA THR E 318 -102.96 35.85 13.61
C THR E 318 -102.66 34.46 14.15
N LEU E 319 -101.92 33.67 13.37
CA LEU E 319 -101.50 32.34 13.78
C LEU E 319 -99.98 32.36 13.98
N THR E 320 -99.53 31.81 15.10
CA THR E 320 -98.13 31.79 15.47
C THR E 320 -97.54 30.42 15.16
N PHE E 321 -96.47 30.39 14.36
CA PHE E 321 -95.89 29.14 13.94
C PHE E 321 -95.38 28.33 15.13
N PRO E 322 -95.39 27.00 15.04
CA PRO E 322 -94.81 26.18 16.12
C PRO E 322 -93.43 26.64 16.55
N ILE E 323 -92.55 26.96 15.58
CA ILE E 323 -91.26 27.55 15.87
C ILE E 323 -91.03 28.68 14.87
N ALA E 324 -90.19 29.63 15.27
CA ALA E 324 -89.89 30.77 14.41
C ALA E 324 -88.92 30.37 13.31
N PHE E 325 -89.16 30.88 12.12
CA PHE E 325 -88.25 30.66 11.02
C PHE E 325 -86.99 31.49 11.26
N PRO E 326 -85.81 30.89 11.32
CA PRO E 326 -84.59 31.68 11.56
C PRO E 326 -84.43 32.87 10.65
N SER E 327 -84.77 32.74 9.37
CA SER E 327 -84.53 33.81 8.40
C SER E 327 -85.81 34.34 7.79
N ALA E 328 -86.65 33.48 7.22
CA ALA E 328 -87.83 33.97 6.50
C ALA E 328 -88.82 32.84 6.29
N CYS E 329 -90.07 33.22 6.11
CA CYS E 329 -91.14 32.32 5.71
C CYS E 329 -91.37 32.51 4.21
N LEU E 330 -91.23 31.42 3.45
CA LEU E 330 -91.29 31.51 2.00
C LEU E 330 -92.67 31.23 1.42
N HIS E 331 -93.54 30.54 2.16
CA HIS E 331 -94.82 30.10 1.60
C HIS E 331 -95.72 29.67 2.74
N VAL E 332 -97.04 29.85 2.54
CA VAL E 332 -98.03 29.39 3.48
C VAL E 332 -99.20 28.80 2.71
N VAL E 333 -99.82 27.77 3.28
CA VAL E 333 -100.91 27.05 2.64
C VAL E 333 -102.08 26.96 3.60
N PRO E 334 -103.02 27.91 3.59
CA PRO E 334 -104.15 27.87 4.52
C PRO E 334 -105.35 27.11 3.97
N THR E 335 -105.97 26.32 4.84
CA THR E 335 -107.19 25.59 4.51
C THR E 335 -108.16 25.68 5.69
N VAL E 336 -109.37 25.19 5.45
CA VAL E 336 -110.48 25.34 6.41
C VAL E 336 -110.75 24.00 7.06
N LYS E 337 -110.88 24.02 8.39
CA LYS E 337 -111.22 22.83 9.17
C LYS E 337 -112.62 22.98 9.75
N GLU E 338 -113.34 21.87 9.84
CA GLU E 338 -114.66 21.82 10.46
C GLU E 338 -114.53 21.21 11.85
N VAL E 339 -114.55 22.06 12.87
CA VAL E 339 -114.55 21.56 14.24
C VAL E 339 -115.91 20.94 14.56
N GLY E 340 -116.99 21.59 14.16
CA GLY E 340 -118.34 21.10 14.38
C GLY E 340 -119.26 21.71 13.34
N ARG E 341 -120.46 21.13 13.25
CA ARG E 341 -121.44 21.52 12.25
C ARG E 341 -122.77 21.86 12.92
N PRO E 342 -122.81 22.98 13.66
CA PRO E 342 -124.05 23.35 14.36
C PRO E 342 -125.17 23.72 13.41
N ALA E 343 -124.88 24.59 12.44
CA ALA E 343 -125.89 25.04 11.49
C ALA E 343 -125.55 24.61 10.07
N THR E 344 -124.39 25.00 9.54
CA THR E 344 -123.96 24.61 8.21
C THR E 344 -122.53 24.11 8.28
N SER E 345 -122.03 23.61 7.15
CA SER E 345 -120.67 23.07 7.12
C SER E 345 -119.65 24.20 7.11
N ALA E 346 -118.43 23.87 7.53
CA ALA E 346 -117.34 24.84 7.50
C ALA E 346 -116.84 25.11 6.09
N SER E 347 -117.18 24.24 5.12
CA SER E 347 -116.79 24.50 3.74
C SER E 347 -117.43 25.79 3.21
N THR E 348 -118.51 26.26 3.84
CA THR E 348 -119.07 27.56 3.48
C THR E 348 -118.17 28.71 3.91
N VAL E 349 -117.04 28.44 4.56
CA VAL E 349 -116.06 29.45 4.93
C VAL E 349 -114.80 29.21 4.10
N THR E 350 -114.28 30.29 3.52
CA THR E 350 -113.03 30.25 2.77
C THR E 350 -112.05 31.24 3.37
N VAL E 351 -110.76 31.00 3.15
CA VAL E 351 -109.71 31.78 3.76
C VAL E 351 -108.68 32.19 2.71
N ALA E 352 -107.76 33.06 3.14
CA ALA E 352 -106.63 33.52 2.34
C ALA E 352 -105.65 34.18 3.29
N ASP E 353 -104.36 34.14 2.94
CA ASP E 353 -103.33 34.69 3.81
C ASP E 353 -103.11 36.16 3.48
N VAL E 354 -103.09 36.99 4.52
CA VAL E 354 -102.90 38.42 4.37
C VAL E 354 -101.43 38.80 4.46
N SER E 355 -100.71 38.22 5.41
CA SER E 355 -99.30 38.53 5.59
C SER E 355 -98.61 37.35 6.25
N VAL E 356 -97.28 37.33 6.17
CA VAL E 356 -96.48 36.28 6.78
C VAL E 356 -95.28 36.92 7.46
N SER E 357 -94.78 36.26 8.51
CA SER E 357 -93.61 36.70 9.23
C SER E 357 -92.79 35.47 9.62
N ASN E 358 -91.61 35.72 10.18
CA ASN E 358 -90.80 34.63 10.68
C ASN E 358 -91.47 33.90 11.84
N THR E 359 -92.36 34.59 12.55
CA THR E 359 -93.02 34.03 13.74
C THR E 359 -94.42 33.52 13.45
N GLY E 360 -95.10 34.05 12.44
CA GLY E 360 -96.47 33.62 12.18
C GLY E 360 -97.02 34.24 10.92
N CYS E 361 -98.35 34.22 10.83
CA CYS E 361 -99.05 34.73 9.66
C CYS E 361 -100.39 35.30 10.09
N VAL E 362 -101.09 35.92 9.13
CA VAL E 362 -102.42 36.46 9.34
C VAL E 362 -103.33 35.91 8.25
N ILE E 363 -104.42 35.25 8.66
CA ILE E 363 -105.35 34.62 7.75
C ILE E 363 -106.68 35.38 7.78
N VAL E 364 -107.23 35.68 6.60
CA VAL E 364 -108.53 36.32 6.48
C VAL E 364 -109.55 35.27 6.06
N SER E 365 -110.78 35.40 6.55
CA SER E 365 -111.83 34.42 6.29
C SER E 365 -113.13 35.13 5.96
N SER E 366 -113.96 34.46 5.17
CA SER E 366 -115.28 34.96 4.81
C SER E 366 -116.18 33.77 4.48
N GLU E 367 -117.49 34.01 4.52
CA GLU E 367 -118.49 32.98 4.30
C GLU E 367 -119.42 33.40 3.16
N TYR E 368 -119.97 32.40 2.46
CA TYR E 368 -121.00 32.67 1.47
C TYR E 368 -122.36 32.12 1.87
N TYR E 369 -122.47 31.59 3.09
CA TYR E 369 -123.75 31.36 3.75
C TYR E 369 -123.70 32.08 5.09
N GLY E 370 -124.75 32.83 5.41
CA GLY E 370 -124.75 33.66 6.60
C GLY E 370 -125.12 32.94 7.88
N LEU E 371 -124.74 31.68 8.01
CA LEU E 371 -125.11 30.84 9.14
C LEU E 371 -123.94 30.64 10.09
N ALA E 372 -124.22 30.00 11.21
CA ALA E 372 -123.20 29.72 12.22
C ALA E 372 -122.40 28.47 11.85
N GLN E 373 -121.13 28.48 12.22
CA GLN E 373 -120.24 27.36 12.00
C GLN E 373 -119.38 27.17 13.24
N ASN E 374 -118.64 26.06 13.27
CA ASN E 374 -117.56 25.85 14.23
C ASN E 374 -116.36 25.42 13.39
N TYR E 375 -115.70 26.41 12.79
CA TYR E 375 -114.64 26.17 11.83
C TYR E 375 -113.29 26.50 12.46
N GLY E 376 -112.24 25.88 11.91
CA GLY E 376 -110.88 26.18 12.31
C GLY E 376 -110.03 26.49 11.09
N ILE E 377 -108.84 27.00 11.36
CA ILE E 377 -107.89 27.37 10.31
C ILE E 377 -106.69 26.44 10.40
N ARG E 378 -106.42 25.72 9.31
CA ARG E 378 -105.19 24.95 9.15
C ARG E 378 -104.21 25.77 8.33
N VAL E 379 -102.93 25.69 8.69
CA VAL E 379 -101.89 26.40 7.96
C VAL E 379 -100.66 25.52 7.89
N MET E 380 -100.09 25.41 6.70
CA MET E 380 -98.79 24.78 6.49
C MET E 380 -97.84 25.84 5.93
N ALA E 381 -96.62 25.88 6.46
CA ALA E 381 -95.67 26.92 6.14
C ALA E 381 -94.36 26.31 5.67
N ILE E 382 -93.61 27.10 4.90
CA ILE E 382 -92.32 26.69 4.36
C ILE E 382 -91.36 27.86 4.48
N GLY E 383 -90.18 27.61 5.03
CA GLY E 383 -89.18 28.64 5.19
C GLY E 383 -87.87 28.05 5.65
N TYR E 384 -86.97 28.95 6.05
CA TYR E 384 -85.65 28.55 6.54
C TYR E 384 -85.13 29.51 7.60
N ALA F 11 87.69 -75.50 25.55
CA ALA F 11 86.29 -75.13 25.45
C ALA F 11 86.03 -74.34 24.17
N LEU F 12 84.98 -74.72 23.45
CA LEU F 12 84.66 -74.07 22.19
C LEU F 12 84.15 -72.65 22.44
N ALA F 13 84.49 -71.76 21.51
CA ALA F 13 83.94 -70.41 21.47
C ALA F 13 83.01 -70.29 20.28
N ALA F 14 82.13 -69.28 20.33
CA ALA F 14 81.14 -69.12 19.27
C ALA F 14 81.79 -69.01 17.90
N THR F 15 82.97 -68.39 17.83
CA THR F 15 83.66 -68.25 16.55
C THR F 15 84.08 -69.60 15.97
N ASP F 16 84.20 -70.63 16.80
CA ASP F 16 84.49 -71.97 16.31
C ASP F 16 83.27 -72.62 15.65
N ILE F 17 82.06 -72.18 16.01
CA ILE F 17 80.84 -72.83 15.53
C ILE F 17 80.52 -72.31 14.14
N PRO F 18 80.28 -73.18 13.16
CA PRO F 18 80.00 -72.70 11.80
C PRO F 18 78.57 -72.21 11.65
N GLY F 19 78.30 -71.64 10.48
CA GLY F 19 76.94 -71.25 10.17
C GLY F 19 76.01 -72.45 10.20
N LEU F 20 74.83 -72.26 10.78
CA LEU F 20 73.87 -73.34 10.98
C LEU F 20 72.59 -73.07 10.22
N ASP F 21 71.93 -74.17 9.83
CA ASP F 21 70.60 -74.08 9.26
C ASP F 21 69.56 -74.05 10.37
N ALA F 22 68.40 -73.47 10.07
CA ALA F 22 67.36 -73.37 11.07
C ALA F 22 66.97 -74.74 11.61
N SER F 23 67.17 -75.80 10.81
CA SER F 23 66.81 -77.14 11.24
C SER F 23 67.68 -77.66 12.38
N LYS F 24 68.75 -76.95 12.74
CA LYS F 24 69.59 -77.38 13.85
C LYS F 24 68.90 -77.19 15.20
N LEU F 25 67.94 -76.27 15.28
CA LEU F 25 67.14 -76.10 16.48
C LEU F 25 66.02 -77.16 16.46
N VAL F 26 66.15 -78.17 17.31
CA VAL F 26 65.25 -79.31 17.29
C VAL F 26 64.21 -79.26 18.39
N SER F 27 64.28 -78.28 19.29
CA SER F 27 63.35 -78.23 20.41
C SER F 27 63.34 -76.83 21.00
N GLY F 28 62.43 -76.61 21.94
CA GLY F 28 62.38 -75.39 22.70
C GLY F 28 61.67 -74.26 21.96
N VAL F 29 61.30 -73.24 22.72
CA VAL F 29 60.67 -72.04 22.19
C VAL F 29 61.65 -70.89 22.31
N LEU F 30 61.99 -70.29 21.17
CA LEU F 30 62.88 -69.13 21.15
C LEU F 30 62.42 -68.06 22.13
N ALA F 31 63.38 -67.45 22.82
CA ALA F 31 63.10 -66.21 23.52
C ALA F 31 62.60 -65.18 22.53
N GLU F 32 61.53 -64.47 22.88
CA GLU F 32 60.95 -63.56 21.91
C GLU F 32 61.92 -62.45 21.53
N GLN F 33 62.93 -62.17 22.36
CA GLN F 33 63.92 -61.17 22.01
C GLN F 33 64.70 -61.55 20.76
N ARG F 34 64.70 -62.83 20.39
CA ARG F 34 65.34 -63.27 19.16
C ARG F 34 64.51 -62.93 17.93
N LEU F 35 63.25 -62.51 18.09
CA LEU F 35 62.39 -62.30 16.94
C LEU F 35 62.55 -60.91 16.36
N PRO F 36 62.44 -60.77 15.04
CA PRO F 36 62.24 -59.43 14.46
C PRO F 36 61.12 -58.73 15.21
N VAL F 37 61.30 -57.43 15.44
CA VAL F 37 60.47 -56.71 16.39
C VAL F 37 59.00 -56.75 16.02
N PHE F 38 58.70 -56.73 14.71
CA PHE F 38 57.30 -56.71 14.31
C PHE F 38 56.58 -58.00 14.69
N ALA F 39 57.31 -59.14 14.75
CA ALA F 39 56.70 -60.38 15.17
C ALA F 39 56.42 -60.41 16.68
N ARG F 40 56.87 -59.41 17.42
CA ARG F 40 56.56 -59.26 18.82
C ARG F 40 55.47 -58.22 19.07
N GLY F 41 54.87 -57.68 18.00
CA GLY F 41 53.92 -56.61 18.15
C GLY F 41 54.53 -55.23 18.32
N LEU F 42 55.86 -55.11 18.17
CA LEU F 42 56.56 -53.85 18.34
C LEU F 42 56.58 -53.11 17.01
N ALA F 43 56.06 -51.89 17.02
CA ALA F 43 56.04 -51.03 15.83
C ALA F 43 57.31 -50.19 15.74
N THR F 44 58.46 -50.84 15.93
CA THR F 44 59.74 -50.14 16.02
C THR F 44 60.69 -50.51 14.88
N ALA F 45 60.22 -51.16 13.83
CA ALA F 45 61.12 -51.66 12.80
C ALA F 45 61.64 -50.55 11.90
N VAL F 46 60.86 -49.48 11.70
CA VAL F 46 61.23 -48.41 10.78
C VAL F 46 61.00 -47.07 11.47
N SER F 47 61.50 -46.02 10.83
CA SER F 47 61.31 -44.67 11.32
C SER F 47 59.84 -44.33 11.43
N ASN F 48 59.51 -43.44 12.35
CA ASN F 48 58.12 -43.11 12.62
C ASN F 48 57.57 -42.04 11.68
N SER F 49 58.28 -41.75 10.60
CA SER F 49 57.73 -40.94 9.50
C SER F 49 57.80 -41.70 8.18
N SER F 50 58.00 -43.01 8.24
CA SER F 50 58.12 -43.82 7.03
C SER F 50 56.84 -43.73 6.21
N ASP F 51 57.01 -43.86 4.89
CA ASP F 51 55.90 -43.79 3.96
C ASP F 51 55.19 -45.14 3.91
N PRO F 52 53.95 -45.23 4.37
CA PRO F 52 53.24 -46.53 4.30
C PRO F 52 53.01 -47.01 2.87
N ASN F 53 53.05 -46.10 1.88
CA ASN F 53 52.92 -46.52 0.50
C ASN F 53 54.05 -47.47 0.09
N THR F 54 55.25 -47.28 0.64
CA THR F 54 56.41 -48.09 0.31
C THR F 54 56.71 -49.15 1.36
N ALA F 55 55.73 -49.50 2.19
CA ALA F 55 55.97 -50.41 3.30
C ALA F 55 56.44 -51.77 2.79
N THR F 56 57.46 -52.32 3.46
CA THR F 56 57.89 -53.69 3.27
C THR F 56 57.90 -54.49 4.57
N VAL F 57 57.60 -53.86 5.69
CA VAL F 57 57.53 -54.55 6.98
C VAL F 57 56.05 -54.70 7.36
N PRO F 58 55.68 -55.75 8.09
CA PRO F 58 54.27 -55.95 8.42
C PRO F 58 53.73 -55.03 9.51
N LEU F 59 54.58 -54.28 10.20
CA LEU F 59 54.09 -53.40 11.24
C LEU F 59 54.98 -52.17 11.34
N MET F 60 54.35 -50.99 11.40
CA MET F 60 55.05 -49.74 11.56
C MET F 60 54.16 -48.76 12.31
N LEU F 61 54.77 -47.68 12.79
CA LEU F 61 54.05 -46.55 13.38
C LEU F 61 54.52 -45.30 12.67
N THR F 62 53.58 -44.56 12.07
CA THR F 62 53.99 -43.43 11.25
C THR F 62 52.90 -42.37 11.21
N ASN F 63 53.33 -41.11 11.15
CA ASN F 63 52.45 -39.98 10.89
C ASN F 63 52.61 -39.46 9.47
N HIS F 64 53.16 -40.27 8.58
CA HIS F 64 53.36 -39.84 7.20
C HIS F 64 52.04 -39.45 6.56
N ALA F 65 52.13 -38.49 5.64
CA ALA F 65 50.93 -37.93 5.02
C ALA F 65 50.05 -39.01 4.40
N ASN F 66 50.65 -40.08 3.90
CA ASN F 66 49.89 -41.14 3.24
C ASN F 66 49.14 -42.04 4.23
N GLY F 67 49.23 -41.76 5.54
CA GLY F 67 48.35 -42.38 6.48
C GLY F 67 46.92 -41.91 6.32
N PRO F 68 46.03 -42.43 7.17
CA PRO F 68 44.59 -42.15 6.99
C PRO F 68 44.14 -40.76 7.43
N VAL F 69 44.85 -40.13 8.37
CA VAL F 69 44.44 -38.84 8.92
C VAL F 69 45.66 -37.93 9.03
N ALA F 70 45.58 -36.76 8.41
CA ALA F 70 46.71 -35.85 8.34
C ALA F 70 47.13 -35.37 9.73
N GLY F 71 48.42 -35.43 10.00
CA GLY F 71 48.98 -34.96 11.25
C GLY F 71 48.91 -35.94 12.41
N ARG F 72 48.40 -37.15 12.20
CA ARG F 72 48.20 -38.11 13.27
C ARG F 72 49.03 -39.36 13.04
N TYR F 73 49.56 -39.91 14.14
CA TYR F 73 50.26 -41.19 14.10
C TYR F 73 49.26 -42.34 14.05
N PHE F 74 49.59 -43.37 13.27
CA PHE F 74 48.81 -44.59 13.22
C PHE F 74 49.75 -45.80 13.20
N TYR F 75 49.39 -46.84 13.95
CA TYR F 75 49.96 -48.15 13.71
C TYR F 75 49.41 -48.69 12.39
N ILE F 76 50.27 -49.16 11.51
CA ILE F 76 49.84 -49.69 10.22
C ILE F 76 50.37 -51.11 10.07
N GLN F 77 49.44 -52.06 9.99
CA GLN F 77 49.76 -53.44 9.64
C GLN F 77 49.74 -53.61 8.13
N SER F 78 50.63 -54.44 7.62
CA SER F 78 50.68 -54.72 6.19
C SER F 78 50.71 -56.23 5.96
N MET F 79 49.92 -56.67 4.97
CA MET F 79 49.90 -58.05 4.51
C MET F 79 50.20 -58.04 3.02
N PHE F 80 51.16 -58.84 2.60
CA PHE F 80 51.74 -58.72 1.27
C PHE F 80 51.50 -59.96 0.42
N TYR F 81 51.50 -59.76 -0.90
CA TYR F 81 51.51 -60.84 -1.86
C TYR F 81 51.93 -60.28 -3.21
N PRO F 82 52.83 -60.97 -3.95
CA PRO F 82 53.50 -62.24 -3.67
C PRO F 82 54.75 -62.09 -2.79
N ASP F 83 55.25 -60.86 -2.68
CA ASP F 83 56.37 -60.56 -1.81
C ASP F 83 56.12 -59.21 -1.14
N GLN F 84 57.05 -58.80 -0.28
CA GLN F 84 56.88 -57.58 0.49
C GLN F 84 57.01 -56.30 -0.35
N ASN F 85 57.34 -56.42 -1.63
CA ASN F 85 57.32 -55.28 -2.54
C ASN F 85 56.07 -55.23 -3.40
N GLY F 86 55.18 -56.19 -3.27
CA GLY F 86 54.05 -56.36 -4.18
C GLY F 86 52.76 -55.78 -3.67
N ASN F 87 51.66 -56.43 -4.03
CA ASN F 87 50.35 -55.98 -3.58
C ASN F 87 50.27 -56.09 -2.06
N ALA F 88 49.42 -55.26 -1.47
CA ALA F 88 49.37 -55.19 -0.01
C ALA F 88 48.00 -54.78 0.46
N SER F 89 47.64 -55.26 1.65
CA SER F 89 46.49 -54.80 2.41
C SER F 89 46.99 -54.16 3.70
N GLN F 90 46.43 -53.01 4.06
CA GLN F 90 46.89 -52.29 5.23
C GLN F 90 45.72 -51.96 6.15
N ILE F 91 45.97 -52.11 7.46
CA ILE F 91 45.03 -51.77 8.52
C ILE F 91 45.71 -50.75 9.40
N ALA F 92 45.10 -49.57 9.51
CA ALA F 92 45.64 -48.50 10.33
C ALA F 92 44.79 -48.36 11.58
N THR F 93 45.44 -48.31 12.74
CA THR F 93 44.77 -48.07 14.01
C THR F 93 45.45 -46.92 14.73
N SER F 94 44.65 -46.16 15.45
CA SER F 94 45.09 -44.89 16.00
C SER F 94 46.12 -45.07 17.10
N TYR F 95 46.98 -44.06 17.24
CA TYR F 95 48.04 -44.03 18.25
C TYR F 95 47.65 -43.26 19.50
N ASN F 96 46.68 -42.35 19.42
CA ASN F 96 46.32 -41.48 20.54
C ASN F 96 45.03 -40.76 20.20
N ALA F 97 44.46 -40.08 21.20
CA ALA F 97 43.37 -39.12 21.03
C ALA F 97 42.02 -39.79 20.84
N THR F 98 41.93 -40.71 19.88
CA THR F 98 40.70 -41.44 19.63
C THR F 98 41.04 -42.87 19.26
N SER F 99 40.01 -43.73 19.30
CA SER F 99 40.12 -45.14 18.90
C SER F 99 39.51 -45.27 17.50
N GLU F 100 40.36 -45.33 16.48
CA GLU F 100 39.91 -45.37 15.10
C GLU F 100 40.64 -46.45 14.33
N MET F 101 40.00 -46.93 13.27
CA MET F 101 40.56 -47.96 12.41
C MET F 101 40.21 -47.64 10.97
N TYR F 102 41.17 -47.88 10.08
CA TYR F 102 41.01 -47.69 8.65
C TYR F 102 41.62 -48.88 7.92
N VAL F 103 41.23 -49.05 6.66
CA VAL F 103 41.75 -50.12 5.81
C VAL F 103 41.92 -49.58 4.39
N ARG F 104 42.93 -50.09 3.70
CA ARG F 104 43.14 -49.77 2.29
C ARG F 104 43.87 -50.95 1.65
N VAL F 105 44.14 -50.82 0.35
CA VAL F 105 44.72 -51.92 -0.41
C VAL F 105 45.45 -51.34 -1.62
N SER F 106 46.49 -52.05 -2.06
CA SER F 106 47.17 -51.77 -3.31
C SER F 106 47.15 -53.03 -4.18
N TYR F 107 46.64 -52.91 -5.39
CA TYR F 107 46.70 -53.99 -6.36
C TYR F 107 47.11 -53.42 -7.71
N ALA F 108 47.86 -54.21 -8.47
CA ALA F 108 48.29 -53.82 -9.80
C ALA F 108 48.75 -55.07 -10.54
N ALA F 109 48.60 -55.03 -11.88
CA ALA F 109 49.08 -56.13 -12.70
C ALA F 109 50.56 -56.41 -12.42
N ASN F 110 51.37 -55.36 -12.42
CA ASN F 110 52.75 -55.44 -11.93
C ASN F 110 52.73 -55.04 -10.46
N PRO F 111 52.69 -55.99 -9.53
CA PRO F 111 52.46 -55.64 -8.12
C PRO F 111 53.52 -54.73 -7.54
N SER F 112 54.72 -54.68 -8.12
CA SER F 112 55.76 -53.81 -7.59
C SER F 112 55.49 -52.34 -7.89
N ILE F 113 54.65 -52.05 -8.88
CA ILE F 113 54.26 -50.69 -9.22
C ILE F 113 52.91 -50.48 -8.55
N ARG F 114 52.93 -50.07 -7.28
CA ARG F 114 51.74 -50.10 -6.45
C ARG F 114 50.75 -49.02 -6.86
N GLU F 115 49.47 -49.34 -6.69
CA GLU F 115 48.35 -48.44 -6.97
C GLU F 115 47.44 -48.47 -5.76
N TRP F 116 47.63 -47.53 -4.85
CA TRP F 116 46.89 -47.51 -3.59
C TRP F 116 45.50 -46.93 -3.78
N LEU F 117 44.51 -47.58 -3.17
CA LEU F 117 43.16 -47.06 -3.07
C LEU F 117 43.01 -46.19 -1.83
N PRO F 118 41.99 -45.34 -1.77
CA PRO F 118 41.83 -44.47 -0.60
C PRO F 118 41.55 -45.28 0.65
N TRP F 119 42.02 -44.75 1.78
CA TRP F 119 41.68 -45.32 3.08
C TRP F 119 40.18 -45.34 3.28
N GLN F 120 39.67 -46.50 3.70
CA GLN F 120 38.28 -46.66 4.10
C GLN F 120 38.23 -46.79 5.62
N ARG F 121 37.38 -45.98 6.25
CA ARG F 121 37.28 -46.05 7.70
C ARG F 121 36.52 -47.31 8.11
N CYS F 122 36.93 -47.88 9.24
CA CYS F 122 36.33 -49.11 9.74
C CYS F 122 35.52 -48.91 11.02
N ASP F 123 36.01 -48.12 11.96
CA ASP F 123 35.27 -47.95 13.21
C ASP F 123 34.00 -47.15 12.97
N ILE F 124 32.98 -47.41 13.79
CA ILE F 124 31.64 -46.90 13.54
C ILE F 124 31.56 -45.41 13.81
N GLY F 125 32.66 -44.83 14.31
CA GLY F 125 32.69 -43.40 14.54
C GLY F 125 32.48 -42.56 13.30
N GLY F 126 32.72 -43.14 12.12
CA GLY F 126 32.47 -42.46 10.88
C GLY F 126 31.09 -42.66 10.31
N SER F 127 30.18 -43.22 11.10
CA SER F 127 28.85 -43.58 10.63
C SER F 127 27.79 -43.07 11.60
N PHE F 128 26.54 -43.16 11.19
CA PHE F 128 25.42 -42.96 12.11
C PHE F 128 25.31 -44.21 12.97
N THR F 129 25.58 -44.06 14.26
CA THR F 129 25.70 -45.18 15.18
C THR F 129 24.40 -45.42 15.91
N LYS F 130 24.24 -46.65 16.39
CA LYS F 130 23.04 -47.03 17.13
C LYS F 130 23.06 -46.55 18.57
N THR F 131 24.21 -46.10 19.05
CA THR F 131 24.33 -45.34 20.29
C THR F 131 24.44 -43.86 19.93
N THR F 132 23.96 -43.00 20.83
CA THR F 132 23.99 -41.57 20.55
C THR F 132 25.42 -41.04 20.61
N ASP F 133 25.67 -39.98 19.84
CA ASP F 133 26.96 -39.31 19.85
C ASP F 133 27.23 -38.61 21.17
N GLY F 134 26.21 -38.35 21.97
CA GLY F 134 26.40 -37.75 23.26
C GLY F 134 25.12 -37.17 23.81
N SER F 135 25.16 -36.86 25.10
CA SER F 135 24.06 -36.22 25.80
C SER F 135 24.43 -34.78 26.10
N ILE F 136 23.59 -33.85 25.67
CA ILE F 136 23.89 -32.43 25.76
C ILE F 136 23.50 -31.91 27.14
N GLY F 137 24.42 -31.20 27.78
CA GLY F 137 24.14 -30.58 29.06
C GLY F 137 23.45 -29.24 28.91
N ASN F 138 23.44 -28.50 30.01
CA ASN F 138 22.81 -27.20 30.07
C ASN F 138 23.71 -26.12 29.47
N GLY F 139 23.09 -25.03 29.04
CA GLY F 139 23.80 -23.86 28.58
C GLY F 139 24.56 -24.04 27.28
N VAL F 140 24.09 -24.92 26.40
CA VAL F 140 24.81 -25.24 25.17
C VAL F 140 24.15 -24.51 24.00
N ASN F 141 24.99 -24.06 23.07
CA ASN F 141 24.54 -23.37 21.87
C ASN F 141 24.60 -24.34 20.71
N ILE F 142 23.45 -24.80 20.24
CA ILE F 142 23.46 -25.87 19.24
C ILE F 142 23.87 -25.35 17.87
N ASN F 143 24.10 -24.04 17.74
CA ASN F 143 24.76 -23.55 16.53
C ASN F 143 26.14 -24.20 16.34
N SER F 144 26.71 -24.76 17.40
CA SER F 144 28.02 -25.38 17.30
C SER F 144 27.96 -26.82 16.77
N PHE F 145 26.78 -27.41 16.66
CA PHE F 145 26.65 -28.79 16.21
C PHE F 145 26.62 -28.80 14.68
N VAL F 146 27.82 -28.72 14.10
CA VAL F 146 28.01 -28.64 12.66
C VAL F 146 28.54 -29.94 12.07
N ASN F 147 28.54 -31.03 12.85
CA ASN F 147 29.05 -32.31 12.39
C ASN F 147 27.94 -33.35 12.40
N SER F 148 27.98 -34.25 11.42
CA SER F 148 26.96 -35.29 11.30
C SER F 148 26.93 -36.15 12.56
N GLY F 149 25.73 -36.60 12.90
CA GLY F 149 25.53 -37.41 14.08
C GLY F 149 24.16 -37.14 14.66
N TRP F 150 23.93 -37.66 15.85
CA TRP F 150 22.70 -37.35 16.58
C TRP F 150 22.98 -37.34 18.07
N TRP F 151 22.37 -36.38 18.75
CA TRP F 151 22.63 -36.10 20.15
C TRP F 151 21.32 -36.05 20.92
N LEU F 152 21.42 -36.28 22.21
CA LEU F 152 20.28 -36.31 23.11
C LEU F 152 20.29 -35.08 24.00
N GLN F 153 19.17 -34.37 24.03
CA GLN F 153 18.89 -33.38 25.06
C GLN F 153 17.85 -34.00 25.99
N SER F 154 18.30 -34.41 27.18
CA SER F 154 17.46 -35.17 28.10
C SER F 154 16.51 -34.30 28.90
N THR F 155 16.75 -33.00 28.99
CA THR F 155 16.12 -32.15 29.98
C THR F 155 15.56 -30.89 29.33
N SER F 156 14.27 -30.66 29.50
CA SER F 156 13.65 -29.47 28.92
C SER F 156 14.26 -28.19 29.47
N GLU F 157 14.60 -28.19 30.77
CA GLU F 157 15.21 -26.99 31.36
C GLU F 157 16.56 -26.68 30.73
N TRP F 158 17.27 -27.71 30.26
CA TRP F 158 18.57 -27.49 29.64
C TRP F 158 18.42 -26.99 28.21
N ALA F 159 17.38 -27.41 27.50
CA ALA F 159 17.06 -26.78 26.23
C ALA F 159 16.69 -25.32 26.44
N ALA F 160 15.87 -25.05 27.46
CA ALA F 160 15.48 -23.68 27.76
C ALA F 160 16.67 -22.85 28.24
N GLY F 161 17.61 -23.49 28.92
CA GLY F 161 18.81 -22.84 29.40
C GLY F 161 19.93 -22.75 28.40
N GLY F 162 19.77 -23.33 27.23
CA GLY F 162 20.77 -23.24 26.17
C GLY F 162 20.49 -22.09 25.23
N ALA F 163 21.02 -22.21 24.02
CA ALA F 163 20.89 -21.17 23.02
C ALA F 163 20.60 -21.79 21.67
N ASN F 164 19.61 -21.22 20.97
CA ASN F 164 19.26 -21.56 19.59
C ASN F 164 18.61 -22.93 19.48
N TYR F 165 18.00 -23.43 20.56
CA TYR F 165 17.03 -24.51 20.43
C TYR F 165 15.74 -23.96 19.82
N PRO F 166 15.02 -24.76 19.03
CA PRO F 166 13.72 -24.30 18.50
C PRO F 166 12.66 -24.14 19.58
N VAL F 167 12.82 -24.78 20.73
CA VAL F 167 11.82 -24.74 21.80
C VAL F 167 12.49 -25.28 23.06
N GLY F 168 12.02 -24.85 24.22
CA GLY F 168 12.61 -25.29 25.48
C GLY F 168 12.08 -26.63 25.95
N LEU F 169 12.27 -27.66 25.13
CA LEU F 169 11.80 -29.00 25.45
C LEU F 169 12.92 -30.01 25.21
N ALA F 170 12.93 -31.05 26.04
CA ALA F 170 13.81 -32.18 25.77
C ALA F 170 13.53 -32.72 24.38
N GLY F 171 14.54 -33.32 23.77
CA GLY F 171 14.36 -33.82 22.43
C GLY F 171 15.64 -34.43 21.89
N LEU F 172 15.58 -34.75 20.60
CA LEU F 172 16.67 -35.41 19.89
C LEU F 172 17.11 -34.51 18.75
N LEU F 173 18.41 -34.25 18.66
CA LEU F 173 18.98 -33.42 17.61
C LEU F 173 19.76 -34.31 16.65
N ILE F 174 19.42 -34.20 15.36
CA ILE F 174 20.04 -34.96 14.29
C ILE F 174 20.67 -33.98 13.33
N VAL F 175 21.90 -34.26 12.92
CA VAL F 175 22.69 -33.34 12.10
C VAL F 175 23.24 -34.09 10.90
N TYR F 176 23.10 -33.49 9.72
CA TYR F 176 23.68 -34.00 8.48
C TYR F 176 24.59 -32.90 7.93
N ARG F 177 25.90 -33.07 8.09
CA ARG F 177 26.88 -32.17 7.51
C ARG F 177 27.19 -32.68 6.11
N ALA F 178 26.41 -32.22 5.13
CA ALA F 178 26.66 -32.61 3.75
C ALA F 178 27.89 -31.90 3.20
N HIS F 179 28.20 -30.72 3.74
CA HIS F 179 29.25 -29.86 3.23
C HIS F 179 29.35 -28.69 4.20
N ALA F 180 30.51 -28.02 4.18
CA ALA F 180 30.68 -26.85 5.03
C ALA F 180 29.57 -25.83 4.82
N ASP F 181 29.06 -25.75 3.60
CA ASP F 181 28.02 -24.79 3.24
C ASP F 181 26.62 -25.40 3.26
N HIS F 182 26.48 -26.64 3.74
CA HIS F 182 25.19 -27.31 3.68
C HIS F 182 25.06 -28.22 4.90
N ILE F 183 24.58 -27.65 6.01
CA ILE F 183 24.42 -28.37 7.26
C ILE F 183 22.95 -28.34 7.63
N TYR F 184 22.36 -29.51 7.79
CA TYR F 184 20.94 -29.66 8.07
C TYR F 184 20.77 -30.21 9.49
N GLN F 185 19.89 -29.58 10.26
CA GLN F 185 19.56 -30.02 11.60
C GLN F 185 18.08 -30.34 11.69
N THR F 186 17.77 -31.36 12.47
CA THR F 186 16.41 -31.72 12.83
C THR F 186 16.33 -31.86 14.33
N TYR F 187 15.24 -31.37 14.92
CA TYR F 187 15.00 -31.49 16.35
C TYR F 187 13.63 -32.11 16.54
N VAL F 188 13.57 -33.21 17.28
CA VAL F 188 12.32 -33.87 17.63
C VAL F 188 12.17 -33.80 19.14
N THR F 189 11.09 -33.18 19.58
CA THR F 189 10.83 -33.02 21.00
C THR F 189 10.30 -34.32 21.59
N LEU F 190 10.32 -34.41 22.92
CA LEU F 190 9.80 -35.57 23.62
C LEU F 190 8.30 -35.74 23.41
N ASN F 191 7.62 -34.76 22.83
CA ASN F 191 6.19 -34.88 22.54
C ASN F 191 5.91 -35.14 21.07
N GLY F 192 6.94 -35.33 20.25
CA GLY F 192 6.77 -35.77 18.89
C GLY F 192 6.75 -34.68 17.85
N SER F 193 7.03 -33.43 18.22
CA SER F 193 7.01 -32.33 17.29
C SER F 193 8.39 -32.18 16.65
N THR F 194 8.39 -31.94 15.34
CA THR F 194 9.61 -31.83 14.56
C THR F 194 9.83 -30.39 14.14
N TYR F 195 11.07 -29.92 14.29
CA TYR F 195 11.54 -28.67 13.73
C TYR F 195 12.74 -28.95 12.84
N SER F 196 12.98 -28.04 11.89
CA SER F 196 14.06 -28.22 10.94
C SER F 196 14.68 -26.87 10.60
N ARG F 197 15.99 -26.88 10.36
CA ARG F 197 16.70 -25.69 9.91
C ARG F 197 17.98 -26.11 9.19
N CYS F 198 18.52 -25.19 8.40
CA CYS F 198 19.71 -25.43 7.60
C CYS F 198 20.70 -24.30 7.78
N CYS F 199 21.98 -24.64 7.94
CA CYS F 199 23.06 -23.67 7.83
C CYS F 199 23.45 -23.70 6.35
N TYR F 200 23.06 -22.67 5.63
CA TYR F 200 23.25 -22.62 4.18
C TYR F 200 24.33 -21.60 3.89
N ALA F 201 25.42 -22.06 3.27
CA ALA F 201 26.55 -21.20 2.91
C ALA F 201 27.04 -20.40 4.11
N GLY F 202 27.04 -21.02 5.28
CA GLY F 202 27.64 -20.42 6.45
C GLY F 202 26.72 -19.57 7.30
N SER F 203 25.48 -19.36 6.89
CA SER F 203 24.53 -18.60 7.68
C SER F 203 23.36 -19.50 8.08
N TRP F 204 23.04 -19.50 9.37
CA TRP F 204 21.92 -20.31 9.86
C TRP F 204 20.60 -19.66 9.48
N ARG F 205 19.70 -20.46 8.93
CA ARG F 205 18.36 -20.00 8.63
C ARG F 205 17.41 -20.38 9.74
N PRO F 206 16.23 -19.76 9.80
CA PRO F 206 15.34 -19.96 10.96
C PRO F 206 14.82 -21.39 11.05
N TRP F 207 14.59 -21.82 12.29
CA TRP F 207 13.91 -23.09 12.53
C TRP F 207 12.51 -23.07 11.93
N ARG F 208 12.19 -24.09 11.15
CA ARG F 208 10.87 -24.29 10.57
C ARG F 208 10.08 -25.24 11.46
N GLN F 209 8.85 -24.86 11.82
CA GLN F 209 8.02 -25.64 12.73
C GLN F 209 6.90 -26.33 11.96
N ASN F 210 6.87 -27.67 12.02
CA ASN F 210 5.80 -28.43 11.39
C ASN F 210 4.51 -28.26 12.18
N TRP F 211 3.39 -28.17 11.46
CA TRP F 211 2.09 -28.21 12.11
C TRP F 211 1.74 -29.67 12.40
N ASP F 212 1.26 -29.93 13.61
CA ASP F 212 0.89 -31.28 14.01
C ASP F 212 -0.32 -31.19 14.95
N ASP F 213 -0.84 -32.34 15.35
CA ASP F 213 -2.03 -32.31 16.19
C ASP F 213 -1.72 -31.82 17.60
N GLY F 214 -0.49 -31.41 17.88
CA GLY F 214 -0.16 -30.79 19.16
C GLY F 214 -0.29 -29.29 19.12
N ASN F 215 -0.17 -28.69 17.94
CA ASN F 215 -0.23 -27.24 17.80
C ASN F 215 -1.30 -26.74 16.84
N PHE F 216 -2.10 -27.63 16.24
CA PHE F 216 -3.15 -27.21 15.32
C PHE F 216 -4.28 -28.23 15.33
N ASP F 217 -5.52 -27.74 15.37
CA ASP F 217 -6.71 -28.58 15.39
C ASP F 217 -7.68 -28.10 14.33
N PRO F 218 -7.73 -28.76 13.17
CA PRO F 218 -8.67 -28.29 12.13
C PRO F 218 -10.12 -28.26 12.58
N ALA F 219 -10.51 -29.10 13.56
CA ALA F 219 -11.88 -29.10 14.04
C ALA F 219 -12.27 -27.77 14.67
N SER F 220 -11.30 -26.93 15.00
CA SER F 220 -11.55 -25.63 15.58
C SER F 220 -11.80 -24.55 14.53
N TYR F 221 -11.69 -24.89 13.25
CA TYR F 221 -11.84 -23.93 12.16
C TYR F 221 -13.02 -24.33 11.29
N LEU F 222 -13.63 -23.34 10.66
CA LEU F 222 -14.86 -23.54 9.92
C LEU F 222 -14.56 -24.02 8.50
N PRO F 223 -15.04 -25.19 8.10
CA PRO F 223 -14.96 -25.56 6.68
C PRO F 223 -15.88 -24.70 5.84
N LYS F 224 -15.46 -24.47 4.59
CA LYS F 224 -16.30 -23.70 3.68
C LYS F 224 -17.69 -24.31 3.56
N ALA F 225 -17.79 -25.63 3.63
CA ALA F 225 -19.10 -26.27 3.50
C ALA F 225 -20.02 -25.94 4.67
N GLY F 226 -19.45 -25.52 5.80
CA GLY F 226 -20.24 -25.10 6.93
C GLY F 226 -20.56 -23.61 6.96
N PHE F 227 -20.22 -22.88 5.89
CA PHE F 227 -20.41 -21.44 5.82
C PHE F 227 -21.71 -21.18 5.05
N THR F 228 -22.83 -21.19 5.76
CA THR F 228 -24.13 -20.92 5.16
C THR F 228 -25.00 -20.18 6.16
N TRP F 229 -25.98 -19.47 5.61
CA TRP F 229 -26.97 -18.77 6.44
C TRP F 229 -27.63 -19.71 7.43
N ALA F 230 -28.05 -20.88 6.94
CA ALA F 230 -28.76 -21.83 7.80
C ALA F 230 -27.90 -22.28 8.97
N ALA F 231 -26.58 -22.41 8.76
CA ALA F 231 -25.69 -22.87 9.81
C ALA F 231 -25.19 -21.76 10.72
N LEU F 232 -25.40 -20.50 10.34
CA LEU F 232 -24.91 -19.38 11.13
C LEU F 232 -25.66 -19.29 12.46
N PRO F 233 -25.00 -19.46 13.59
CA PRO F 233 -25.70 -19.36 14.87
C PRO F 233 -25.91 -17.92 15.31
N GLY F 234 -26.88 -17.74 16.20
CA GLY F 234 -27.15 -16.46 16.81
C GLY F 234 -28.02 -15.52 15.99
N LYS F 235 -28.70 -16.00 14.96
CA LYS F 235 -29.50 -15.11 14.14
C LYS F 235 -30.77 -14.72 14.88
N PRO F 236 -31.23 -13.48 14.73
CA PRO F 236 -32.45 -13.05 15.44
C PRO F 236 -33.69 -13.66 14.81
N ALA F 237 -34.74 -13.78 15.64
CA ALA F 237 -36.01 -14.32 15.15
C ALA F 237 -36.72 -13.33 14.24
N THR F 238 -36.59 -12.04 14.51
CA THR F 238 -37.17 -11.01 13.67
C THR F 238 -36.09 -9.96 13.37
N PHE F 239 -36.32 -9.22 12.30
CA PHE F 239 -35.34 -8.26 11.80
C PHE F 239 -35.96 -6.89 11.64
N PRO F 240 -35.20 -5.82 11.87
CA PRO F 240 -35.73 -4.47 11.65
C PRO F 240 -36.09 -4.26 10.19
N PRO F 241 -37.37 -4.07 9.88
CA PRO F 241 -37.75 -3.99 8.46
C PRO F 241 -37.34 -2.67 7.84
N SER F 242 -37.07 -2.72 6.54
CA SER F 242 -36.86 -1.53 5.74
C SER F 242 -38.17 -1.08 5.12
N GLY F 243 -38.15 0.12 4.54
CA GLY F 243 -39.36 0.71 3.98
C GLY F 243 -40.12 -0.19 3.05
N HIS F 244 -41.42 -0.36 3.29
CA HIS F 244 -42.24 -1.22 2.47
C HIS F 244 -43.67 -0.71 2.46
N ASN F 245 -44.48 -1.30 1.58
CA ASN F 245 -45.89 -0.98 1.44
C ASN F 245 -46.73 -2.21 1.78
N HIS F 246 -48.04 -2.01 1.80
CA HIS F 246 -48.97 -3.05 2.20
C HIS F 246 -50.25 -2.96 1.37
N ASP F 247 -51.02 -4.04 1.43
CA ASP F 247 -52.37 -4.09 0.87
C ASP F 247 -53.37 -4.21 2.01
N THR F 248 -54.55 -3.64 1.80
CA THR F 248 -55.58 -3.67 2.83
C THR F 248 -55.87 -5.08 3.32
N SER F 249 -55.73 -6.07 2.44
CA SER F 249 -55.95 -7.46 2.84
C SER F 249 -55.05 -7.87 3.98
N GLN F 250 -53.85 -7.27 4.09
CA GLN F 250 -52.96 -7.57 5.20
C GLN F 250 -53.39 -6.90 6.50
N ILE F 251 -54.18 -5.82 6.43
CA ILE F 251 -54.78 -5.26 7.63
C ILE F 251 -55.88 -6.21 8.08
N THR F 252 -55.57 -7.06 9.06
CA THR F 252 -56.44 -8.18 9.39
C THR F 252 -57.17 -8.05 10.71
N SER F 253 -56.84 -7.06 11.53
CA SER F 253 -57.49 -6.92 12.83
C SER F 253 -57.54 -5.44 13.21
N GLY F 254 -58.44 -5.13 14.14
CA GLY F 254 -58.64 -3.77 14.59
C GLY F 254 -59.65 -3.02 13.73
N ILE F 255 -60.06 -1.86 14.24
CA ILE F 255 -61.04 -0.99 13.57
C ILE F 255 -60.39 0.37 13.37
N LEU F 256 -60.19 0.75 12.12
CA LEU F 256 -59.48 2.00 11.81
C LEU F 256 -60.29 3.17 12.38
N PRO F 257 -59.67 4.07 13.14
CA PRO F 257 -60.41 5.18 13.74
C PRO F 257 -60.54 6.36 12.77
N LEU F 258 -61.44 7.28 13.12
CA LEU F 258 -61.68 8.43 12.27
C LEU F 258 -60.42 9.27 12.11
N ALA F 259 -59.59 9.35 13.15
CA ALA F 259 -58.36 10.14 13.05
C ALA F 259 -57.46 9.68 11.92
N ARG F 260 -57.60 8.42 11.48
CA ARG F 260 -56.79 7.86 10.40
C ARG F 260 -57.57 7.75 9.09
N GLY F 261 -58.81 8.22 9.06
CA GLY F 261 -59.64 8.11 7.87
C GLY F 261 -60.61 6.96 7.88
N GLY F 262 -60.81 6.30 9.03
CA GLY F 262 -61.72 5.19 9.15
C GLY F 262 -63.05 5.57 9.77
N LEU F 263 -63.92 4.57 9.90
CA LEU F 263 -65.26 4.79 10.41
C LEU F 263 -65.37 4.68 11.92
N GLY F 264 -64.37 4.09 12.58
CA GLY F 264 -64.47 3.90 14.01
C GLY F 264 -65.54 2.93 14.43
N ALA F 265 -66.04 2.12 13.51
CA ALA F 265 -67.10 1.17 13.81
C ALA F 265 -67.10 0.08 12.75
N ASN F 266 -67.68 -1.06 13.10
CA ASN F 266 -67.74 -2.21 12.21
C ASN F 266 -69.14 -2.47 11.69
N THR F 267 -70.07 -1.55 11.91
CA THR F 267 -71.45 -1.71 11.47
C THR F 267 -71.89 -0.47 10.71
N ALA F 268 -72.88 -0.66 9.83
CA ALA F 268 -73.42 0.47 9.07
C ALA F 268 -74.01 1.52 10.00
N ALA F 269 -74.76 1.09 11.02
CA ALA F 269 -75.32 2.03 11.97
C ALA F 269 -74.22 2.82 12.68
N GLY F 270 -73.21 2.10 13.19
CA GLY F 270 -72.11 2.78 13.85
C GLY F 270 -71.35 3.72 12.94
N ALA F 271 -71.21 3.35 11.66
CA ALA F 271 -70.54 4.22 10.71
C ALA F 271 -71.30 5.54 10.54
N ARG F 272 -72.60 5.45 10.25
CA ARG F 272 -73.41 6.66 10.11
C ARG F 272 -73.34 7.51 11.37
N ASN F 273 -73.43 6.87 12.53
CA ASN F 273 -73.43 7.61 13.79
C ASN F 273 -72.12 8.37 13.98
N ASN F 274 -71.00 7.77 13.56
CA ASN F 274 -69.70 8.38 13.78
C ASN F 274 -69.37 9.47 12.77
N ILE F 275 -70.00 9.44 11.59
CA ILE F 275 -69.83 10.51 10.60
C ILE F 275 -71.03 11.44 10.55
N GLY F 276 -72.06 11.20 11.35
CA GLY F 276 -73.21 12.07 11.39
C GLY F 276 -74.02 12.04 10.10
N ALA F 277 -74.28 10.84 9.59
CA ALA F 277 -74.99 10.66 8.34
C ALA F 277 -76.38 10.09 8.58
N GLY F 278 -77.30 10.37 7.66
CA GLY F 278 -78.65 9.89 7.75
C GLY F 278 -78.93 8.85 6.66
N VAL F 279 -80.04 8.11 6.84
CA VAL F 279 -80.41 7.07 5.88
C VAL F 279 -81.16 7.72 4.71
N PRO F 280 -81.29 7.04 3.57
CA PRO F 280 -82.02 7.62 2.45
C PRO F 280 -83.53 7.57 2.67
N ALA F 281 -84.22 8.48 1.98
CA ALA F 281 -85.66 8.52 2.03
C ALA F 281 -86.24 7.51 1.03
N THR F 282 -87.48 7.11 1.30
CA THR F 282 -88.23 6.24 0.40
C THR F 282 -89.47 6.99 -0.09
N ALA F 283 -90.08 6.45 -1.13
CA ALA F 283 -91.22 7.13 -1.73
C ALA F 283 -91.90 6.22 -2.74
N SER F 284 -93.19 6.48 -2.96
CA SER F 284 -93.97 5.89 -4.05
C SER F 284 -94.43 7.06 -4.91
N ARG F 285 -93.79 7.25 -6.05
CA ARG F 285 -94.00 8.45 -6.87
C ARG F 285 -95.14 8.23 -7.87
N ALA F 286 -96.35 8.23 -7.33
CA ALA F 286 -97.56 8.04 -8.11
C ALA F 286 -98.53 9.18 -7.80
N LEU F 287 -99.58 9.29 -8.62
CA LEU F 287 -100.60 10.32 -8.41
C LEU F 287 -101.18 10.21 -7.01
N ASN F 288 -101.46 8.98 -6.55
CA ASN F 288 -101.79 8.72 -5.15
C ASN F 288 -100.56 8.09 -4.52
N GLY F 289 -99.61 8.95 -4.13
CA GLY F 289 -98.33 8.49 -3.66
C GLY F 289 -97.95 8.98 -2.27
N TRP F 290 -96.72 8.73 -1.87
CA TRP F 290 -96.25 9.11 -0.54
C TRP F 290 -94.74 9.26 -0.56
N TRP F 291 -94.22 9.92 0.48
CA TRP F 291 -92.79 10.12 0.64
C TRP F 291 -92.48 10.08 2.13
N LYS F 292 -91.46 9.30 2.51
CA LYS F 292 -91.15 9.04 3.90
C LYS F 292 -89.72 9.44 4.20
N ASP F 293 -89.53 10.24 5.25
CA ASP F 293 -88.21 10.58 5.76
C ASP F 293 -87.87 9.59 6.86
N ASN F 294 -87.00 8.63 6.55
CA ASN F 294 -86.71 7.57 7.49
C ASN F 294 -85.83 8.03 8.65
N ASP F 295 -85.17 9.19 8.52
CA ASP F 295 -84.49 9.77 9.66
C ASP F 295 -85.45 9.99 10.81
N THR F 296 -86.55 10.70 10.55
CA THR F 296 -87.53 11.04 11.58
C THR F 296 -88.78 10.16 11.53
N GLY F 297 -89.02 9.46 10.43
CA GLY F 297 -90.23 8.69 10.27
C GLY F 297 -91.40 9.47 9.70
N LEU F 298 -91.22 10.76 9.43
CA LEU F 298 -92.31 11.57 8.88
C LEU F 298 -92.71 11.05 7.51
N ILE F 299 -94.00 11.04 7.24
CA ILE F 299 -94.54 10.59 5.97
C ILE F 299 -95.40 11.70 5.40
N VAL F 300 -95.25 11.94 4.10
CA VAL F 300 -96.07 12.89 3.37
C VAL F 300 -96.78 12.13 2.26
N GLN F 301 -98.10 12.31 2.17
CA GLN F 301 -98.91 11.65 1.17
C GLN F 301 -99.72 12.67 0.39
N TRP F 302 -100.09 12.30 -0.83
CA TRP F 302 -100.92 13.13 -1.68
C TRP F 302 -101.83 12.22 -2.50
N MET F 303 -103.02 12.72 -2.81
CA MET F 303 -104.05 11.90 -3.43
C MET F 303 -105.11 12.79 -4.06
N GLN F 304 -105.94 12.17 -4.89
CA GLN F 304 -107.03 12.89 -5.55
C GLN F 304 -108.12 11.90 -5.90
N VAL F 305 -109.34 12.43 -6.01
CA VAL F 305 -110.50 11.63 -6.41
C VAL F 305 -111.43 12.51 -7.23
N ASN F 306 -112.02 11.92 -8.27
CA ASN F 306 -112.96 12.63 -9.12
C ASN F 306 -114.38 12.41 -8.62
N VAL F 307 -115.09 13.50 -8.38
CA VAL F 307 -116.46 13.42 -7.87
C VAL F 307 -117.42 13.64 -9.03
N GLY F 308 -117.38 14.83 -9.62
CA GLY F 308 -118.25 15.15 -10.71
C GLY F 308 -119.02 16.42 -10.44
N ASP F 309 -120.31 16.40 -10.72
CA ASP F 309 -121.16 17.55 -10.45
C ASP F 309 -121.46 17.63 -8.95
N HIS F 310 -121.64 18.85 -8.47
CA HIS F 310 -122.12 19.06 -7.12
C HIS F 310 -123.62 19.28 -7.17
N PRO F 311 -124.45 18.39 -6.58
CA PRO F 311 -125.90 18.58 -6.70
C PRO F 311 -126.39 19.78 -5.91
N GLY F 312 -125.74 20.11 -4.80
CA GLY F 312 -126.16 21.21 -3.95
C GLY F 312 -126.12 20.82 -2.49
N GLY F 313 -126.46 21.74 -1.61
CA GLY F 313 -126.45 21.45 -0.19
C GLY F 313 -125.06 21.11 0.32
N ILE F 314 -125.00 20.10 1.17
CA ILE F 314 -123.76 19.71 1.85
C ILE F 314 -123.48 18.25 1.51
N ILE F 315 -122.31 17.99 0.93
CA ILE F 315 -121.92 16.66 0.48
C ILE F 315 -120.69 16.23 1.26
N ASP F 316 -120.72 15.01 1.79
CA ASP F 316 -119.60 14.40 2.49
C ASP F 316 -119.04 13.26 1.65
N ARG F 317 -117.72 13.13 1.62
CA ARG F 317 -117.07 12.06 0.91
C ARG F 317 -115.84 11.61 1.71
N THR F 318 -115.60 10.30 1.71
CA THR F 318 -114.46 9.73 2.41
C THR F 318 -113.33 9.47 1.43
N LEU F 319 -112.11 9.82 1.83
CA LEU F 319 -110.92 9.58 1.03
C LEU F 319 -109.95 8.73 1.84
N THR F 320 -109.38 7.72 1.19
CA THR F 320 -108.48 6.78 1.84
C THR F 320 -107.05 7.10 1.42
N PHE F 321 -106.18 7.32 2.40
CA PHE F 321 -104.78 7.63 2.13
C PHE F 321 -104.15 6.51 1.30
N PRO F 322 -103.15 6.85 0.46
CA PRO F 322 -102.44 5.78 -0.27
C PRO F 322 -101.94 4.66 0.62
N ILE F 323 -101.26 5.00 1.71
CA ILE F 323 -100.87 4.03 2.73
C ILE F 323 -101.36 4.55 4.07
N ALA F 324 -101.59 3.62 5.00
CA ALA F 324 -102.06 3.99 6.32
C ALA F 324 -100.91 4.53 7.14
N PHE F 325 -101.16 5.63 7.84
CA PHE F 325 -100.16 6.18 8.77
C PHE F 325 -99.95 5.19 9.91
N PRO F 326 -98.73 4.70 10.14
CA PRO F 326 -98.53 3.72 11.22
C PRO F 326 -98.95 4.26 12.58
N SER F 327 -98.62 5.51 12.88
CA SER F 327 -98.91 6.09 14.19
C SER F 327 -100.14 6.99 14.12
N ALA F 328 -100.01 8.18 13.56
CA ALA F 328 -101.12 9.11 13.51
C ALA F 328 -100.90 10.13 12.39
N CYS F 329 -102.00 10.64 11.84
CA CYS F 329 -101.97 11.72 10.87
C CYS F 329 -101.96 13.05 11.61
N LEU F 330 -101.00 13.91 11.27
CA LEU F 330 -100.83 15.18 11.98
C LEU F 330 -101.45 16.36 11.26
N HIS F 331 -101.72 16.26 9.96
CA HIS F 331 -102.17 17.44 9.21
C HIS F 331 -102.70 16.98 7.86
N VAL F 332 -103.67 17.73 7.34
CA VAL F 332 -104.26 17.47 6.03
C VAL F 332 -104.48 18.80 5.32
N VAL F 333 -104.40 18.76 3.99
CA VAL F 333 -104.51 19.95 3.17
C VAL F 333 -105.45 19.67 1.99
N PRO F 334 -106.75 19.92 2.13
CA PRO F 334 -107.68 19.63 1.03
C PRO F 334 -107.87 20.82 0.10
N THR F 335 -107.89 20.53 -1.20
CA THR F 335 -108.16 21.53 -2.23
C THR F 335 -109.05 20.91 -3.31
N VAL F 336 -109.52 21.77 -4.21
CA VAL F 336 -110.50 21.42 -5.22
C VAL F 336 -109.82 21.29 -6.58
N LYS F 337 -110.16 20.23 -7.30
CA LYS F 337 -109.68 19.97 -8.65
C LYS F 337 -110.82 20.12 -9.64
N GLU F 338 -110.50 20.58 -10.85
CA GLU F 338 -111.48 20.64 -11.93
C GLU F 338 -111.21 19.50 -12.90
N VAL F 339 -112.10 18.50 -12.91
CA VAL F 339 -112.00 17.42 -13.88
C VAL F 339 -112.50 17.87 -15.24
N GLY F 340 -113.57 18.67 -15.26
CA GLY F 340 -114.10 19.19 -16.51
C GLY F 340 -114.92 20.43 -16.24
N ARG F 341 -115.37 21.05 -17.32
CA ARG F 341 -116.15 22.28 -17.26
C ARG F 341 -117.38 22.17 -18.16
N PRO F 342 -118.32 21.29 -17.80
CA PRO F 342 -119.54 21.19 -18.62
C PRO F 342 -120.37 22.47 -18.61
N ALA F 343 -120.56 23.08 -17.44
CA ALA F 343 -121.33 24.30 -17.30
C ALA F 343 -120.54 25.42 -16.64
N THR F 344 -119.95 25.16 -15.48
CA THR F 344 -119.19 26.17 -14.75
C THR F 344 -117.96 25.51 -14.13
N SER F 345 -117.03 26.36 -13.70
CA SER F 345 -115.74 25.90 -13.19
C SER F 345 -115.89 25.26 -11.81
N ALA F 346 -114.90 24.42 -11.48
CA ALA F 346 -114.90 23.74 -10.19
C ALA F 346 -114.50 24.66 -9.05
N SER F 347 -113.97 25.85 -9.35
CA SER F 347 -113.69 26.84 -8.31
C SER F 347 -114.95 27.31 -7.60
N THR F 348 -116.14 27.03 -8.15
CA THR F 348 -117.37 27.34 -7.45
C THR F 348 -117.64 26.37 -6.29
N VAL F 349 -116.83 25.32 -6.16
CA VAL F 349 -116.93 24.36 -5.07
C VAL F 349 -115.77 24.60 -4.11
N THR F 350 -116.06 24.53 -2.81
CA THR F 350 -115.05 24.66 -1.77
C THR F 350 -115.15 23.47 -0.83
N VAL F 351 -114.09 23.26 -0.04
CA VAL F 351 -113.96 22.07 0.80
C VAL F 351 -113.46 22.45 2.18
N ALA F 352 -113.53 21.48 3.09
CA ALA F 352 -112.99 21.57 4.43
C ALA F 352 -112.95 20.16 5.00
N ASP F 353 -112.01 19.91 5.91
CA ASP F 353 -111.84 18.57 6.46
C ASP F 353 -112.67 18.42 7.73
N VAL F 354 -113.49 17.37 7.77
CA VAL F 354 -114.34 17.07 8.92
C VAL F 354 -113.53 16.30 9.96
N SER F 355 -113.10 15.09 9.60
CA SER F 355 -112.35 14.22 10.49
C SER F 355 -111.24 13.54 9.72
N VAL F 356 -110.28 13.00 10.46
CA VAL F 356 -109.15 12.31 9.87
C VAL F 356 -108.78 11.13 10.77
N SER F 357 -108.60 9.97 10.16
CA SER F 357 -108.10 8.79 10.84
C SER F 357 -106.70 8.47 10.29
N ASN F 358 -106.16 7.32 10.69
CA ASN F 358 -104.87 6.89 10.16
C ASN F 358 -105.00 6.34 8.75
N THR F 359 -106.20 5.94 8.33
CA THR F 359 -106.41 5.37 7.01
C THR F 359 -106.94 6.38 6.00
N GLY F 360 -107.48 7.50 6.44
CA GLY F 360 -108.02 8.47 5.50
C GLY F 360 -108.67 9.63 6.21
N CYS F 361 -109.58 10.29 5.50
CA CYS F 361 -110.25 11.47 6.02
C CYS F 361 -111.59 11.63 5.32
N VAL F 362 -112.44 12.49 5.90
CA VAL F 362 -113.73 12.84 5.31
C VAL F 362 -113.70 14.32 4.96
N ILE F 363 -114.09 14.65 3.73
CA ILE F 363 -114.07 16.01 3.24
C ILE F 363 -115.48 16.41 2.84
N VAL F 364 -115.90 17.60 3.25
CA VAL F 364 -117.23 18.11 2.96
C VAL F 364 -117.09 19.20 1.91
N SER F 365 -118.06 19.26 0.99
CA SER F 365 -118.02 20.20 -0.12
C SER F 365 -119.36 20.91 -0.25
N SER F 366 -119.29 22.20 -0.56
CA SER F 366 -120.47 23.00 -0.87
C SER F 366 -120.14 23.90 -2.06
N GLU F 367 -121.18 24.39 -2.71
CA GLU F 367 -121.04 25.21 -3.91
C GLU F 367 -121.66 26.58 -3.68
N TYR F 368 -121.23 27.55 -4.50
CA TYR F 368 -121.87 28.86 -4.52
C TYR F 368 -122.31 29.26 -5.93
N TYR F 369 -122.31 28.33 -6.88
CA TYR F 369 -122.93 28.52 -8.18
C TYR F 369 -123.68 27.25 -8.54
N GLY F 370 -124.90 27.41 -9.04
CA GLY F 370 -125.83 26.29 -9.14
C GLY F 370 -125.85 25.56 -10.47
N LEU F 371 -124.79 25.68 -11.26
CA LEU F 371 -124.72 24.98 -12.54
C LEU F 371 -123.88 23.71 -12.37
N ALA F 372 -123.71 22.98 -13.48
CA ALA F 372 -123.07 21.68 -13.45
C ALA F 372 -121.55 21.84 -13.49
N GLN F 373 -120.90 21.45 -12.39
CA GLN F 373 -119.45 21.36 -12.34
C GLN F 373 -119.01 19.92 -12.57
N ASN F 374 -117.69 19.73 -12.67
CA ASN F 374 -117.08 18.42 -12.75
C ASN F 374 -115.80 18.49 -11.91
N TYR F 375 -115.97 18.50 -10.59
CA TYR F 375 -114.87 18.74 -9.66
C TYR F 375 -114.35 17.44 -9.05
N GLY F 376 -113.13 17.53 -8.52
CA GLY F 376 -112.57 16.49 -7.68
C GLY F 376 -112.02 17.09 -6.40
N ILE F 377 -111.49 16.21 -5.55
CA ILE F 377 -110.91 16.60 -4.27
C ILE F 377 -109.47 16.12 -4.21
N ARG F 378 -108.55 17.05 -3.98
CA ARG F 378 -107.16 16.74 -3.69
C ARG F 378 -106.92 16.80 -2.18
N VAL F 379 -106.04 15.92 -1.70
CA VAL F 379 -105.70 15.88 -0.28
C VAL F 379 -104.21 15.60 -0.15
N MET F 380 -103.53 16.38 0.68
CA MET F 380 -102.15 16.14 1.07
C MET F 380 -102.11 15.98 2.58
N ALA F 381 -101.39 14.97 3.06
CA ALA F 381 -101.39 14.63 4.48
C ALA F 381 -99.97 14.49 5.00
N ILE F 382 -99.80 14.82 6.27
CA ILE F 382 -98.53 14.73 6.97
C ILE F 382 -98.74 13.93 8.24
N GLY F 383 -97.85 12.98 8.51
CA GLY F 383 -97.94 12.18 9.71
C GLY F 383 -96.72 11.33 9.90
N TYR F 384 -96.87 10.29 10.71
CA TYR F 384 -95.77 9.36 10.99
C TYR F 384 -96.32 8.04 11.51
FE FE G . -2.35 39.29 -27.07
MG MG H . -24.64 63.92 -49.28
NA NA I . -60.35 83.43 -67.96
NA NA J . -44.62 86.14 -82.75
NA NA K . -46.68 99.81 -65.80
FE FE L . -45.35 -3.64 7.64
MG MG M . -81.80 13.00 3.92
NA NA N . -113.91 41.41 -7.81
NA NA O . -121.13 32.23 10.28
NA NA P . -123.72 21.79 -9.49
#